data_3E8K
#
_entry.id   3E8K
#
_cell.length_a   553.033
_cell.length_b   574.390
_cell.length_c   587.358
_cell.angle_alpha   90.00
_cell.angle_beta   90.00
_cell.angle_gamma   90.00
#
_symmetry.space_group_name_H-M   'I 2 2 2'
#
_entity_poly.entity_id   1
_entity_poly.type   'polypeptide(L)'
_entity_poly.pdbx_seq_one_letter_code
;SLGSDADSAGSLIQPMQIPGIIMPGLRRLTIRDLLAQGRTSSNALEYVREEVFTNAPGDSDITFSKQTANVKTIAHWVQA
SRQVMDDAPMLQSYINNRLMYGLALKEEGQLLNGDGTGDNLEGLNKVATAYDTSLNATGDTRADIIAHAIYQVTESEFSA
SGIVLNPRDWHNIALLKDNEGRYIFGGPQAFTSNIMWGLPVVPTKAQAAGTFTVGGFDMASQVFDRMDATVEVSREDRDN
FVKNMLTILCEERLALAHYRPTAIIKGTFSSGS
;
_entity_poly.pdbx_strand_id   A,B,C,D,E,F,G
#
# COMPACT_ATOMS: atom_id res chain seq x y z
N MET A 16 -26.18 -12.64 40.04
CA MET A 16 -25.47 -12.81 38.74
C MET A 16 -24.04 -13.28 38.91
N GLN A 17 -23.56 -14.03 37.92
CA GLN A 17 -22.21 -14.58 37.94
C GLN A 17 -21.53 -14.22 36.62
N ILE A 18 -20.32 -14.72 36.42
CA ILE A 18 -19.60 -14.40 35.20
C ILE A 18 -19.03 -15.56 34.39
N PRO A 19 -19.73 -15.94 33.31
CA PRO A 19 -19.25 -17.03 32.46
C PRO A 19 -18.33 -16.28 31.49
N GLY A 20 -17.48 -15.43 32.07
CA GLY A 20 -16.58 -14.61 31.28
C GLY A 20 -15.33 -15.28 30.79
N ILE A 21 -14.93 -14.97 29.56
CA ILE A 21 -13.73 -15.52 28.91
C ILE A 21 -13.67 -15.36 27.39
N ILE A 22 -14.76 -15.72 26.73
CA ILE A 22 -14.86 -15.65 25.27
C ILE A 22 -14.57 -14.27 24.66
N MET A 23 -13.74 -14.24 23.62
CA MET A 23 -13.39 -13.00 22.93
C MET A 23 -13.89 -12.99 21.48
N PRO A 24 -14.09 -11.80 20.91
CA PRO A 24 -14.57 -11.60 19.53
C PRO A 24 -13.48 -11.62 18.45
N GLY A 25 -13.90 -11.89 17.22
CA GLY A 25 -12.96 -11.94 16.11
C GLY A 25 -13.66 -11.72 14.78
N LEU A 26 -13.26 -10.67 14.08
CA LEU A 26 -13.85 -10.34 12.78
C LEU A 26 -12.77 -10.21 11.72
N ARG A 27 -13.16 -10.40 10.47
CA ARG A 27 -12.21 -10.32 9.36
C ARG A 27 -12.05 -8.89 8.84
N ARG A 28 -12.47 -7.93 9.64
CA ARG A 28 -12.38 -6.51 9.27
C ARG A 28 -11.61 -5.75 10.35
N LEU A 29 -10.75 -4.82 9.92
CA LEU A 29 -9.95 -4.02 10.84
C LEU A 29 -10.77 -2.91 11.49
N THR A 30 -10.98 -3.04 12.80
CA THR A 30 -11.75 -2.05 13.54
C THR A 30 -10.94 -0.80 13.81
N ILE A 31 -11.64 0.34 13.93
CA ILE A 31 -10.99 1.61 14.21
C ILE A 31 -10.12 1.42 15.44
N ARG A 32 -10.56 0.52 16.31
CA ARG A 32 -9.86 0.19 17.54
C ARG A 32 -8.39 -0.07 17.24
N ASP A 33 -8.15 -0.80 16.16
CA ASP A 33 -6.79 -1.15 15.75
C ASP A 33 -6.07 0.07 15.17
N LEU A 34 -6.84 0.96 14.55
CA LEU A 34 -6.28 2.17 13.94
C LEU A 34 -5.64 3.11 14.96
N LEU A 35 -6.04 3.01 16.22
CA LEU A 35 -5.51 3.88 17.25
C LEU A 35 -4.52 3.18 18.18
N ALA A 36 -3.59 3.96 18.72
CA ALA A 36 -2.56 3.45 19.62
C ALA A 36 -3.21 2.79 20.82
N GLN A 37 -2.64 1.67 21.27
CA GLN A 37 -3.17 0.93 22.39
C GLN A 37 -2.43 1.19 23.70
N GLY A 38 -3.18 1.59 24.73
CA GLY A 38 -2.59 1.86 26.03
C GLY A 38 -3.56 1.68 27.18
N ARG A 39 -3.31 0.68 28.01
CA ARG A 39 -4.16 0.39 29.17
C ARG A 39 -3.96 1.40 30.30
N THR A 40 -4.93 1.47 31.20
CA THR A 40 -4.87 2.39 32.31
C THR A 40 -5.54 1.83 33.56
N SER A 41 -5.34 2.52 34.69
CA SER A 41 -5.92 2.11 35.96
C SER A 41 -6.47 3.32 36.70
N SER A 42 -7.59 3.85 36.20
CA SER A 42 -8.23 5.01 36.81
C SER A 42 -9.64 5.17 36.26
N ASN A 43 -10.27 6.29 36.60
CA ASN A 43 -11.63 6.57 36.15
C ASN A 43 -11.61 7.69 35.13
N ALA A 44 -10.50 8.40 35.07
CA ALA A 44 -10.33 9.52 34.13
C ALA A 44 -8.92 10.06 34.28
N LEU A 45 -8.35 10.53 33.18
CA LEU A 45 -6.99 11.06 33.21
C LEU A 45 -6.85 12.39 32.47
N GLU A 46 -5.75 13.08 32.74
CA GLU A 46 -5.48 14.37 32.13
C GLU A 46 -4.31 14.33 31.17
N TYR A 47 -4.47 14.95 30.01
CA TYR A 47 -3.40 15.01 29.03
C TYR A 47 -3.37 16.40 28.39
N VAL A 48 -2.51 16.58 27.39
CA VAL A 48 -2.38 17.86 26.71
C VAL A 48 -2.90 17.79 25.28
N ARG A 49 -3.26 18.95 24.75
CA ARG A 49 -3.76 19.05 23.39
C ARG A 49 -2.90 20.03 22.60
N GLU A 50 -2.09 19.49 21.70
CA GLU A 50 -1.21 20.29 20.87
C GLU A 50 -2.05 21.15 19.96
N GLU A 51 -2.56 22.26 20.51
CA GLU A 51 -3.38 23.17 19.74
C GLU A 51 -2.52 23.69 18.61
N VAL A 52 -2.49 22.97 17.50
CA VAL A 52 -1.70 23.40 16.36
C VAL A 52 -2.46 24.44 15.57
N PHE A 53 -1.88 25.62 15.47
CA PHE A 53 -2.51 26.70 14.72
C PHE A 53 -2.12 26.55 13.26
N THR A 54 -3.09 26.64 12.36
CA THR A 54 -2.80 26.57 10.94
C THR A 54 -2.24 27.96 10.65
N ASN A 55 -1.32 28.35 11.51
CA ASN A 55 -0.67 29.65 11.44
C ASN A 55 0.24 29.85 10.24
N ALA A 56 0.21 31.08 9.74
CA ALA A 56 1.01 31.47 8.58
C ALA A 56 2.48 31.08 8.80
N PRO A 57 3.27 31.09 7.71
CA PRO A 57 4.70 30.75 7.70
C PRO A 57 5.58 31.01 8.92
N GLY A 58 5.34 32.11 9.63
CA GLY A 58 6.17 32.44 10.79
C GLY A 58 6.02 31.62 12.05
N ASP A 59 5.40 32.23 13.08
CA ASP A 59 5.18 31.55 14.34
C ASP A 59 4.09 30.54 14.10
N SER A 60 4.46 29.47 13.39
CA SER A 60 3.52 28.41 13.09
C SER A 60 3.55 27.40 14.22
N ASP A 61 4.03 27.85 15.38
CA ASP A 61 4.13 27.01 16.56
C ASP A 61 2.78 26.53 17.04
N ILE A 62 2.80 25.42 17.77
CA ILE A 62 1.58 24.82 18.30
C ILE A 62 1.36 25.12 19.78
N THR A 63 0.23 25.75 20.08
CA THR A 63 -0.11 26.10 21.44
C THR A 63 -0.45 24.82 22.19
N PHE A 64 -0.51 24.91 23.51
CA PHE A 64 -0.84 23.75 24.31
C PHE A 64 -2.11 24.02 25.08
N SER A 65 -2.84 22.96 25.39
CA SER A 65 -4.08 23.09 26.11
C SER A 65 -4.19 22.03 27.17
N LYS A 66 -4.57 22.43 28.38
CA LYS A 66 -4.71 21.49 29.48
C LYS A 66 -6.06 20.81 29.39
N GLN A 67 -6.08 19.64 28.76
CA GLN A 67 -7.31 18.87 28.59
C GLN A 67 -7.33 17.64 29.47
N THR A 68 -8.52 17.04 29.63
CA THR A 68 -8.68 15.86 30.46
C THR A 68 -9.77 14.95 29.88
N ALA A 69 -9.54 13.64 29.94
CA ALA A 69 -10.50 12.69 29.41
C ALA A 69 -11.07 11.77 30.49
N ASN A 70 -12.33 11.41 30.34
CA ASN A 70 -13.02 10.55 31.28
C ASN A 70 -13.22 9.15 30.70
N VAL A 71 -13.14 8.15 31.57
CA VAL A 71 -13.29 6.77 31.15
C VAL A 71 -14.76 6.38 31.12
N LYS A 72 -15.31 6.27 29.93
CA LYS A 72 -16.70 5.88 29.76
C LYS A 72 -16.79 4.37 29.73
N THR A 73 -18.01 3.86 29.59
CA THR A 73 -18.24 2.43 29.56
C THR A 73 -19.24 2.07 28.46
N ILE A 74 -18.88 1.10 27.63
CA ILE A 74 -19.76 0.65 26.57
C ILE A 74 -20.38 -0.67 26.98
N ALA A 75 -21.63 -0.89 26.59
CA ALA A 75 -22.33 -2.12 26.95
C ALA A 75 -23.28 -2.60 25.85
N HIS A 76 -23.44 -3.92 25.76
CA HIS A 76 -24.32 -4.52 24.77
C HIS A 76 -25.05 -5.70 25.43
N TRP A 77 -26.37 -5.63 25.48
CA TRP A 77 -27.17 -6.68 26.09
C TRP A 77 -28.20 -7.30 25.17
N VAL A 78 -28.77 -8.41 25.64
CA VAL A 78 -29.78 -9.14 24.88
C VAL A 78 -30.38 -10.21 25.79
N GLN A 79 -31.69 -10.41 25.68
CA GLN A 79 -32.37 -11.40 26.50
C GLN A 79 -32.40 -12.78 25.85
N ALA A 80 -32.74 -13.80 26.63
CA ALA A 80 -32.75 -15.17 26.14
C ALA A 80 -33.26 -16.10 27.20
N SER A 81 -33.37 -17.39 26.87
CA SER A 81 -33.86 -18.39 27.81
C SER A 81 -32.72 -19.03 28.59
N ARG A 82 -32.69 -18.79 29.90
CA ARG A 82 -31.65 -19.35 30.76
C ARG A 82 -31.40 -20.85 30.57
N GLN A 83 -32.48 -21.62 30.53
CA GLN A 83 -32.38 -23.06 30.36
C GLN A 83 -31.58 -23.61 29.20
N VAL A 84 -32.13 -23.44 28.01
CA VAL A 84 -31.50 -23.92 26.82
C VAL A 84 -30.18 -23.19 26.75
N MET A 85 -30.22 -21.87 26.82
CA MET A 85 -29.00 -21.09 26.74
C MET A 85 -27.98 -21.64 27.70
N ASP A 86 -28.36 -21.69 28.95
CA ASP A 86 -27.50 -22.20 30.00
C ASP A 86 -27.30 -23.68 29.79
N ASP A 87 -27.64 -24.16 28.61
CA ASP A 87 -27.52 -25.58 28.31
C ASP A 87 -26.73 -25.96 27.06
N ALA A 88 -26.51 -25.02 26.14
CA ALA A 88 -25.78 -25.35 24.93
C ALA A 88 -24.68 -24.36 24.56
N PRO A 89 -23.74 -24.78 23.70
CA PRO A 89 -22.62 -23.95 23.24
C PRO A 89 -23.18 -22.76 22.47
N MET A 90 -24.49 -22.82 22.26
CA MET A 90 -25.10 -21.76 21.52
C MET A 90 -24.58 -20.59 22.27
N LEU A 91 -24.80 -20.67 23.58
CA LEU A 91 -24.32 -19.62 24.44
C LEU A 91 -22.90 -19.34 24.09
N GLN A 92 -22.06 -20.32 24.31
CA GLN A 92 -20.66 -20.06 24.00
C GLN A 92 -20.65 -19.24 22.71
N SER A 93 -21.34 -19.75 21.70
CA SER A 93 -21.40 -19.08 20.41
C SER A 93 -22.36 -17.91 20.39
N TYR A 94 -23.36 -17.95 21.26
CA TYR A 94 -24.34 -16.88 21.30
C TYR A 94 -23.67 -15.53 21.49
N ILE A 95 -22.88 -15.43 22.55
CA ILE A 95 -22.17 -14.19 22.87
C ILE A 95 -21.22 -13.74 21.75
N ASN A 96 -20.55 -14.70 21.15
CA ASN A 96 -19.59 -14.44 20.07
C ASN A 96 -20.17 -13.59 18.94
N ASN A 97 -20.74 -14.29 17.95
CA ASN A 97 -21.32 -13.66 16.78
C ASN A 97 -22.46 -12.68 17.06
N ARG A 98 -23.02 -12.73 18.26
CA ARG A 98 -24.10 -11.82 18.60
C ARG A 98 -23.63 -10.66 19.45
N LEU A 99 -23.24 -10.96 20.68
CA LEU A 99 -22.79 -9.93 21.60
C LEU A 99 -21.50 -9.25 21.22
N MET A 100 -20.41 -10.00 21.26
CA MET A 100 -19.10 -9.47 20.92
C MET A 100 -19.09 -8.83 19.54
N TYR A 101 -19.71 -9.43 18.68
CA TYR A 101 -19.81 -8.91 17.32
C TYR A 101 -20.50 -7.55 17.36
N GLY A 102 -21.62 -7.49 18.07
CA GLY A 102 -22.37 -6.25 18.18
C GLY A 102 -21.60 -5.20 18.96
N LEU A 103 -21.14 -5.57 20.15
CA LEU A 103 -20.39 -4.66 21.00
C LEU A 103 -19.22 -4.03 20.23
N ALA A 104 -18.37 -4.89 19.68
CA ALA A 104 -17.22 -4.42 18.92
C ALA A 104 -17.68 -3.46 17.83
N LEU A 105 -18.76 -3.83 17.16
CA LEU A 105 -19.32 -3.01 16.09
C LEU A 105 -19.78 -1.67 16.67
N LYS A 106 -20.53 -1.73 17.77
CA LYS A 106 -21.03 -0.53 18.42
C LYS A 106 -19.89 0.33 18.95
N GLU A 107 -18.78 -0.32 19.29
CA GLU A 107 -17.62 0.40 19.81
C GLU A 107 -17.24 1.54 18.88
N GLU A 108 -17.09 1.23 17.59
CA GLU A 108 -16.73 2.23 16.60
C GLU A 108 -17.69 3.41 16.67
N GLY A 109 -18.96 3.12 16.92
CA GLY A 109 -19.97 4.16 17.01
C GLY A 109 -19.55 5.31 17.89
N GLN A 110 -18.70 5.02 18.88
CA GLN A 110 -18.22 6.05 19.80
C GLN A 110 -16.87 6.58 19.35
N LEU A 111 -15.96 5.68 18.99
CA LEU A 111 -14.64 6.07 18.54
C LEU A 111 -14.68 6.85 17.23
N LEU A 112 -15.84 6.82 16.58
CA LEU A 112 -16.01 7.51 15.30
C LEU A 112 -16.91 8.73 15.47
N ASN A 113 -18.22 8.48 15.55
CA ASN A 113 -19.19 9.55 15.71
C ASN A 113 -19.63 9.73 17.16
N GLY A 114 -18.69 9.56 18.08
CA GLY A 114 -19.01 9.71 19.49
C GLY A 114 -19.56 11.09 19.76
N ASP A 115 -20.38 11.22 20.81
CA ASP A 115 -20.98 12.50 21.15
C ASP A 115 -20.32 13.13 22.37
N GLY A 116 -19.55 12.33 23.09
CA GLY A 116 -18.87 12.83 24.27
C GLY A 116 -19.80 13.49 25.28
N THR A 117 -20.86 12.78 25.65
CA THR A 117 -21.84 13.30 26.61
C THR A 117 -22.42 12.17 27.45
N GLY A 118 -22.60 12.43 28.74
CA GLY A 118 -23.14 11.42 29.63
C GLY A 118 -22.17 10.28 29.45
N ASP A 119 -22.67 9.14 28.97
CA ASP A 119 -21.84 7.96 28.76
C ASP A 119 -21.17 7.77 27.40
N ASN A 120 -21.35 8.75 26.51
CA ASN A 120 -20.78 8.70 25.17
C ASN A 120 -19.36 9.27 25.16
N LEU A 121 -18.50 8.68 24.32
CA LEU A 121 -17.13 9.15 24.21
C LEU A 121 -17.03 10.28 23.21
N GLU A 122 -15.97 11.08 23.33
CA GLU A 122 -15.75 12.21 22.42
C GLU A 122 -15.31 11.64 21.07
N GLY A 123 -16.27 11.51 20.15
CA GLY A 123 -15.96 10.98 18.83
C GLY A 123 -14.90 11.75 18.07
N LEU A 124 -14.14 11.04 17.25
CA LEU A 124 -13.09 11.67 16.46
C LEU A 124 -13.65 12.74 15.54
N ASN A 125 -14.62 12.34 14.71
CA ASN A 125 -15.26 13.26 13.77
C ASN A 125 -15.71 14.54 14.46
N LYS A 126 -16.38 14.40 15.59
CA LYS A 126 -16.88 15.53 16.36
C LYS A 126 -15.73 16.47 16.74
N VAL A 127 -14.51 15.95 16.72
CA VAL A 127 -13.34 16.75 17.08
C VAL A 127 -12.51 17.10 15.84
N ALA A 128 -12.42 16.18 14.90
CA ALA A 128 -11.65 16.38 13.67
C ALA A 128 -11.91 17.74 13.04
N THR A 129 -10.96 18.20 12.23
CA THR A 129 -11.07 19.48 11.56
C THR A 129 -11.74 19.31 10.20
N ALA A 130 -12.61 20.26 9.85
CA ALA A 130 -13.31 20.21 8.57
C ALA A 130 -12.35 20.12 7.40
N TYR A 131 -12.89 19.83 6.23
CA TYR A 131 -12.08 19.71 5.02
C TYR A 131 -12.02 21.05 4.29
N ASP A 132 -10.82 21.46 3.93
CA ASP A 132 -10.63 22.72 3.23
C ASP A 132 -10.92 22.54 1.74
N THR A 133 -12.18 22.76 1.37
CA THR A 133 -12.60 22.63 -0.02
C THR A 133 -11.85 23.62 -0.89
N SER A 134 -11.06 24.48 -0.26
CA SER A 134 -10.28 25.49 -0.95
C SER A 134 -9.24 24.85 -1.88
N LEU A 135 -8.80 23.64 -1.54
CA LEU A 135 -7.81 22.95 -2.34
C LEU A 135 -8.26 22.31 -3.65
N ASN A 136 -9.31 21.48 -3.57
CA ASN A 136 -9.85 20.81 -4.74
C ASN A 136 -10.19 21.97 -5.66
N ALA A 137 -10.03 21.75 -6.97
CA ALA A 137 -10.31 22.78 -7.97
C ALA A 137 -11.04 22.02 -9.07
N THR A 138 -11.46 22.76 -10.10
CA THR A 138 -12.17 22.18 -11.22
C THR A 138 -11.66 20.84 -11.74
N GLY A 139 -12.57 20.03 -12.27
CA GLY A 139 -12.19 18.73 -12.80
C GLY A 139 -11.39 17.84 -11.87
N ASP A 140 -11.91 17.60 -10.68
CA ASP A 140 -11.23 16.76 -9.70
C ASP A 140 -12.11 15.60 -9.26
N THR A 141 -11.82 14.41 -9.76
CA THR A 141 -12.60 13.23 -9.40
C THR A 141 -12.46 13.03 -7.90
N ARG A 142 -13.34 12.22 -7.32
CA ARG A 142 -13.29 11.95 -5.88
C ARG A 142 -11.87 11.53 -5.48
N ALA A 143 -11.20 10.82 -6.38
CA ALA A 143 -9.85 10.37 -6.13
C ALA A 143 -8.99 11.59 -5.81
N ASP A 144 -9.14 12.63 -6.61
CA ASP A 144 -8.39 13.86 -6.41
C ASP A 144 -8.67 14.42 -5.03
N ILE A 145 -9.94 14.43 -4.65
CA ILE A 145 -10.36 14.93 -3.35
C ILE A 145 -9.52 14.30 -2.25
N ILE A 146 -9.48 12.98 -2.23
CA ILE A 146 -8.70 12.26 -1.23
C ILE A 146 -7.25 12.69 -1.31
N ALA A 147 -6.76 12.88 -2.53
CA ALA A 147 -5.38 13.30 -2.76
C ALA A 147 -5.12 14.59 -2.00
N HIS A 148 -6.10 15.49 -2.01
CA HIS A 148 -5.97 16.76 -1.32
C HIS A 148 -6.00 16.52 0.17
N ALA A 149 -6.95 15.68 0.60
CA ALA A 149 -7.10 15.34 2.02
C ALA A 149 -5.77 14.91 2.63
N ILE A 150 -5.17 13.88 2.04
CA ILE A 150 -3.89 13.36 2.52
C ILE A 150 -2.93 14.49 2.86
N TYR A 151 -3.01 15.58 2.10
CA TYR A 151 -2.14 16.73 2.32
C TYR A 151 -2.51 17.50 3.59
N GLN A 152 -3.73 18.05 3.60
CA GLN A 152 -4.20 18.82 4.74
C GLN A 152 -3.82 18.20 6.08
N VAL A 153 -3.76 16.87 6.11
CA VAL A 153 -3.41 16.15 7.33
C VAL A 153 -1.92 16.30 7.65
N THR A 154 -1.17 16.85 6.71
CA THR A 154 0.26 17.05 6.89
C THR A 154 0.61 18.37 7.58
N GLU A 155 -0.17 19.40 7.28
CA GLU A 155 0.04 20.73 7.86
C GLU A 155 0.15 20.60 9.38
N SER A 156 -0.20 19.42 9.90
CA SER A 156 -0.14 19.17 11.33
C SER A 156 1.16 18.48 11.72
N GLU A 157 2.12 18.46 10.80
CA GLU A 157 3.40 17.83 11.05
C GLU A 157 3.27 16.32 11.20
N PHE A 158 2.08 15.81 10.88
CA PHE A 158 1.81 14.37 10.96
C PHE A 158 1.36 13.84 9.61
N SER A 159 1.83 12.65 9.25
CA SER A 159 1.46 12.04 7.98
C SER A 159 0.22 11.18 8.15
N ALA A 160 -0.59 11.12 7.12
CA ALA A 160 -1.81 10.34 7.15
C ALA A 160 -1.48 8.94 7.57
N SER A 161 -2.44 8.24 8.19
CA SER A 161 -2.25 6.82 8.48
C SER A 161 -3.17 5.87 7.71
N GLY A 162 -4.47 6.20 7.64
CA GLY A 162 -5.45 5.28 7.11
C GLY A 162 -6.67 6.13 6.84
N ILE A 163 -7.66 5.54 6.17
CA ILE A 163 -8.89 6.24 5.84
C ILE A 163 -10.16 5.56 6.34
N VAL A 164 -11.06 6.34 6.93
CA VAL A 164 -12.31 5.82 7.44
C VAL A 164 -13.40 6.14 6.42
N LEU A 165 -13.88 5.12 5.73
CA LEU A 165 -14.87 5.27 4.69
C LEU A 165 -16.04 4.34 4.86
N ASN A 166 -17.17 4.72 4.30
CA ASN A 166 -18.36 3.87 4.34
C ASN A 166 -18.27 2.83 3.23
N PRO A 167 -18.69 1.58 3.52
CA PRO A 167 -18.66 0.49 2.54
C PRO A 167 -19.14 0.91 1.16
N ARG A 168 -20.36 1.38 1.08
CA ARG A 168 -20.79 1.90 -0.17
C ARG A 168 -19.91 2.75 -1.01
N ASP A 169 -19.59 3.91 -0.45
CA ASP A 169 -18.71 4.87 -1.09
C ASP A 169 -17.34 4.25 -1.23
N TRP A 170 -17.07 3.16 -0.50
CA TRP A 170 -15.75 2.58 -0.72
C TRP A 170 -15.84 1.88 -2.06
N HIS A 171 -16.86 1.06 -2.23
CA HIS A 171 -17.07 0.31 -3.46
C HIS A 171 -16.94 1.22 -4.68
N ASN A 172 -17.51 2.42 -4.60
CA ASN A 172 -17.44 3.37 -5.69
C ASN A 172 -15.99 3.73 -6.01
N ILE A 173 -15.34 4.37 -5.06
CA ILE A 173 -13.95 4.79 -5.22
C ILE A 173 -13.06 3.63 -5.68
N ALA A 174 -13.21 2.49 -5.00
CA ALA A 174 -12.44 1.30 -5.33
C ALA A 174 -12.33 1.08 -6.83
N LEU A 175 -13.43 0.79 -7.49
CA LEU A 175 -13.30 0.51 -8.89
C LEU A 175 -13.62 1.71 -9.77
N LEU A 176 -12.60 2.36 -10.30
CA LEU A 176 -12.86 3.48 -11.19
C LEU A 176 -11.75 3.63 -12.20
N LYS A 177 -12.22 3.91 -13.47
CA LYS A 177 -11.29 4.05 -14.59
C LYS A 177 -10.78 5.48 -14.60
N ASP A 178 -9.97 5.81 -15.60
CA ASP A 178 -9.42 7.15 -15.71
C ASP A 178 -9.36 7.66 -17.13
N ASN A 179 -10.52 7.77 -17.77
CA ASN A 179 -10.58 8.22 -19.15
C ASN A 179 -9.65 7.35 -19.98
N GLU A 180 -9.31 6.20 -19.39
CA GLU A 180 -8.47 5.18 -20.01
C GLU A 180 -8.86 3.88 -19.31
N GLY A 181 -8.75 2.76 -20.03
CA GLY A 181 -9.11 1.47 -19.46
C GLY A 181 -8.35 1.10 -18.21
N ARG A 182 -7.49 2.00 -17.75
CA ARG A 182 -6.69 1.78 -16.55
C ARG A 182 -7.52 1.87 -15.27
N TYR A 183 -7.51 0.80 -14.50
CA TYR A 183 -8.25 0.79 -13.24
C TYR A 183 -7.34 1.40 -12.20
N ILE A 184 -7.91 2.27 -11.38
CA ILE A 184 -7.15 2.95 -10.35
C ILE A 184 -7.36 2.25 -9.00
N PHE A 185 -6.25 1.94 -8.33
CA PHE A 185 -6.26 1.28 -7.02
C PHE A 185 -6.28 -0.25 -7.10
N GLY A 186 -6.80 -0.78 -8.20
CA GLY A 186 -6.85 -2.23 -8.36
C GLY A 186 -8.12 -2.97 -7.98
N GLY A 187 -9.07 -2.29 -7.36
CA GLY A 187 -10.31 -2.97 -6.97
C GLY A 187 -10.96 -3.66 -8.17
N PRO A 188 -11.70 -4.77 -7.97
CA PRO A 188 -12.00 -5.49 -6.73
C PRO A 188 -10.84 -6.24 -6.10
N GLN A 189 -9.78 -6.48 -6.87
CA GLN A 189 -8.61 -7.20 -6.39
C GLN A 189 -8.22 -6.69 -5.00
N ALA A 190 -7.73 -5.46 -4.95
CA ALA A 190 -7.31 -4.86 -3.69
C ALA A 190 -8.48 -4.16 -3.00
N PHE A 191 -9.60 -4.06 -3.71
CA PHE A 191 -10.80 -3.42 -3.20
C PHE A 191 -11.18 -3.80 -1.78
N THR A 192 -11.13 -5.09 -1.50
CA THR A 192 -11.50 -5.63 -0.19
C THR A 192 -10.71 -5.02 0.95
N SER A 193 -11.16 -3.87 1.45
CA SER A 193 -10.44 -3.20 2.52
C SER A 193 -8.99 -3.15 2.08
N ASN A 194 -8.21 -4.10 2.57
CA ASN A 194 -6.80 -4.16 2.22
C ASN A 194 -6.19 -2.78 2.37
N ILE A 195 -5.70 -2.21 1.27
CA ILE A 195 -5.09 -0.89 1.31
C ILE A 195 -5.55 0.04 0.22
N MET A 196 -5.06 1.26 0.30
CA MET A 196 -5.35 2.32 -0.67
C MET A 196 -4.13 3.21 -0.72
N TRP A 197 -3.55 3.38 -1.90
CA TRP A 197 -2.38 4.23 -2.03
C TRP A 197 -1.30 3.85 -1.02
N GLY A 198 -1.53 2.77 -0.30
CA GLY A 198 -0.58 2.32 0.70
C GLY A 198 -1.05 2.54 2.12
N LEU A 199 -2.22 3.16 2.26
CA LEU A 199 -2.76 3.41 3.59
C LEU A 199 -3.99 2.52 3.78
N PRO A 200 -4.12 1.87 4.95
CA PRO A 200 -5.25 1.00 5.24
C PRO A 200 -6.59 1.73 5.29
N VAL A 201 -7.65 1.05 4.87
CA VAL A 201 -8.98 1.65 4.86
C VAL A 201 -9.91 0.90 5.77
N VAL A 202 -10.64 1.64 6.62
CA VAL A 202 -11.55 0.99 7.55
C VAL A 202 -13.01 1.24 7.17
N PRO A 203 -13.59 0.35 6.34
CA PRO A 203 -14.99 0.46 5.92
C PRO A 203 -15.91 -0.01 7.03
N THR A 204 -16.76 0.89 7.52
CA THR A 204 -17.68 0.54 8.60
C THR A 204 -19.06 1.15 8.42
N LYS A 205 -20.06 0.50 9.00
CA LYS A 205 -21.43 0.97 8.92
C LYS A 205 -21.54 2.32 9.64
N ALA A 206 -20.87 2.42 10.78
CA ALA A 206 -20.88 3.64 11.59
C ALA A 206 -20.63 4.90 10.77
N GLN A 207 -19.59 4.89 9.96
CA GLN A 207 -19.24 6.05 9.15
C GLN A 207 -20.41 6.42 8.24
N ALA A 208 -20.85 7.68 8.36
CA ALA A 208 -21.96 8.17 7.56
C ALA A 208 -21.67 8.10 6.07
N ALA A 209 -22.72 8.28 5.27
CA ALA A 209 -22.59 8.25 3.81
C ALA A 209 -22.16 9.60 3.27
N GLY A 210 -21.32 9.59 2.23
CA GLY A 210 -20.85 10.82 1.64
C GLY A 210 -19.84 11.49 2.55
N THR A 211 -19.84 11.10 3.83
CA THR A 211 -18.92 11.65 4.81
C THR A 211 -17.68 10.79 4.97
N PHE A 212 -16.52 11.40 4.81
CA PHE A 212 -15.26 10.69 4.93
C PHE A 212 -14.31 11.36 5.93
N THR A 213 -13.44 10.57 6.55
CA THR A 213 -12.49 11.09 7.52
C THR A 213 -11.12 10.46 7.32
N VAL A 214 -10.08 11.29 7.28
CA VAL A 214 -8.71 10.80 7.09
C VAL A 214 -7.74 11.57 8.00
N GLY A 215 -6.69 10.90 8.43
CA GLY A 215 -5.70 11.53 9.30
C GLY A 215 -4.59 10.59 9.72
N GLY A 216 -3.70 11.09 10.57
CA GLY A 216 -2.59 10.26 11.04
C GLY A 216 -2.89 9.66 12.41
N PHE A 217 -3.93 8.83 12.47
CA PHE A 217 -4.33 8.18 13.72
C PHE A 217 -3.14 7.43 14.33
N ASP A 218 -2.22 7.09 13.53
CA ASP A 218 -1.06 6.35 13.95
C ASP A 218 -0.47 7.07 15.15
N MET A 219 -0.16 8.35 14.97
CA MET A 219 0.42 9.15 16.05
C MET A 219 -0.51 10.23 16.59
N ALA A 220 -1.72 10.30 16.05
CA ALA A 220 -2.67 11.34 16.44
C ALA A 220 -3.30 11.23 17.83
N SER A 221 -4.17 10.23 18.01
CA SER A 221 -4.99 10.11 19.20
C SER A 221 -4.59 8.74 19.72
N GLN A 222 -5.04 8.43 20.94
CA GLN A 222 -4.74 7.15 21.58
C GLN A 222 -5.90 6.71 22.44
N VAL A 223 -6.02 5.40 22.64
CA VAL A 223 -7.10 4.85 23.45
C VAL A 223 -6.55 4.15 24.69
N PHE A 224 -7.27 4.29 25.81
CA PHE A 224 -6.86 3.67 27.06
C PHE A 224 -7.93 2.71 27.56
N ASP A 225 -7.51 1.54 28.03
CA ASP A 225 -8.44 0.54 28.52
C ASP A 225 -8.36 0.42 30.04
N ARG A 226 -9.50 0.45 30.71
CA ARG A 226 -9.57 0.36 32.17
C ARG A 226 -10.02 -1.04 32.59
N MET A 227 -10.70 -1.66 31.48
CA MET A 227 -11.22 -2.97 31.84
C MET A 227 -11.58 -3.75 30.58
N ASP A 228 -10.95 -4.91 30.40
CA ASP A 228 -11.24 -5.73 29.24
C ASP A 228 -12.70 -6.12 29.26
N ALA A 229 -13.28 -6.17 28.07
CA ALA A 229 -14.69 -6.53 27.91
C ALA A 229 -15.02 -7.77 28.72
N THR A 230 -16.19 -7.76 29.36
CA THR A 230 -16.62 -8.89 30.16
C THR A 230 -18.14 -9.02 30.13
N VAL A 231 -18.61 -10.26 30.10
CA VAL A 231 -20.03 -10.51 30.04
C VAL A 231 -20.60 -10.89 31.39
N GLU A 232 -21.88 -10.60 31.56
CA GLU A 232 -22.58 -10.92 32.78
C GLU A 232 -24.02 -11.17 32.43
N VAL A 233 -24.64 -12.08 33.16
CA VAL A 233 -26.03 -12.42 32.93
C VAL A 233 -26.78 -12.42 34.24
N SER A 234 -28.00 -11.91 34.23
CA SER A 234 -28.78 -11.87 35.45
C SER A 234 -30.13 -12.53 35.29
N ARG A 235 -30.39 -13.52 36.13
CA ARG A 235 -31.68 -14.19 36.15
C ARG A 235 -32.68 -13.35 36.94
N GLU A 236 -32.28 -12.12 37.26
CA GLU A 236 -33.14 -11.22 38.02
C GLU A 236 -32.94 -9.76 37.59
N ASP A 237 -33.63 -9.38 36.52
CA ASP A 237 -33.56 -8.00 36.00
C ASP A 237 -34.87 -7.21 36.05
N ARG A 238 -35.68 -7.36 35.02
CA ARG A 238 -36.95 -6.66 34.89
C ARG A 238 -38.03 -7.68 34.70
N ASP A 239 -38.41 -8.36 35.77
CA ASP A 239 -39.42 -9.41 35.69
C ASP A 239 -38.98 -10.47 34.69
N ASN A 240 -37.67 -10.51 34.46
CA ASN A 240 -37.08 -11.46 33.55
C ASN A 240 -36.98 -12.81 34.26
N PHE A 241 -37.47 -12.85 35.49
CA PHE A 241 -37.49 -14.06 36.33
C PHE A 241 -38.79 -14.82 36.10
N VAL A 242 -39.91 -14.12 36.28
CA VAL A 242 -41.22 -14.70 36.11
C VAL A 242 -41.39 -15.18 34.67
N LYS A 243 -40.87 -14.39 33.74
CA LYS A 243 -40.97 -14.71 32.33
C LYS A 243 -39.89 -15.69 31.90
N ASN A 244 -39.17 -16.24 32.88
CA ASN A 244 -38.10 -17.20 32.60
C ASN A 244 -37.29 -16.81 31.37
N MET A 245 -36.48 -15.76 31.49
CA MET A 245 -35.69 -15.30 30.36
C MET A 245 -34.59 -14.33 30.79
N LEU A 246 -33.54 -14.86 31.40
CA LEU A 246 -32.43 -14.04 31.85
C LEU A 246 -31.88 -13.08 30.81
N THR A 247 -30.96 -12.25 31.25
CA THR A 247 -30.35 -11.25 30.39
C THR A 247 -28.85 -11.35 30.33
N ILE A 248 -28.31 -11.31 29.11
CA ILE A 248 -26.89 -11.38 28.97
C ILE A 248 -26.34 -10.04 28.57
N LEU A 249 -25.24 -9.67 29.21
CA LEU A 249 -24.63 -8.39 28.93
C LEU A 249 -23.12 -8.52 28.81
N CYS A 250 -22.51 -7.51 28.20
CA CYS A 250 -21.07 -7.49 28.03
C CYS A 250 -20.62 -6.03 27.95
N GLU A 251 -19.84 -5.60 28.93
CA GLU A 251 -19.36 -4.23 28.93
C GLU A 251 -17.84 -4.10 28.95
N GLU A 252 -17.37 -2.89 28.68
CA GLU A 252 -15.95 -2.59 28.65
C GLU A 252 -15.70 -1.17 29.14
N ARG A 253 -14.65 -1.00 29.95
CA ARG A 253 -14.33 0.32 30.47
C ARG A 253 -13.11 0.87 29.73
N LEU A 254 -13.25 2.07 29.16
CA LEU A 254 -12.15 2.70 28.44
C LEU A 254 -12.28 4.21 28.33
N ALA A 255 -11.23 4.85 27.83
CA ALA A 255 -11.22 6.29 27.63
C ALA A 255 -10.42 6.64 26.38
N LEU A 256 -10.88 7.66 25.66
CA LEU A 256 -10.24 8.11 24.43
C LEU A 256 -9.68 9.51 24.60
N ALA A 257 -8.46 9.72 24.13
CA ALA A 257 -7.85 11.03 24.24
C ALA A 257 -7.41 11.50 22.86
N HIS A 258 -7.86 12.66 22.48
CA HIS A 258 -7.49 13.24 21.19
C HIS A 258 -6.35 14.24 21.37
N TYR A 259 -5.13 13.79 21.15
CA TYR A 259 -3.96 14.64 21.28
C TYR A 259 -4.01 15.83 20.33
N ARG A 260 -3.77 15.57 19.05
CA ARG A 260 -3.78 16.64 18.04
C ARG A 260 -4.95 16.48 17.07
N PRO A 261 -5.99 17.31 17.22
CA PRO A 261 -7.18 17.30 16.37
C PRO A 261 -6.87 17.46 14.89
N THR A 262 -6.16 18.54 14.56
CA THR A 262 -5.80 18.83 13.18
C THR A 262 -5.26 17.62 12.44
N ALA A 263 -4.74 16.65 13.21
CA ALA A 263 -4.19 15.44 12.63
C ALA A 263 -5.27 14.59 11.98
N ILE A 264 -6.47 15.11 11.99
CA ILE A 264 -7.62 14.44 11.47
C ILE A 264 -8.44 15.42 10.70
N ILE A 265 -9.04 15.00 9.61
CA ILE A 265 -9.98 15.85 8.89
C ILE A 265 -11.22 15.09 8.45
N LYS A 266 -12.37 15.76 8.52
CA LYS A 266 -13.65 15.17 8.13
C LYS A 266 -14.29 16.01 7.04
N GLY A 267 -14.69 15.36 5.95
CA GLY A 267 -15.31 16.08 4.86
C GLY A 267 -16.48 15.35 4.23
N THR A 268 -16.99 15.90 3.14
CA THR A 268 -18.11 15.30 2.43
C THR A 268 -17.90 15.43 0.92
N PHE A 269 -17.90 14.31 0.22
CA PHE A 269 -17.71 14.32 -1.22
C PHE A 269 -18.70 15.26 -1.88
N SER A 270 -18.41 15.63 -3.13
CA SER A 270 -19.29 16.52 -3.89
C SER A 270 -20.56 15.79 -4.30
N SER A 271 -21.51 15.74 -3.39
CA SER A 271 -22.79 15.08 -3.63
C SER A 271 -23.60 15.81 -4.69
N ILE B 22 -15.35 -31.81 0.12
CA ILE B 22 -15.39 -30.34 0.29
C ILE B 22 -16.31 -29.70 -0.75
N MET B 23 -16.91 -28.56 -0.39
CA MET B 23 -17.86 -27.87 -1.24
C MET B 23 -17.41 -26.45 -1.64
N PRO B 24 -16.34 -26.36 -2.45
CA PRO B 24 -15.79 -25.08 -2.91
C PRO B 24 -16.25 -24.62 -4.28
N GLY B 25 -17.43 -25.07 -4.72
CA GLY B 25 -17.95 -24.61 -5.99
C GLY B 25 -18.53 -23.28 -5.55
N LEU B 26 -18.05 -22.87 -4.39
CA LEU B 26 -18.43 -21.65 -3.70
C LEU B 26 -18.05 -20.39 -4.46
N ARG B 27 -18.11 -20.42 -5.78
CA ARG B 27 -17.76 -19.24 -6.55
C ARG B 27 -18.51 -18.07 -5.94
N ARG B 28 -19.51 -18.38 -5.11
CA ARG B 28 -20.31 -17.38 -4.42
C ARG B 28 -20.37 -17.74 -2.94
N LEU B 29 -20.97 -16.88 -2.14
CA LEU B 29 -21.12 -17.12 -0.71
C LEU B 29 -22.59 -17.33 -0.41
N THR B 30 -22.93 -18.49 0.14
CA THR B 30 -24.32 -18.81 0.46
C THR B 30 -24.82 -18.08 1.69
N ILE B 31 -26.14 -18.05 1.84
CA ILE B 31 -26.77 -17.38 2.97
C ILE B 31 -26.18 -17.89 4.28
N ARG B 32 -25.85 -19.18 4.31
CA ARG B 32 -25.28 -19.79 5.50
C ARG B 32 -24.03 -19.04 5.91
N ASP B 33 -23.31 -18.52 4.91
CA ASP B 33 -22.10 -17.76 5.16
C ASP B 33 -22.46 -16.31 5.45
N LEU B 34 -23.64 -15.90 4.99
CA LEU B 34 -24.11 -14.54 5.20
C LEU B 34 -24.60 -14.38 6.62
N LEU B 35 -25.39 -15.34 7.08
CA LEU B 35 -25.93 -15.32 8.42
C LEU B 35 -24.84 -15.61 9.43
N ALA B 36 -25.19 -15.58 10.71
CA ALA B 36 -24.21 -15.83 11.76
C ALA B 36 -24.24 -17.29 12.18
N GLN B 37 -23.07 -17.89 12.30
CA GLN B 37 -22.94 -19.29 12.68
C GLN B 37 -23.26 -19.52 14.14
N GLY B 38 -23.35 -20.79 14.52
CA GLY B 38 -23.65 -21.14 15.89
C GLY B 38 -23.55 -22.64 16.09
N ARG B 39 -24.10 -23.13 17.20
CA ARG B 39 -24.08 -24.55 17.52
C ARG B 39 -24.78 -24.82 18.85
N THR B 40 -25.55 -25.90 18.90
CA THR B 40 -26.27 -26.26 20.11
C THR B 40 -26.10 -27.74 20.40
N SER B 41 -26.78 -28.21 21.45
CA SER B 41 -26.70 -29.61 21.84
C SER B 41 -28.11 -30.15 22.04
N SER B 42 -29.09 -29.25 22.03
CA SER B 42 -30.48 -29.63 22.21
C SER B 42 -31.08 -30.07 20.88
N ASN B 43 -32.37 -30.34 20.90
CA ASN B 43 -33.09 -30.73 19.70
C ASN B 43 -34.06 -29.62 19.37
N ALA B 44 -34.02 -28.57 20.18
CA ALA B 44 -34.87 -27.41 20.01
C ALA B 44 -34.42 -26.37 21.01
N LEU B 45 -34.69 -25.10 20.70
CA LEU B 45 -34.27 -24.02 21.58
C LEU B 45 -35.19 -22.80 21.54
N GLU B 46 -35.43 -22.21 22.71
CA GLU B 46 -36.29 -21.04 22.83
C GLU B 46 -35.45 -19.78 22.73
N TYR B 47 -36.09 -18.68 22.34
CA TYR B 47 -35.37 -17.42 22.20
C TYR B 47 -36.35 -16.25 22.24
N VAL B 48 -35.84 -15.06 22.55
CA VAL B 48 -36.66 -13.87 22.62
C VAL B 48 -36.68 -13.12 21.29
N ARG B 49 -37.84 -13.09 20.66
CA ARG B 49 -38.00 -12.40 19.39
C ARG B 49 -38.16 -10.91 19.61
N GLU B 50 -37.10 -10.16 19.30
CA GLU B 50 -37.11 -8.72 19.47
C GLU B 50 -38.16 -8.12 18.55
N GLU B 51 -39.41 -8.15 19.00
CA GLU B 51 -40.49 -7.60 18.22
C GLU B 51 -40.23 -6.12 18.14
N VAL B 52 -39.44 -5.72 17.14
CA VAL B 52 -39.13 -4.32 16.98
C VAL B 52 -40.27 -3.67 16.22
N PHE B 53 -40.90 -2.67 16.83
CA PHE B 53 -41.98 -2.00 16.13
C PHE B 53 -41.39 -0.91 15.27
N THR B 54 -41.98 -0.72 14.09
CA THR B 54 -41.56 0.34 13.18
C THR B 54 -42.31 1.50 13.77
N ASN B 55 -41.96 1.78 15.01
CA ASN B 55 -42.60 2.81 15.78
C ASN B 55 -42.03 4.22 15.57
N ALA B 56 -42.89 5.21 15.75
CA ALA B 56 -42.54 6.62 15.57
C ALA B 56 -41.30 7.06 16.35
N PRO B 57 -40.87 8.32 16.16
CA PRO B 57 -39.69 8.82 16.87
C PRO B 57 -39.65 8.81 18.41
N GLY B 58 -40.79 8.55 19.02
CA GLY B 58 -40.87 8.46 20.47
C GLY B 58 -40.33 7.10 20.80
N ASP B 59 -40.57 6.65 22.02
CA ASP B 59 -39.98 5.39 22.44
C ASP B 59 -39.97 4.43 21.27
N SER B 60 -40.98 4.53 20.41
CA SER B 60 -41.10 3.56 19.33
C SER B 60 -40.57 2.32 19.98
N ASP B 61 -40.96 2.07 21.22
CA ASP B 61 -40.23 1.12 22.00
C ASP B 61 -40.35 -0.28 21.39
N ILE B 62 -39.32 -1.10 21.63
CA ILE B 62 -39.29 -2.46 21.11
C ILE B 62 -39.98 -3.39 22.10
N THR B 63 -40.41 -4.55 21.61
CA THR B 63 -41.09 -5.51 22.46
C THR B 63 -40.33 -6.83 22.38
N PHE B 64 -40.71 -7.77 23.24
CA PHE B 64 -40.08 -9.08 23.27
C PHE B 64 -41.13 -10.17 23.27
N SER B 65 -40.82 -11.27 22.60
CA SER B 65 -41.74 -12.40 22.52
C SER B 65 -41.05 -13.70 22.88
N LYS B 66 -41.66 -14.50 23.75
CA LYS B 66 -41.08 -15.77 24.16
C LYS B 66 -41.32 -16.82 23.08
N GLN B 67 -40.51 -16.77 22.02
CA GLN B 67 -40.62 -17.72 20.93
C GLN B 67 -39.65 -18.88 21.10
N THR B 68 -39.48 -19.68 20.03
CA THR B 68 -38.59 -20.82 20.06
C THR B 68 -38.31 -21.34 18.65
N ALA B 69 -37.30 -22.19 18.52
CA ALA B 69 -36.92 -22.75 17.23
C ALA B 69 -36.68 -24.26 17.32
N ASN B 70 -37.35 -25.01 16.45
CA ASN B 70 -37.20 -26.46 16.43
C ASN B 70 -35.89 -26.82 15.73
N VAL B 71 -35.76 -28.08 15.35
CA VAL B 71 -34.56 -28.57 14.67
C VAL B 71 -34.93 -29.61 13.62
N LYS B 72 -34.96 -29.19 12.37
CA LYS B 72 -35.29 -30.08 11.27
C LYS B 72 -34.04 -30.79 10.76
N THR B 73 -34.23 -31.84 9.98
CA THR B 73 -33.11 -32.60 9.43
C THR B 73 -33.21 -32.62 7.91
N ILE B 74 -32.42 -31.77 7.26
CA ILE B 74 -32.42 -31.67 5.81
C ILE B 74 -31.34 -32.55 5.21
N ALA B 75 -31.54 -32.97 3.97
CA ALA B 75 -30.58 -33.82 3.29
C ALA B 75 -30.80 -33.85 1.78
N HIS B 76 -29.73 -34.12 1.04
CA HIS B 76 -29.80 -34.19 -0.42
C HIS B 76 -29.53 -35.61 -0.88
N TRP B 77 -30.23 -36.04 -1.93
CA TRP B 77 -30.07 -37.39 -2.45
C TRP B 77 -29.97 -37.42 -3.96
N VAL B 78 -29.15 -38.32 -4.47
CA VAL B 78 -28.95 -38.49 -5.90
C VAL B 78 -28.59 -39.95 -6.18
N GLN B 79 -29.59 -40.72 -6.61
CA GLN B 79 -29.41 -42.14 -6.90
C GLN B 79 -28.36 -42.38 -7.99
N ALA B 80 -27.51 -43.37 -7.79
CA ALA B 80 -26.40 -43.63 -8.70
C ALA B 80 -26.41 -45.08 -9.11
N SER B 81 -25.35 -45.56 -9.75
CA SER B 81 -25.33 -46.94 -10.17
C SER B 81 -24.43 -47.84 -9.39
N ARG B 82 -24.88 -49.08 -9.28
CA ARG B 82 -24.24 -50.12 -8.53
C ARG B 82 -22.75 -50.38 -8.61
N GLN B 83 -22.21 -50.88 -7.49
CA GLN B 83 -20.80 -51.24 -7.38
C GLN B 83 -19.82 -50.12 -7.53
N VAL B 84 -20.38 -48.93 -7.71
CA VAL B 84 -19.61 -47.78 -8.08
C VAL B 84 -18.58 -48.06 -7.03
N MET B 85 -19.02 -48.88 -6.09
CA MET B 85 -18.24 -49.26 -4.91
C MET B 85 -16.75 -49.59 -4.93
N ASP B 86 -16.40 -50.59 -5.72
CA ASP B 86 -15.03 -51.09 -5.84
C ASP B 86 -14.09 -50.24 -6.70
N ASP B 87 -14.64 -49.44 -7.61
CA ASP B 87 -13.82 -48.57 -8.47
C ASP B 87 -12.69 -47.91 -7.69
N ALA B 88 -13.04 -47.25 -6.59
CA ALA B 88 -12.07 -46.56 -5.75
C ALA B 88 -12.82 -45.46 -4.99
N PRO B 89 -12.09 -44.51 -4.38
CA PRO B 89 -12.71 -43.42 -3.62
C PRO B 89 -13.24 -42.28 -4.49
N MET B 90 -13.32 -42.54 -5.79
CA MET B 90 -13.87 -41.56 -6.69
C MET B 90 -15.26 -41.57 -6.21
N LEU B 91 -15.63 -42.75 -5.74
CA LEU B 91 -16.85 -42.84 -5.00
C LEU B 91 -16.56 -41.68 -4.08
N GLN B 92 -15.30 -41.54 -3.71
CA GLN B 92 -14.95 -40.47 -2.77
C GLN B 92 -15.29 -39.02 -3.07
N SER B 93 -14.73 -38.48 -4.15
CA SER B 93 -14.95 -37.09 -4.52
C SER B 93 -16.38 -36.85 -4.96
N TYR B 94 -16.89 -37.76 -5.79
CA TYR B 94 -18.25 -37.65 -6.28
C TYR B 94 -19.03 -37.15 -5.07
N ILE B 95 -18.83 -37.85 -3.98
CA ILE B 95 -19.47 -37.53 -2.71
C ILE B 95 -19.16 -36.11 -2.24
N ASN B 96 -17.94 -35.90 -1.79
CA ASN B 96 -17.54 -34.59 -1.30
C ASN B 96 -18.05 -33.51 -2.25
N ASN B 97 -17.46 -33.45 -3.43
CA ASN B 97 -17.81 -32.43 -4.40
C ASN B 97 -19.22 -32.40 -4.98
N ARG B 98 -19.58 -33.37 -5.80
CA ARG B 98 -20.91 -33.37 -6.41
C ARG B 98 -22.03 -33.38 -5.37
N LEU B 99 -21.73 -34.01 -4.25
CA LEU B 99 -22.74 -34.25 -3.25
C LEU B 99 -23.10 -33.18 -2.24
N MET B 100 -22.09 -32.55 -1.64
CA MET B 100 -22.38 -31.51 -0.69
C MET B 100 -23.19 -30.53 -1.45
N TYR B 101 -22.58 -29.98 -2.47
CA TYR B 101 -23.25 -28.86 -3.08
C TYR B 101 -24.72 -29.18 -3.12
N GLY B 102 -25.10 -30.41 -3.48
CA GLY B 102 -26.53 -30.62 -3.51
C GLY B 102 -26.97 -30.43 -2.06
N LEU B 103 -26.11 -30.78 -1.13
CA LEU B 103 -26.54 -30.53 0.21
C LEU B 103 -26.72 -29.08 0.43
N ALA B 104 -25.62 -28.37 0.41
CA ALA B 104 -25.69 -26.98 0.85
C ALA B 104 -26.63 -26.20 -0.07
N LEU B 105 -26.47 -26.39 -1.36
CA LEU B 105 -27.36 -25.69 -2.19
C LEU B 105 -28.69 -25.93 -1.55
N LYS B 106 -29.17 -27.16 -1.64
CA LYS B 106 -30.52 -27.45 -1.19
C LYS B 106 -30.76 -26.82 0.17
N GLU B 107 -29.75 -26.88 1.04
CA GLU B 107 -29.82 -26.31 2.36
C GLU B 107 -30.20 -24.84 2.26
N GLU B 108 -29.48 -24.13 1.40
CA GLU B 108 -29.70 -22.71 1.16
C GLU B 108 -31.17 -22.41 0.91
N GLY B 109 -31.92 -23.42 0.51
CA GLY B 109 -33.34 -23.25 0.25
C GLY B 109 -34.14 -23.05 1.52
N GLN B 110 -34.09 -24.03 2.41
CA GLN B 110 -34.81 -23.96 3.67
C GLN B 110 -34.49 -22.67 4.40
N LEU B 111 -33.21 -22.29 4.38
CA LEU B 111 -32.76 -21.07 5.05
C LEU B 111 -33.44 -19.84 4.46
N LEU B 112 -33.46 -19.75 3.13
CA LEU B 112 -34.08 -18.61 2.46
C LEU B 112 -35.56 -18.54 2.79
N ASN B 113 -36.34 -19.45 2.24
CA ASN B 113 -37.77 -19.49 2.48
C ASN B 113 -38.22 -20.90 2.86
N GLY B 114 -39.12 -20.99 3.84
CA GLY B 114 -39.62 -22.27 4.28
C GLY B 114 -41.01 -22.16 4.85
N ASP B 115 -41.83 -23.19 4.63
CA ASP B 115 -43.19 -23.20 5.12
C ASP B 115 -43.22 -23.19 6.65
N GLY B 116 -42.06 -23.39 7.27
CA GLY B 116 -41.99 -23.41 8.71
C GLY B 116 -42.89 -24.47 9.30
N THR B 117 -43.39 -25.35 8.43
CA THR B 117 -44.28 -26.43 8.84
C THR B 117 -43.64 -27.78 8.60
N GLY B 118 -44.11 -28.80 9.32
CA GLY B 118 -43.58 -30.13 9.17
C GLY B 118 -42.08 -30.19 9.35
N ASP B 119 -41.36 -30.36 8.24
CA ASP B 119 -39.91 -30.42 8.27
C ASP B 119 -39.29 -29.18 7.65
N ASN B 120 -40.15 -28.22 7.30
CA ASN B 120 -39.71 -26.97 6.69
C ASN B 120 -39.33 -25.97 7.77
N LEU B 121 -38.15 -25.36 7.61
CA LEU B 121 -37.68 -24.38 8.57
C LEU B 121 -38.40 -23.05 8.35
N GLU B 122 -38.41 -22.22 9.37
CA GLU B 122 -39.04 -20.93 9.28
C GLU B 122 -38.17 -20.04 8.46
N GLY B 123 -38.24 -20.22 7.16
CA GLY B 123 -37.43 -19.41 6.26
C GLY B 123 -37.54 -17.91 6.49
N LEU B 124 -36.53 -17.18 6.06
CA LEU B 124 -36.49 -15.74 6.22
C LEU B 124 -37.75 -15.09 5.64
N ASN B 125 -38.17 -15.58 4.48
CA ASN B 125 -39.37 -15.05 3.82
C ASN B 125 -40.62 -15.26 4.68
N LYS B 126 -40.67 -16.36 5.41
CA LYS B 126 -41.84 -16.58 6.18
C LYS B 126 -42.02 -15.39 7.09
N VAL B 127 -40.96 -14.99 7.75
CA VAL B 127 -41.06 -13.96 8.78
C VAL B 127 -40.73 -12.57 8.24
N ALA B 128 -40.02 -12.53 7.12
CA ALA B 128 -39.64 -11.26 6.50
C ALA B 128 -40.79 -10.27 6.50
N THR B 129 -40.46 -8.98 6.59
CA THR B 129 -41.48 -7.94 6.61
C THR B 129 -41.76 -7.46 5.19
N ALA B 130 -43.04 -7.27 4.89
CA ALA B 130 -43.45 -6.81 3.57
C ALA B 130 -42.78 -5.49 3.19
N TYR B 131 -42.44 -5.35 1.92
CA TYR B 131 -41.79 -4.15 1.43
C TYR B 131 -42.80 -3.01 1.24
N ASP B 132 -42.53 -1.87 1.88
CA ASP B 132 -43.40 -0.72 1.78
C ASP B 132 -43.55 -0.30 0.32
N THR B 133 -44.79 -0.09 -0.11
CA THR B 133 -45.06 0.30 -1.49
C THR B 133 -45.07 1.81 -1.66
N SER B 134 -45.48 2.52 -0.62
CA SER B 134 -45.53 3.98 -0.68
C SER B 134 -44.14 4.58 -0.87
N LEU B 135 -43.12 3.72 -0.85
CA LEU B 135 -41.75 4.16 -1.03
C LEU B 135 -41.37 4.16 -2.51
N ASN B 136 -42.19 3.50 -3.32
CA ASN B 136 -41.95 3.42 -4.75
C ASN B 136 -42.35 4.71 -5.47
N ALA B 137 -41.39 5.34 -6.14
CA ALA B 137 -41.63 6.58 -6.85
C ALA B 137 -42.33 6.36 -8.19
N THR B 138 -42.30 7.37 -9.04
CA THR B 138 -42.93 7.29 -10.36
C THR B 138 -42.79 6.12 -11.32
N GLY B 139 -41.57 5.86 -11.77
CA GLY B 139 -40.44 6.66 -11.37
C GLY B 139 -39.23 6.22 -10.55
N ASP B 140 -38.67 5.06 -10.91
CA ASP B 140 -37.52 4.51 -10.20
C ASP B 140 -37.10 3.29 -11.01
N THR B 141 -35.79 3.13 -11.18
CA THR B 141 -35.26 2.00 -11.93
C THR B 141 -35.50 0.69 -11.18
N ARG B 142 -35.33 -0.41 -11.91
CA ARG B 142 -35.52 -1.75 -11.40
C ARG B 142 -34.62 -2.02 -10.24
N ALA B 143 -33.70 -1.10 -10.02
CA ALA B 143 -32.75 -1.18 -8.92
C ALA B 143 -33.10 -0.23 -7.79
N ASP B 144 -33.58 0.96 -8.15
CA ASP B 144 -33.96 1.97 -7.16
C ASP B 144 -34.80 1.34 -6.06
N ILE B 145 -35.65 0.39 -6.44
CA ILE B 145 -36.50 -0.29 -5.47
C ILE B 145 -35.66 -0.81 -4.33
N ILE B 146 -34.59 -1.52 -4.67
CA ILE B 146 -33.67 -2.07 -3.67
C ILE B 146 -33.12 -0.95 -2.80
N ALA B 147 -32.65 0.11 -3.44
CA ALA B 147 -32.09 1.25 -2.73
C ALA B 147 -33.00 1.64 -1.58
N HIS B 148 -34.30 1.68 -1.85
CA HIS B 148 -35.27 2.04 -0.82
C HIS B 148 -35.26 1.01 0.30
N ALA B 149 -35.17 -0.27 -0.08
CA ALA B 149 -35.15 -1.36 0.88
C ALA B 149 -34.13 -1.09 1.98
N ILE B 150 -32.87 -0.92 1.59
CA ILE B 150 -31.79 -0.65 2.54
C ILE B 150 -32.24 0.35 3.59
N TYR B 151 -32.92 1.40 3.14
CA TYR B 151 -33.41 2.44 4.05
C TYR B 151 -34.44 1.87 5.01
N GLN B 152 -35.46 1.23 4.46
CA GLN B 152 -36.53 0.65 5.27
C GLN B 152 -35.93 -0.29 6.32
N VAL B 153 -34.76 -0.82 6.04
CA VAL B 153 -34.09 -1.73 6.97
C VAL B 153 -33.64 -0.95 8.19
N THR B 154 -33.15 0.27 7.95
CA THR B 154 -32.68 1.13 9.03
C THR B 154 -33.86 1.54 9.91
N GLU B 155 -35.06 1.37 9.39
CA GLU B 155 -36.28 1.72 10.12
C GLU B 155 -36.46 0.80 11.32
N SER B 156 -35.49 -0.07 11.55
CA SER B 156 -35.53 -1.00 12.67
C SER B 156 -34.27 -0.84 13.52
N GLU B 157 -33.63 0.31 13.39
CA GLU B 157 -32.40 0.61 14.12
C GLU B 157 -31.28 -0.37 13.77
N PHE B 158 -31.24 -0.78 12.51
CA PHE B 158 -30.22 -1.71 12.03
C PHE B 158 -29.64 -1.29 10.69
N SER B 159 -28.61 -1.98 10.25
CA SER B 159 -27.89 -1.60 9.05
C SER B 159 -28.28 -2.65 8.03
N ALA B 160 -27.69 -2.56 6.85
CA ALA B 160 -27.77 -3.63 5.86
C ALA B 160 -26.62 -4.61 5.67
N SER B 161 -26.89 -5.89 5.92
CA SER B 161 -25.87 -6.93 5.79
C SER B 161 -25.61 -7.25 4.31
N GLY B 162 -26.68 -7.49 3.57
CA GLY B 162 -26.54 -7.80 2.16
C GLY B 162 -27.88 -7.95 1.46
N ILE B 163 -27.85 -8.37 0.20
CA ILE B 163 -29.07 -8.54 -0.58
C ILE B 163 -29.13 -9.92 -1.23
N VAL B 164 -30.33 -10.49 -1.28
CA VAL B 164 -30.53 -11.80 -1.88
C VAL B 164 -31.61 -11.74 -2.95
N LEU B 165 -31.23 -12.05 -4.19
CA LEU B 165 -32.14 -12.02 -5.32
C LEU B 165 -31.84 -13.05 -6.37
N ASN B 166 -32.78 -13.24 -7.29
CA ASN B 166 -32.65 -14.28 -8.30
C ASN B 166 -31.50 -13.99 -9.25
N PRO B 167 -30.70 -15.01 -9.57
CA PRO B 167 -29.55 -14.90 -10.47
C PRO B 167 -29.86 -14.21 -11.79
N ARG B 168 -31.08 -14.30 -12.26
CA ARG B 168 -31.31 -13.57 -13.46
C ARG B 168 -31.35 -12.13 -13.14
N ASP B 169 -32.21 -11.79 -12.21
CA ASP B 169 -32.56 -10.39 -12.04
C ASP B 169 -31.23 -9.66 -11.90
N TRP B 170 -30.28 -10.32 -11.25
CA TRP B 170 -28.95 -9.74 -11.03
C TRP B 170 -28.34 -9.30 -12.35
N HIS B 171 -28.51 -10.13 -13.37
CA HIS B 171 -27.98 -9.84 -14.70
C HIS B 171 -28.51 -8.51 -15.22
N ASN B 172 -29.83 -8.37 -15.17
CA ASN B 172 -30.48 -7.15 -15.65
C ASN B 172 -29.95 -5.93 -14.90
N ILE B 173 -29.72 -6.07 -13.60
CA ILE B 173 -29.22 -4.98 -12.78
C ILE B 173 -27.80 -4.62 -13.20
N ALA B 174 -26.91 -5.61 -13.18
CA ALA B 174 -25.52 -5.40 -13.56
C ALA B 174 -25.31 -4.96 -15.01
N LEU B 175 -25.74 -5.79 -15.95
CA LEU B 175 -25.60 -5.48 -17.36
C LEU B 175 -26.79 -4.59 -17.71
N LEU B 176 -26.71 -3.32 -17.31
CA LEU B 176 -27.78 -2.37 -17.57
C LEU B 176 -27.19 -1.02 -17.95
N LYS B 177 -27.53 -0.40 -18.97
CA LYS B 177 -27.10 0.92 -19.44
C LYS B 177 -28.29 1.87 -19.59
N ASP B 178 -27.99 3.13 -19.88
CA ASP B 178 -29.03 4.15 -20.06
C ASP B 178 -29.39 4.22 -21.54
N ASN B 179 -30.03 5.30 -21.96
CA ASN B 179 -30.39 5.47 -23.36
C ASN B 179 -29.15 5.25 -24.21
N GLU B 180 -27.99 5.51 -23.59
CA GLU B 180 -26.70 5.35 -24.25
C GLU B 180 -26.00 4.09 -23.72
N GLY B 181 -24.86 3.76 -24.31
CA GLY B 181 -24.13 2.58 -23.88
C GLY B 181 -23.14 2.85 -22.76
N ARG B 182 -23.64 2.90 -21.54
CA ARG B 182 -22.79 3.15 -20.38
C ARG B 182 -23.19 2.25 -19.22
N TYR B 183 -22.23 1.51 -18.68
CA TYR B 183 -22.51 0.63 -17.57
C TYR B 183 -22.57 1.36 -16.24
N ILE B 184 -23.79 1.69 -15.82
CA ILE B 184 -24.03 2.38 -14.54
C ILE B 184 -23.85 1.35 -13.44
N PHE B 185 -22.87 1.55 -12.57
CA PHE B 185 -22.58 0.61 -11.49
C PHE B 185 -22.70 -0.79 -12.06
N GLY B 186 -22.77 -0.85 -13.38
CA GLY B 186 -22.88 -2.10 -14.08
C GLY B 186 -21.53 -2.34 -14.68
N GLY B 187 -21.21 -3.60 -14.88
CA GLY B 187 -19.92 -3.95 -15.43
C GLY B 187 -19.83 -5.43 -15.21
N PRO B 188 -19.52 -6.19 -16.27
CA PRO B 188 -19.40 -7.63 -16.10
C PRO B 188 -18.62 -7.90 -14.84
N GLN B 189 -17.68 -7.00 -14.54
CA GLN B 189 -16.85 -7.09 -13.34
C GLN B 189 -17.76 -7.25 -12.12
N ALA B 190 -18.79 -6.41 -12.07
CA ALA B 190 -19.75 -6.42 -10.97
C ALA B 190 -20.37 -7.80 -10.78
N PHE B 191 -20.90 -8.36 -11.85
CA PHE B 191 -21.52 -9.67 -11.78
C PHE B 191 -20.53 -10.65 -11.18
N THR B 192 -19.28 -10.57 -11.63
CA THR B 192 -18.23 -11.46 -11.14
C THR B 192 -18.03 -11.29 -9.65
N SER B 193 -18.11 -10.03 -9.18
CA SER B 193 -17.93 -9.72 -7.77
C SER B 193 -19.17 -10.09 -6.95
N ASN B 194 -20.34 -9.98 -7.56
CA ASN B 194 -21.58 -10.29 -6.89
C ASN B 194 -21.75 -9.38 -5.67
N ILE B 195 -21.46 -8.09 -5.86
CA ILE B 195 -21.57 -7.10 -4.80
C ILE B 195 -21.88 -5.72 -5.35
N MET B 196 -22.82 -5.02 -4.73
CA MET B 196 -23.20 -3.68 -5.15
C MET B 196 -23.42 -2.81 -3.94
N TRP B 197 -23.15 -1.51 -4.07
CA TRP B 197 -23.30 -0.58 -2.97
C TRP B 197 -22.53 -1.14 -1.77
N GLY B 198 -21.44 -1.83 -2.06
CA GLY B 198 -20.64 -2.39 -1.01
C GLY B 198 -21.40 -3.44 -0.22
N LEU B 199 -22.47 -3.96 -0.79
CA LEU B 199 -23.27 -4.98 -0.12
C LEU B 199 -23.20 -6.32 -0.86
N PRO B 200 -22.86 -7.40 -0.14
CA PRO B 200 -22.75 -8.75 -0.72
C PRO B 200 -24.03 -9.21 -1.41
N VAL B 201 -23.90 -9.64 -2.66
CA VAL B 201 -25.04 -10.12 -3.43
C VAL B 201 -24.99 -11.63 -3.55
N VAL B 202 -26.12 -12.29 -3.30
CA VAL B 202 -26.17 -13.75 -3.36
C VAL B 202 -27.14 -14.28 -4.42
N PRO B 203 -26.60 -14.58 -5.61
CA PRO B 203 -27.39 -15.11 -6.73
C PRO B 203 -27.82 -16.55 -6.48
N THR B 204 -29.07 -16.74 -6.08
CA THR B 204 -29.59 -18.07 -5.81
C THR B 204 -30.88 -18.30 -6.58
N LYS B 205 -30.97 -19.43 -7.27
CA LYS B 205 -32.16 -19.75 -8.05
C LYS B 205 -33.23 -20.36 -7.13
N ALA B 206 -32.95 -20.42 -5.85
CA ALA B 206 -33.89 -20.98 -4.88
C ALA B 206 -35.04 -20.00 -4.66
N GLN B 207 -34.81 -18.74 -4.99
CA GLN B 207 -35.80 -17.68 -4.84
C GLN B 207 -36.37 -17.24 -6.20
N ALA B 208 -37.69 -17.32 -6.36
CA ALA B 208 -38.36 -16.95 -7.60
C ALA B 208 -37.92 -15.58 -8.10
N ALA B 209 -37.96 -15.39 -9.41
CA ALA B 209 -37.55 -14.13 -10.02
C ALA B 209 -38.42 -12.96 -9.54
N GLY B 210 -37.93 -11.74 -9.77
CA GLY B 210 -38.66 -10.56 -9.37
C GLY B 210 -38.69 -10.33 -7.86
N THR B 211 -38.42 -11.39 -7.10
CA THR B 211 -38.41 -11.31 -5.65
C THR B 211 -37.04 -10.88 -5.14
N PHE B 212 -37.00 -10.34 -3.92
CA PHE B 212 -35.74 -9.91 -3.35
C PHE B 212 -35.83 -9.78 -1.83
N THR B 213 -34.70 -9.98 -1.15
CA THR B 213 -34.65 -9.89 0.30
C THR B 213 -33.44 -9.09 0.76
N VAL B 214 -33.66 -8.17 1.69
CA VAL B 214 -32.58 -7.33 2.20
C VAL B 214 -32.73 -7.14 3.71
N GLY B 215 -31.61 -6.87 4.37
CA GLY B 215 -31.65 -6.65 5.81
C GLY B 215 -30.29 -6.80 6.46
N GLY B 216 -30.26 -6.74 7.78
CA GLY B 216 -29.02 -6.86 8.52
C GLY B 216 -28.82 -8.25 9.07
N PHE B 217 -28.79 -9.24 8.17
CA PHE B 217 -28.60 -10.63 8.57
C PHE B 217 -27.35 -10.78 9.43
N ASP B 218 -26.44 -9.87 9.34
CA ASP B 218 -25.20 -9.96 10.10
C ASP B 218 -25.63 -10.49 11.48
N MET B 219 -26.52 -9.75 12.13
CA MET B 219 -27.03 -10.13 13.44
C MET B 219 -28.55 -10.19 13.53
N ALA B 220 -29.21 -10.17 12.39
CA ALA B 220 -30.67 -10.23 12.35
C ALA B 220 -31.16 -11.61 12.74
N SER B 221 -30.34 -12.62 12.46
CA SER B 221 -30.69 -14.00 12.78
C SER B 221 -29.51 -14.92 12.49
N GLN B 222 -29.16 -15.75 13.47
CA GLN B 222 -28.06 -16.68 13.30
C GLN B 222 -28.57 -18.10 13.10
N VAL B 223 -27.64 -19.04 12.96
CA VAL B 223 -27.97 -20.44 12.76
C VAL B 223 -27.23 -21.31 13.75
N PHE B 224 -27.85 -22.42 14.15
CA PHE B 224 -27.24 -23.33 15.10
C PHE B 224 -27.00 -24.70 14.45
N ASP B 225 -25.79 -25.22 14.64
CA ASP B 225 -25.42 -26.51 14.07
C ASP B 225 -25.49 -27.62 15.11
N ARG B 226 -26.29 -28.65 14.83
CA ARG B 226 -26.44 -29.78 15.73
C ARG B 226 -25.60 -30.96 15.30
N MET B 227 -25.76 -31.46 14.15
CA MET B 227 -25.05 -32.57 13.54
C MET B 227 -24.56 -32.22 12.13
N ASP B 228 -23.25 -32.34 11.93
CA ASP B 228 -22.67 -32.04 10.63
C ASP B 228 -23.20 -32.99 9.56
N ALA B 229 -22.84 -32.71 8.31
CA ALA B 229 -23.28 -33.53 7.19
C ALA B 229 -22.79 -34.97 7.31
N THR B 230 -23.67 -35.91 6.97
CA THR B 230 -23.37 -37.34 7.01
C THR B 230 -23.84 -37.99 5.72
N VAL B 231 -23.39 -39.22 5.44
CA VAL B 231 -23.81 -39.88 4.20
C VAL B 231 -24.40 -41.26 4.43
N GLU B 232 -25.51 -41.52 3.77
CA GLU B 232 -26.18 -42.81 3.87
C GLU B 232 -26.63 -43.27 2.50
N VAL B 233 -26.45 -44.56 2.23
CA VAL B 233 -26.81 -45.12 0.94
C VAL B 233 -27.67 -46.37 1.08
N SER B 234 -28.75 -46.43 0.33
CA SER B 234 -29.61 -47.60 0.40
C SER B 234 -29.88 -48.18 -0.96
N ARG B 235 -29.56 -49.47 -1.07
CA ARG B 235 -29.76 -50.18 -2.32
C ARG B 235 -31.17 -50.78 -2.27
N GLU B 236 -31.80 -50.70 -1.11
CA GLU B 236 -33.13 -51.27 -0.94
C GLU B 236 -34.24 -50.26 -1.19
N ASP B 237 -33.86 -49.00 -1.35
CA ASP B 237 -34.83 -47.93 -1.57
C ASP B 237 -35.71 -48.07 -2.81
N ARG B 238 -37.02 -47.95 -2.63
CA ARG B 238 -38.00 -48.06 -3.73
C ARG B 238 -37.51 -48.88 -4.93
N ASP B 239 -37.56 -48.29 -6.11
CA ASP B 239 -37.14 -49.00 -7.31
C ASP B 239 -35.65 -49.32 -7.39
N ASN B 240 -34.90 -48.98 -6.35
CA ASN B 240 -33.46 -49.24 -6.34
C ASN B 240 -33.18 -50.68 -6.75
N PHE B 241 -33.80 -51.62 -6.05
CA PHE B 241 -33.60 -53.06 -6.30
C PHE B 241 -33.79 -53.41 -7.78
N VAL B 242 -34.98 -53.15 -8.31
CA VAL B 242 -35.27 -53.46 -9.69
C VAL B 242 -34.32 -52.80 -10.68
N LYS B 243 -34.51 -51.51 -10.87
CA LYS B 243 -33.71 -50.73 -11.79
C LYS B 243 -32.24 -51.06 -11.56
N ASN B 244 -31.97 -51.66 -10.40
CA ASN B 244 -30.65 -52.12 -10.00
C ASN B 244 -29.59 -51.05 -9.68
N MET B 245 -29.86 -50.22 -8.67
CA MET B 245 -28.91 -49.19 -8.30
C MET B 245 -29.11 -48.70 -6.87
N LEU B 246 -28.23 -47.82 -6.42
CA LEU B 246 -28.28 -47.29 -5.07
C LEU B 246 -28.81 -45.88 -4.98
N THR B 247 -28.72 -45.34 -3.77
CA THR B 247 -29.18 -44.01 -3.50
C THR B 247 -28.46 -43.40 -2.31
N ILE B 248 -27.45 -42.58 -2.59
CA ILE B 248 -26.66 -41.93 -1.55
C ILE B 248 -27.52 -40.87 -0.89
N LEU B 249 -27.12 -40.50 0.32
CA LEU B 249 -27.84 -39.49 1.06
C LEU B 249 -27.01 -38.85 2.13
N CYS B 250 -26.84 -37.55 2.03
CA CYS B 250 -26.07 -36.85 3.03
C CYS B 250 -27.03 -36.14 3.95
N GLU B 251 -26.92 -36.40 5.24
CA GLU B 251 -27.79 -35.77 6.22
C GLU B 251 -27.17 -34.53 6.85
N GLU B 252 -27.99 -33.78 7.58
CA GLU B 252 -27.56 -32.56 8.26
C GLU B 252 -28.70 -32.01 9.12
N ARG B 253 -28.36 -31.46 10.29
CA ARG B 253 -29.38 -30.93 11.20
C ARG B 253 -29.13 -29.47 11.58
N LEU B 254 -30.10 -28.61 11.26
CA LEU B 254 -29.97 -27.19 11.56
C LEU B 254 -30.99 -26.61 12.53
N ALA B 255 -30.78 -25.33 12.87
CA ALA B 255 -31.66 -24.61 13.77
C ALA B 255 -31.60 -23.12 13.45
N LEU B 256 -32.52 -22.67 12.61
CA LEU B 256 -32.56 -21.26 12.24
C LEU B 256 -33.36 -20.50 13.29
N ALA B 257 -32.85 -19.35 13.69
CA ALA B 257 -33.52 -18.54 14.70
C ALA B 257 -33.82 -17.14 14.17
N HIS B 258 -34.67 -16.30 14.73
CA HIS B 258 -34.98 -14.93 14.33
C HIS B 258 -35.01 -14.02 15.56
N TYR B 259 -34.06 -13.10 15.63
CA TYR B 259 -33.97 -12.19 16.77
C TYR B 259 -34.71 -10.88 16.51
N ARG B 260 -34.84 -10.51 15.24
CA ARG B 260 -35.54 -9.28 14.86
C ARG B 260 -35.98 -9.33 13.40
N PRO B 261 -37.12 -9.99 13.13
CA PRO B 261 -37.69 -10.12 11.79
C PRO B 261 -37.82 -8.79 11.05
N THR B 262 -37.95 -7.72 11.82
CA THR B 262 -38.10 -6.39 11.26
C THR B 262 -36.83 -6.01 10.48
N ALA B 263 -35.74 -6.70 10.79
CA ALA B 263 -34.46 -6.45 10.12
C ALA B 263 -34.39 -7.22 8.81
N ILE B 264 -35.55 -7.68 8.34
CA ILE B 264 -35.61 -8.43 7.09
C ILE B 264 -36.82 -7.95 6.27
N ILE B 265 -36.57 -7.63 5.01
CA ILE B 265 -37.62 -7.15 4.13
C ILE B 265 -37.78 -8.03 2.89
N LYS B 266 -39.03 -8.35 2.58
CA LYS B 266 -39.36 -9.19 1.43
C LYS B 266 -40.30 -8.43 0.50
N GLY B 267 -40.27 -8.78 -0.78
CA GLY B 267 -41.14 -8.12 -1.75
C GLY B 267 -40.79 -8.49 -3.17
N THR B 268 -41.41 -7.81 -4.13
CA THR B 268 -41.17 -8.07 -5.53
C THR B 268 -41.08 -6.77 -6.32
N PHE B 269 -40.73 -6.88 -7.59
CA PHE B 269 -40.62 -5.70 -8.46
C PHE B 269 -41.94 -5.45 -9.18
N SER B 270 -42.42 -4.21 -9.09
CA SER B 270 -43.66 -3.83 -9.74
C SER B 270 -43.63 -4.12 -11.24
N SER B 271 -44.25 -5.21 -11.64
CA SER B 271 -44.30 -5.61 -13.04
C SER B 271 -45.74 -5.87 -13.47
N PRO C 24 4.62 -31.61 -19.76
CA PRO C 24 3.97 -31.08 -20.97
C PRO C 24 4.44 -29.67 -21.31
N GLY C 25 3.53 -28.86 -21.86
CA GLY C 25 3.87 -27.49 -22.22
C GLY C 25 4.16 -26.66 -21.00
N LEU C 26 4.15 -25.34 -21.18
CA LEU C 26 4.43 -24.44 -20.07
C LEU C 26 3.62 -23.14 -20.07
N ARG C 27 2.84 -22.90 -21.11
CA ARG C 27 2.08 -21.64 -21.16
C ARG C 27 0.60 -21.61 -20.84
N ARG C 28 -0.25 -21.99 -21.80
CA ARG C 28 -1.69 -21.99 -21.60
C ARG C 28 -2.14 -22.71 -20.34
N LEU C 29 -3.41 -23.08 -20.31
CA LEU C 29 -3.97 -23.83 -19.20
C LEU C 29 -4.85 -24.89 -19.83
N THR C 30 -4.32 -26.11 -19.91
CA THR C 30 -5.01 -27.22 -20.52
C THR C 30 -6.41 -27.46 -19.97
N ILE C 31 -7.37 -27.53 -20.88
CA ILE C 31 -8.77 -27.75 -20.52
C ILE C 31 -8.87 -28.86 -19.49
N ARG C 32 -7.91 -29.78 -19.54
CA ARG C 32 -7.86 -30.91 -18.62
C ARG C 32 -7.84 -30.42 -17.18
N ASP C 33 -7.25 -29.26 -16.96
CA ASP C 33 -7.16 -28.68 -15.63
C ASP C 33 -8.54 -28.23 -15.15
N LEU C 34 -9.34 -27.71 -16.08
CA LEU C 34 -10.68 -27.24 -15.75
C LEU C 34 -11.59 -28.39 -15.33
N LEU C 35 -11.54 -29.48 -16.09
CA LEU C 35 -12.35 -30.65 -15.80
C LEU C 35 -11.75 -31.46 -14.65
N ALA C 36 -12.62 -31.93 -13.76
CA ALA C 36 -12.18 -32.73 -12.62
C ALA C 36 -11.37 -33.92 -13.13
N GLN C 37 -10.45 -34.43 -12.31
CA GLN C 37 -9.63 -35.56 -12.72
C GLN C 37 -9.84 -36.80 -11.87
N GLY C 38 -9.12 -37.87 -12.22
CA GLY C 38 -9.22 -39.12 -11.49
C GLY C 38 -8.81 -40.27 -12.38
N ARG C 39 -9.10 -41.49 -11.94
CA ARG C 39 -8.75 -42.68 -12.72
C ARG C 39 -9.67 -43.84 -12.43
N THR C 40 -9.46 -44.94 -13.16
CA THR C 40 -10.28 -46.13 -13.01
C THR C 40 -9.56 -47.39 -13.47
N SER C 41 -10.15 -48.54 -13.19
CA SER C 41 -9.58 -49.81 -13.58
C SER C 41 -10.31 -50.36 -14.80
N SER C 42 -11.64 -50.40 -14.70
CA SER C 42 -12.48 -50.89 -15.79
C SER C 42 -12.38 -49.96 -16.97
N ASN C 43 -12.58 -50.51 -18.17
CA ASN C 43 -12.51 -49.72 -19.40
C ASN C 43 -13.86 -49.10 -19.74
N ALA C 44 -14.79 -49.19 -18.80
CA ALA C 44 -16.13 -48.63 -18.96
C ALA C 44 -16.69 -48.29 -17.59
N LEU C 45 -17.37 -47.15 -17.50
CA LEU C 45 -17.94 -46.71 -16.23
C LEU C 45 -19.43 -46.41 -16.34
N GLU C 46 -20.10 -46.38 -15.20
CA GLU C 46 -21.52 -46.10 -15.16
C GLU C 46 -21.81 -44.93 -14.24
N TYR C 47 -22.86 -44.19 -14.55
CA TYR C 47 -23.23 -43.02 -13.75
C TYR C 47 -24.57 -42.44 -14.20
N VAL C 48 -25.21 -41.69 -13.30
CA VAL C 48 -26.49 -41.06 -13.58
C VAL C 48 -26.26 -39.63 -14.06
N ARG C 49 -27.13 -39.16 -14.95
CA ARG C 49 -27.01 -37.82 -15.47
C ARG C 49 -28.11 -36.89 -14.99
N GLU C 50 -27.74 -35.87 -14.22
CA GLU C 50 -28.70 -34.90 -13.71
C GLU C 50 -29.21 -34.09 -14.90
N GLU C 51 -30.17 -34.65 -15.63
CA GLU C 51 -30.72 -33.94 -16.77
C GLU C 51 -31.87 -33.10 -16.24
N VAL C 52 -31.49 -31.93 -15.71
CA VAL C 52 -32.42 -30.98 -15.12
C VAL C 52 -33.44 -30.35 -16.06
N PHE C 53 -34.64 -30.20 -15.54
CA PHE C 53 -35.73 -29.54 -16.26
C PHE C 53 -35.54 -28.09 -15.86
N THR C 54 -34.59 -27.45 -16.54
CA THR C 54 -34.21 -26.06 -16.29
C THR C 54 -35.32 -25.02 -16.22
N ASN C 55 -35.78 -24.60 -17.38
CA ASN C 55 -36.80 -23.57 -17.50
C ASN C 55 -38.23 -24.05 -17.57
N ALA C 56 -38.81 -24.32 -16.40
CA ALA C 56 -40.18 -24.78 -16.29
C ALA C 56 -40.79 -24.19 -15.02
N PRO C 57 -41.52 -23.06 -15.17
CA PRO C 57 -42.16 -22.38 -14.05
C PRO C 57 -43.30 -23.22 -13.47
N GLY C 58 -42.91 -24.34 -12.87
CA GLY C 58 -43.83 -25.27 -12.27
C GLY C 58 -42.89 -26.16 -11.48
N ASP C 59 -43.08 -27.46 -11.54
CA ASP C 59 -42.18 -28.36 -10.82
C ASP C 59 -40.77 -28.20 -11.41
N SER C 60 -39.94 -27.40 -10.75
CA SER C 60 -38.57 -27.17 -11.21
C SER C 60 -37.58 -28.08 -10.51
N ASP C 61 -37.32 -29.24 -11.11
CA ASP C 61 -36.40 -30.21 -10.55
C ASP C 61 -35.47 -30.76 -11.64
N ILE C 62 -34.88 -31.91 -11.38
CA ILE C 62 -33.96 -32.55 -12.32
C ILE C 62 -34.28 -34.04 -12.47
N THR C 63 -34.04 -34.57 -13.65
CA THR C 63 -34.29 -35.98 -13.92
C THR C 63 -32.98 -36.66 -14.29
N PHE C 64 -32.67 -37.76 -13.61
CA PHE C 64 -31.45 -38.48 -13.88
C PHE C 64 -31.54 -39.31 -15.15
N SER C 65 -30.38 -39.58 -15.74
CA SER C 65 -30.29 -40.36 -16.96
C SER C 65 -29.07 -41.27 -16.90
N LYS C 66 -29.31 -42.53 -16.52
CA LYS C 66 -28.25 -43.52 -16.39
C LYS C 66 -27.40 -43.60 -17.66
N GLN C 67 -26.18 -43.10 -17.56
CA GLN C 67 -25.25 -43.10 -18.69
C GLN C 67 -24.10 -44.09 -18.48
N THR C 68 -23.15 -44.09 -19.42
CA THR C 68 -22.00 -44.99 -19.35
C THR C 68 -20.79 -44.33 -20.01
N ALA C 69 -19.62 -44.51 -19.40
CA ALA C 69 -18.38 -43.94 -19.93
C ALA C 69 -17.53 -44.96 -20.68
N ASN C 70 -16.99 -44.54 -21.83
CA ASN C 70 -16.16 -45.40 -22.66
C ASN C 70 -14.72 -44.93 -22.65
N VAL C 71 -13.81 -45.81 -22.25
CA VAL C 71 -12.39 -45.48 -22.21
C VAL C 71 -11.75 -45.52 -23.58
N LYS C 72 -11.75 -44.37 -24.26
CA LYS C 72 -11.16 -44.27 -25.58
C LYS C 72 -9.68 -43.96 -25.46
N THR C 73 -8.89 -44.56 -26.34
CA THR C 73 -7.45 -44.35 -26.34
C THR C 73 -7.05 -43.36 -27.43
N ILE C 74 -6.47 -42.25 -27.01
CA ILE C 74 -6.03 -41.22 -27.95
C ILE C 74 -4.52 -41.18 -27.96
N ALA C 75 -3.94 -40.79 -29.10
CA ALA C 75 -2.49 -40.74 -29.21
C ALA C 75 -2.00 -39.86 -30.35
N HIS C 76 -0.74 -39.45 -30.26
CA HIS C 76 -0.14 -38.64 -31.30
C HIS C 76 1.05 -39.40 -31.86
N TRP C 77 1.23 -39.29 -33.16
CA TRP C 77 2.29 -39.98 -33.87
C TRP C 77 3.03 -38.99 -34.75
N VAL C 78 4.35 -38.98 -34.65
CA VAL C 78 5.14 -38.08 -35.50
C VAL C 78 6.20 -38.90 -36.23
N GLN C 79 6.24 -38.78 -37.55
CA GLN C 79 7.23 -39.52 -38.28
C GLN C 79 8.26 -38.56 -38.78
N ALA C 80 9.46 -38.71 -38.26
CA ALA C 80 10.57 -37.85 -38.63
C ALA C 80 11.65 -38.87 -38.99
N SER C 81 12.90 -38.42 -38.97
CA SER C 81 14.04 -39.25 -39.36
C SER C 81 14.23 -40.44 -38.42
N ARG C 82 15.18 -41.30 -38.77
CA ARG C 82 15.48 -42.49 -37.98
C ARG C 82 16.77 -42.30 -37.19
N GLN C 83 17.90 -42.34 -37.88
CA GLN C 83 19.19 -42.17 -37.24
C GLN C 83 19.01 -41.86 -35.76
N VAL C 84 17.95 -41.12 -35.45
CA VAL C 84 17.64 -40.77 -34.10
C VAL C 84 18.30 -41.88 -33.27
N MET C 85 17.95 -43.12 -33.61
CA MET C 85 18.45 -44.30 -32.93
C MET C 85 19.87 -44.11 -32.45
N ASP C 86 20.70 -43.50 -33.29
CA ASP C 86 22.07 -43.28 -32.90
C ASP C 86 22.40 -41.83 -32.57
N ASP C 87 22.04 -41.43 -31.36
CA ASP C 87 22.30 -40.09 -30.84
C ASP C 87 21.76 -39.97 -29.42
N ALA C 88 22.44 -39.15 -28.61
CA ALA C 88 22.10 -38.93 -27.20
C ALA C 88 20.63 -39.09 -26.83
N PRO C 89 20.35 -39.38 -25.54
CA PRO C 89 18.97 -39.55 -25.06
C PRO C 89 18.16 -38.32 -25.42
N MET C 90 18.93 -37.37 -25.94
CA MET C 90 18.46 -36.09 -26.40
C MET C 90 17.03 -36.31 -26.80
N LEU C 91 16.88 -37.07 -27.86
CA LEU C 91 15.58 -37.42 -28.32
C LEU C 91 14.83 -37.42 -27.03
N GLN C 92 15.23 -38.35 -26.18
CA GLN C 92 14.46 -38.47 -24.96
C GLN C 92 14.09 -37.06 -24.51
N SER C 93 15.08 -36.17 -24.51
CA SER C 93 14.85 -34.79 -24.11
C SER C 93 13.90 -34.12 -25.10
N TYR C 94 13.65 -34.86 -26.16
CA TYR C 94 12.71 -34.45 -27.16
C TYR C 94 11.27 -34.58 -26.78
N ILE C 95 10.85 -35.82 -26.78
CA ILE C 95 9.44 -36.17 -26.65
C ILE C 95 9.04 -35.87 -25.21
N ASN C 96 10.01 -35.91 -24.32
CA ASN C 96 9.69 -35.65 -22.93
C ASN C 96 9.32 -34.19 -22.81
N ASN C 97 10.07 -33.33 -23.45
CA ASN C 97 9.77 -31.92 -23.37
C ASN C 97 8.90 -31.42 -24.54
N ARG C 98 9.26 -31.78 -25.77
CA ARG C 98 8.54 -31.34 -26.97
C ARG C 98 7.34 -32.17 -27.42
N LEU C 99 7.60 -33.35 -27.98
CA LEU C 99 6.54 -34.21 -28.47
C LEU C 99 5.42 -34.41 -27.45
N MET C 100 5.78 -34.48 -26.18
CA MET C 100 4.80 -34.68 -25.12
C MET C 100 3.71 -33.61 -25.18
N TYR C 101 4.09 -32.39 -25.45
CA TYR C 101 3.13 -31.29 -25.58
C TYR C 101 2.16 -31.60 -26.71
N GLY C 102 2.69 -32.03 -27.85
CA GLY C 102 1.87 -32.35 -28.99
C GLY C 102 0.69 -33.23 -28.62
N LEU C 103 0.81 -33.91 -27.48
CA LEU C 103 -0.25 -34.79 -27.00
C LEU C 103 -1.39 -33.97 -26.43
N ALA C 104 -1.08 -33.14 -25.43
CA ALA C 104 -2.08 -32.31 -24.78
C ALA C 104 -2.90 -31.53 -25.81
N LEU C 105 -2.21 -30.84 -26.70
CA LEU C 105 -2.87 -30.05 -27.73
C LEU C 105 -3.91 -30.89 -28.48
N LYS C 106 -3.52 -32.11 -28.82
CA LYS C 106 -4.42 -33.01 -29.52
C LYS C 106 -5.47 -33.55 -28.55
N GLU C 107 -5.07 -33.68 -27.28
CA GLU C 107 -5.96 -34.17 -26.24
C GLU C 107 -7.15 -33.23 -26.09
N GLU C 108 -6.86 -31.96 -25.82
CA GLU C 108 -7.89 -30.96 -25.65
C GLU C 108 -8.90 -31.04 -26.78
N GLY C 109 -8.42 -31.35 -27.98
CA GLY C 109 -9.29 -31.47 -29.13
C GLY C 109 -10.47 -32.39 -28.87
N GLN C 110 -10.19 -33.67 -28.71
CA GLN C 110 -11.23 -34.66 -28.46
C GLN C 110 -12.19 -34.18 -27.37
N LEU C 111 -11.62 -33.81 -26.22
CA LEU C 111 -12.43 -33.34 -25.10
C LEU C 111 -13.30 -32.16 -25.50
N LEU C 112 -12.67 -31.09 -25.97
CA LEU C 112 -13.39 -29.89 -26.39
C LEU C 112 -14.58 -30.24 -27.26
N ASN C 113 -14.18 -31.03 -28.30
CA ASN C 113 -15.29 -31.37 -29.19
C ASN C 113 -14.89 -32.51 -30.13
N GLY C 114 -15.88 -33.35 -30.48
CA GLY C 114 -15.65 -34.47 -31.38
C GLY C 114 -16.83 -35.42 -31.55
N ASP C 115 -16.90 -36.10 -32.70
CA ASP C 115 -17.98 -37.04 -32.98
C ASP C 115 -17.90 -38.22 -32.02
N GLY C 116 -18.68 -38.17 -30.96
CA GLY C 116 -18.69 -39.23 -29.96
C GLY C 116 -18.48 -40.58 -30.58
N THR C 117 -18.81 -40.67 -31.86
CA THR C 117 -18.64 -41.87 -32.64
C THR C 117 -17.34 -42.55 -32.30
N GLY C 118 -17.24 -43.82 -32.67
CA GLY C 118 -16.05 -44.59 -32.43
C GLY C 118 -15.18 -44.22 -31.24
N ASP C 119 -13.88 -44.16 -31.49
CA ASP C 119 -12.89 -43.84 -30.47
C ASP C 119 -13.10 -42.48 -29.86
N ASN C 120 -13.93 -41.67 -30.51
CA ASN C 120 -14.19 -40.31 -30.01
C ASN C 120 -14.96 -40.30 -28.73
N LEU C 121 -14.76 -39.20 -28.00
CA LEU C 121 -15.44 -38.96 -26.76
C LEU C 121 -16.51 -37.96 -27.03
N GLU C 122 -17.48 -37.96 -26.14
CA GLU C 122 -18.56 -37.03 -26.27
C GLU C 122 -18.00 -35.66 -25.99
N GLY C 123 -17.76 -34.91 -27.04
CA GLY C 123 -17.25 -33.56 -26.83
C GLY C 123 -18.24 -32.66 -26.10
N LEU C 124 -17.71 -31.79 -25.25
CA LEU C 124 -18.53 -30.87 -24.48
C LEU C 124 -19.47 -30.09 -25.39
N ASN C 125 -18.98 -29.68 -26.55
CA ASN C 125 -19.79 -28.93 -27.50
C ASN C 125 -20.97 -29.76 -28.02
N LYS C 126 -20.76 -31.06 -28.18
CA LYS C 126 -21.80 -31.95 -28.67
C LYS C 126 -22.94 -32.07 -27.67
N VAL C 127 -22.60 -32.21 -26.40
CA VAL C 127 -23.60 -32.34 -25.35
C VAL C 127 -24.00 -30.99 -24.77
N ALA C 128 -23.22 -29.96 -25.08
CA ALA C 128 -23.49 -28.61 -24.60
C ALA C 128 -24.91 -28.16 -24.92
N THR C 129 -25.29 -27.02 -24.38
CA THR C 129 -26.63 -26.46 -24.60
C THR C 129 -26.52 -25.24 -25.51
N ALA C 130 -27.66 -24.81 -26.03
CA ALA C 130 -27.70 -23.66 -26.92
C ALA C 130 -27.45 -22.38 -26.12
N TYR C 131 -27.59 -21.24 -26.77
CA TYR C 131 -27.38 -19.95 -26.14
C TYR C 131 -28.56 -19.02 -26.44
N ASP C 132 -29.27 -18.60 -25.39
CA ASP C 132 -30.41 -17.72 -25.55
C ASP C 132 -30.04 -16.43 -26.26
N THR C 133 -30.46 -16.32 -27.51
CA THR C 133 -30.19 -15.13 -28.31
C THR C 133 -31.02 -13.96 -27.80
N SER C 134 -32.10 -14.28 -27.09
CA SER C 134 -32.99 -13.28 -26.53
C SER C 134 -32.26 -12.33 -25.59
N LEU C 135 -31.17 -12.79 -25.01
CA LEU C 135 -30.38 -11.98 -24.09
C LEU C 135 -29.59 -10.91 -24.82
N ASN C 136 -29.31 -11.15 -26.09
CA ASN C 136 -28.55 -10.20 -26.90
C ASN C 136 -29.32 -8.89 -27.08
N ALA C 137 -29.15 -7.98 -26.13
CA ALA C 137 -29.82 -6.69 -26.19
C ALA C 137 -29.04 -5.78 -27.12
N THR C 138 -29.77 -4.89 -27.79
CA THR C 138 -29.16 -3.88 -28.64
C THR C 138 -28.13 -3.15 -27.80
N GLY C 139 -26.95 -2.94 -28.36
CA GLY C 139 -25.85 -2.43 -27.56
C GLY C 139 -24.75 -3.32 -26.99
N ASP C 140 -24.91 -4.63 -27.14
CA ASP C 140 -23.92 -5.57 -26.63
C ASP C 140 -22.75 -5.71 -27.59
N THR C 141 -21.58 -6.00 -27.03
CA THR C 141 -20.36 -6.17 -27.81
C THR C 141 -19.96 -7.63 -27.80
N ARG C 142 -18.98 -7.98 -28.62
CA ARG C 142 -18.50 -9.36 -28.69
C ARG C 142 -18.01 -9.81 -27.32
N ALA C 143 -17.77 -8.84 -26.44
CA ALA C 143 -17.31 -9.12 -25.10
C ALA C 143 -18.51 -9.26 -24.17
N ASP C 144 -19.60 -8.58 -24.51
CA ASP C 144 -20.81 -8.63 -23.72
C ASP C 144 -21.51 -9.97 -23.88
N ILE C 145 -21.25 -10.64 -25.00
CA ILE C 145 -21.86 -11.94 -25.28
C ILE C 145 -21.51 -12.95 -24.20
N ILE C 146 -20.21 -13.23 -24.07
CA ILE C 146 -19.73 -14.19 -23.08
C ILE C 146 -20.30 -13.86 -21.70
N ALA C 147 -20.52 -12.59 -21.44
CA ALA C 147 -21.07 -12.14 -20.16
C ALA C 147 -22.43 -12.80 -19.92
N HIS C 148 -23.36 -12.59 -20.84
CA HIS C 148 -24.69 -13.16 -20.72
C HIS C 148 -24.57 -14.67 -20.54
N ALA C 149 -23.61 -15.27 -21.22
CA ALA C 149 -23.39 -16.71 -21.14
C ALA C 149 -23.18 -17.13 -19.69
N ILE C 150 -22.32 -16.39 -18.98
CA ILE C 150 -22.04 -16.68 -17.59
C ILE C 150 -23.32 -16.92 -16.81
N TYR C 151 -24.31 -16.07 -17.04
CA TYR C 151 -25.60 -16.19 -16.38
C TYR C 151 -26.29 -17.50 -16.77
N GLN C 152 -26.45 -17.70 -18.07
CA GLN C 152 -27.10 -18.90 -18.59
C GLN C 152 -26.57 -20.16 -17.91
N VAL C 153 -25.41 -20.05 -17.28
CA VAL C 153 -24.80 -21.19 -16.59
C VAL C 153 -25.51 -21.44 -15.27
N THR C 154 -25.78 -20.37 -14.54
CA THR C 154 -26.45 -20.47 -13.24
C THR C 154 -27.75 -21.26 -13.33
N GLU C 155 -28.32 -21.33 -14.52
CA GLU C 155 -29.57 -22.06 -14.74
C GLU C 155 -29.45 -23.51 -14.28
N SER C 156 -28.23 -24.04 -14.33
CA SER C 156 -27.98 -25.41 -13.91
C SER C 156 -27.78 -25.53 -12.41
N GLU C 157 -27.97 -24.43 -11.71
CA GLU C 157 -27.80 -24.39 -10.26
C GLU C 157 -26.30 -24.23 -9.97
N PHE C 158 -25.49 -24.41 -11.00
CA PHE C 158 -24.05 -24.28 -10.86
C PHE C 158 -23.60 -22.89 -11.30
N SER C 159 -22.29 -22.63 -11.20
CA SER C 159 -21.74 -21.34 -11.57
C SER C 159 -20.55 -21.49 -12.51
N ALA C 160 -20.26 -20.43 -13.25
CA ALA C 160 -19.14 -20.44 -14.20
C ALA C 160 -17.75 -20.54 -13.60
N SER C 161 -16.91 -21.39 -14.18
CA SER C 161 -15.54 -21.56 -13.71
C SER C 161 -14.44 -21.13 -14.67
N GLY C 162 -14.63 -21.40 -15.96
CA GLY C 162 -13.67 -21.04 -16.97
C GLY C 162 -14.31 -20.87 -18.34
N ILE C 163 -13.63 -20.16 -19.22
CA ILE C 163 -14.14 -19.94 -20.57
C ILE C 163 -13.13 -20.44 -21.60
N VAL C 164 -13.63 -20.95 -22.72
CA VAL C 164 -12.77 -21.48 -23.76
C VAL C 164 -13.03 -20.82 -25.12
N LEU C 165 -11.96 -20.28 -25.71
CA LEU C 165 -12.06 -19.63 -27.01
C LEU C 165 -10.78 -19.89 -27.79
N ASN C 166 -10.72 -19.35 -29.00
CA ASN C 166 -9.55 -19.51 -29.85
C ASN C 166 -8.74 -18.22 -29.80
N PRO C 167 -7.43 -18.31 -30.08
CA PRO C 167 -6.54 -17.15 -30.07
C PRO C 167 -7.10 -15.93 -30.80
N ARG C 168 -7.64 -16.15 -32.00
CA ARG C 168 -8.20 -15.06 -32.80
C ARG C 168 -9.23 -14.23 -32.06
N ASP C 169 -10.39 -14.82 -31.79
CA ASP C 169 -11.45 -14.12 -31.08
C ASP C 169 -10.96 -13.50 -29.77
N TRP C 170 -10.21 -14.28 -28.99
CA TRP C 170 -9.68 -13.79 -27.72
C TRP C 170 -8.90 -12.50 -27.99
N HIS C 171 -8.00 -12.57 -28.96
CA HIS C 171 -7.19 -11.42 -29.34
C HIS C 171 -8.08 -10.18 -29.46
N ASN C 172 -9.05 -10.24 -30.34
CA ASN C 172 -9.97 -9.13 -30.55
C ASN C 172 -10.56 -8.66 -29.22
N ILE C 173 -11.29 -9.56 -28.56
CA ILE C 173 -11.92 -9.27 -27.28
C ILE C 173 -10.96 -8.57 -26.31
N ALA C 174 -9.74 -9.08 -26.24
CA ALA C 174 -8.73 -8.52 -25.35
C ALA C 174 -8.38 -7.08 -25.70
N LEU C 175 -7.76 -6.89 -26.86
CA LEU C 175 -7.36 -5.57 -27.32
C LEU C 175 -8.57 -4.94 -27.99
N LEU C 176 -9.67 -4.84 -27.25
CA LEU C 176 -10.90 -4.27 -27.78
C LEU C 176 -11.29 -3.00 -27.03
N LYS C 177 -11.03 -1.82 -27.68
CA LYS C 177 -11.41 -0.46 -27.30
C LYS C 177 -12.90 -0.24 -27.47
N ASP C 178 -13.30 1.03 -27.34
CA ASP C 178 -14.69 1.42 -27.51
C ASP C 178 -14.71 2.89 -27.92
N ASN C 179 -15.84 3.35 -28.42
CA ASN C 179 -15.98 4.74 -28.84
C ASN C 179 -15.55 5.66 -27.71
N GLU C 180 -15.50 5.09 -26.50
CA GLU C 180 -15.09 5.81 -25.30
C GLU C 180 -13.64 6.22 -25.45
N GLY C 181 -12.94 5.57 -26.37
CA GLY C 181 -11.54 5.86 -26.59
C GLY C 181 -10.67 5.17 -25.56
N ARG C 182 -11.13 4.02 -25.07
CA ARG C 182 -10.40 3.26 -24.07
C ARG C 182 -10.64 1.76 -24.16
N TYR C 183 -9.71 0.99 -23.61
CA TYR C 183 -9.80 -0.47 -23.60
C TYR C 183 -10.92 -0.93 -22.69
N ILE C 184 -11.63 -1.98 -23.11
CA ILE C 184 -12.73 -2.53 -22.31
C ILE C 184 -12.17 -3.10 -21.02
N PHE C 185 -10.92 -3.53 -21.08
CA PHE C 185 -10.20 -4.07 -19.93
C PHE C 185 -8.99 -3.17 -19.90
N GLY C 186 -7.99 -3.48 -19.09
CA GLY C 186 -6.81 -2.62 -19.07
C GLY C 186 -6.13 -2.58 -20.42
N GLY C 187 -4.84 -2.24 -20.43
CA GLY C 187 -4.12 -2.20 -21.69
C GLY C 187 -4.19 -3.58 -22.32
N PRO C 188 -3.58 -3.77 -23.50
CA PRO C 188 -3.59 -5.07 -24.16
C PRO C 188 -3.03 -6.17 -23.26
N GLN C 189 -2.27 -5.74 -22.25
CA GLN C 189 -1.67 -6.65 -21.30
C GLN C 189 -2.69 -7.73 -20.96
N ALA C 190 -3.96 -7.31 -20.94
CA ALA C 190 -5.06 -8.20 -20.64
C ALA C 190 -4.85 -9.54 -21.33
N PHE C 191 -4.57 -9.51 -22.63
CA PHE C 191 -4.35 -10.73 -23.39
C PHE C 191 -3.50 -11.70 -22.56
N THR C 192 -2.40 -11.18 -22.03
CA THR C 192 -1.49 -11.98 -21.22
C THR C 192 -2.16 -12.40 -19.91
N SER C 193 -1.74 -13.52 -19.36
CA SER C 193 -2.30 -14.06 -18.13
C SER C 193 -3.81 -14.14 -18.28
N ASN C 194 -4.24 -15.03 -19.16
CA ASN C 194 -5.65 -15.22 -19.45
C ASN C 194 -6.55 -15.28 -18.23
N ILE C 195 -7.05 -14.11 -17.85
CA ILE C 195 -7.97 -13.96 -16.74
C ILE C 195 -8.96 -12.94 -17.26
N MET C 196 -10.24 -13.27 -17.20
CA MET C 196 -11.25 -12.36 -17.67
C MET C 196 -12.28 -12.27 -16.58
N TRP C 197 -12.27 -11.15 -15.88
CA TRP C 197 -13.20 -10.92 -14.79
C TRP C 197 -13.19 -12.10 -13.82
N GLY C 198 -12.01 -12.37 -13.26
CA GLY C 198 -11.87 -13.46 -12.31
C GLY C 198 -12.22 -14.84 -12.82
N LEU C 199 -12.23 -15.02 -14.14
CA LEU C 199 -12.54 -16.32 -14.72
C LEU C 199 -11.51 -16.65 -15.78
N PRO C 200 -10.59 -17.58 -15.48
CA PRO C 200 -9.52 -18.03 -16.37
C PRO C 200 -9.97 -18.33 -17.80
N VAL C 201 -9.19 -17.87 -18.76
CA VAL C 201 -9.49 -18.09 -20.17
C VAL C 201 -8.47 -19.05 -20.76
N VAL C 202 -8.86 -19.79 -21.79
CA VAL C 202 -7.97 -20.75 -22.44
C VAL C 202 -8.08 -20.78 -23.96
N PRO C 203 -7.28 -19.96 -24.65
CA PRO C 203 -7.29 -19.92 -26.10
C PRO C 203 -6.65 -21.17 -26.68
N THR C 204 -7.11 -21.60 -27.85
CA THR C 204 -6.56 -22.79 -28.48
C THR C 204 -7.17 -23.04 -29.86
N LYS C 205 -6.54 -23.95 -30.60
CA LYS C 205 -7.02 -24.29 -31.94
C LYS C 205 -8.24 -25.19 -31.89
N ALA C 206 -8.29 -26.06 -30.88
CA ALA C 206 -9.39 -26.99 -30.71
C ALA C 206 -10.73 -26.26 -30.76
N GLN C 207 -10.72 -25.00 -30.37
CA GLN C 207 -11.94 -24.21 -30.39
C GLN C 207 -12.03 -23.48 -31.73
N ALA C 208 -12.97 -23.92 -32.57
CA ALA C 208 -13.18 -23.32 -33.88
C ALA C 208 -13.38 -21.82 -33.75
N ALA C 209 -13.23 -21.10 -34.88
CA ALA C 209 -13.40 -19.65 -34.88
C ALA C 209 -14.86 -19.24 -34.76
N GLY C 210 -15.12 -18.25 -33.91
CA GLY C 210 -16.48 -17.76 -33.72
C GLY C 210 -17.28 -18.51 -32.67
N THR C 211 -16.82 -19.69 -32.29
CA THR C 211 -17.49 -20.51 -31.29
C THR C 211 -16.87 -20.33 -29.90
N PHE C 212 -17.72 -20.32 -28.87
CA PHE C 212 -17.25 -20.16 -27.50
C PHE C 212 -17.99 -21.08 -26.56
N THR C 213 -17.42 -21.29 -25.37
CA THR C 213 -18.02 -22.17 -24.37
C THR C 213 -17.68 -21.70 -22.96
N VAL C 214 -18.61 -21.91 -22.03
CA VAL C 214 -18.42 -21.54 -20.62
C VAL C 214 -19.15 -22.52 -19.73
N GLY C 215 -18.95 -22.38 -18.42
CA GLY C 215 -19.60 -23.29 -17.48
C GLY C 215 -18.74 -23.69 -16.30
N GLY C 216 -19.29 -24.53 -15.42
CA GLY C 216 -18.55 -24.99 -14.26
C GLY C 216 -17.85 -26.31 -14.50
N PHE C 217 -16.96 -26.33 -15.48
CA PHE C 217 -16.21 -27.53 -15.81
C PHE C 217 -15.61 -28.17 -14.55
N ASP C 218 -15.32 -27.35 -13.56
CA ASP C 218 -14.68 -27.88 -12.39
C ASP C 218 -15.70 -28.81 -11.83
N MET C 219 -16.97 -28.53 -12.04
CA MET C 219 -17.97 -29.40 -11.45
C MET C 219 -19.06 -29.99 -12.29
N ALA C 220 -18.95 -29.83 -13.59
CA ALA C 220 -19.91 -30.37 -14.54
C ALA C 220 -19.55 -31.68 -15.22
N SER C 221 -18.26 -32.01 -15.22
CA SER C 221 -17.77 -33.23 -15.84
C SER C 221 -16.47 -33.68 -15.20
N GLN C 222 -16.28 -34.99 -15.09
CA GLN C 222 -15.08 -35.56 -14.49
C GLN C 222 -14.35 -36.47 -15.48
N VAL C 223 -13.03 -36.33 -15.53
CA VAL C 223 -12.21 -37.13 -16.43
C VAL C 223 -11.45 -38.21 -15.67
N PHE C 224 -11.56 -39.45 -16.16
CA PHE C 224 -10.89 -40.58 -15.52
C PHE C 224 -9.69 -41.03 -16.34
N ASP C 225 -8.55 -41.17 -15.68
CA ASP C 225 -7.35 -41.61 -16.36
C ASP C 225 -7.19 -43.09 -16.16
N ARG C 226 -7.27 -43.85 -17.25
CA ARG C 226 -7.08 -45.30 -17.22
C ARG C 226 -5.60 -45.63 -17.09
N MET C 227 -4.84 -45.46 -18.28
CA MET C 227 -3.41 -45.69 -18.17
C MET C 227 -2.59 -44.52 -18.71
N ASP C 228 -1.37 -44.38 -18.21
CA ASP C 228 -0.48 -43.30 -18.61
C ASP C 228 -0.15 -43.39 -20.09
N ALA C 229 0.09 -42.22 -20.70
CA ALA C 229 0.43 -42.15 -22.11
C ALA C 229 1.65 -43.02 -22.41
N THR C 230 1.48 -43.95 -23.34
CA THR C 230 2.55 -44.88 -23.74
C THR C 230 3.01 -44.64 -25.19
N VAL C 231 4.32 -44.66 -25.40
CA VAL C 231 4.89 -44.42 -26.73
C VAL C 231 5.42 -45.65 -27.46
N GLU C 232 5.29 -45.64 -28.78
CA GLU C 232 5.78 -46.72 -29.60
C GLU C 232 6.36 -46.15 -30.86
N VAL C 233 7.28 -46.89 -31.45
CA VAL C 233 7.93 -46.45 -32.65
C VAL C 233 8.14 -47.58 -33.61
N SER C 234 8.15 -47.23 -34.89
CA SER C 234 8.35 -48.19 -35.95
C SER C 234 8.49 -47.43 -37.25
N ARG C 235 9.01 -48.09 -38.26
CA ARG C 235 8.91 -47.52 -39.57
C ARG C 235 7.96 -48.25 -40.47
N GLU C 236 7.95 -49.53 -40.24
CA GLU C 236 7.36 -50.44 -41.23
C GLU C 236 5.96 -49.85 -41.48
N ASP C 237 5.61 -48.81 -40.72
CA ASP C 237 4.31 -48.17 -40.85
C ASP C 237 4.21 -47.45 -42.18
N ARG C 238 3.14 -47.71 -42.93
CA ARG C 238 2.93 -47.06 -44.22
C ARG C 238 4.12 -47.17 -45.18
N ASP C 239 4.66 -46.02 -45.62
CA ASP C 239 5.78 -45.98 -46.56
C ASP C 239 7.06 -45.37 -45.98
N ASN C 240 7.29 -45.64 -44.70
CA ASN C 240 8.44 -45.11 -44.01
C ASN C 240 9.70 -45.87 -44.37
N PHE C 241 9.54 -47.16 -44.65
CA PHE C 241 10.66 -48.01 -45.00
C PHE C 241 11.34 -47.42 -46.24
N VAL C 242 10.59 -46.62 -46.97
CA VAL C 242 11.10 -46.02 -48.18
C VAL C 242 11.69 -44.64 -47.91
N LYS C 243 11.28 -44.03 -46.82
CA LYS C 243 11.76 -42.71 -46.49
C LYS C 243 12.86 -42.75 -45.44
N ASN C 244 12.99 -43.89 -44.78
CA ASN C 244 14.00 -44.06 -43.74
C ASN C 244 13.71 -43.19 -42.51
N MET C 245 12.43 -43.00 -42.23
CA MET C 245 11.97 -42.20 -41.11
C MET C 245 11.50 -43.10 -39.97
N LEU C 246 10.97 -42.50 -38.90
CA LEU C 246 10.46 -43.29 -37.78
C LEU C 246 9.17 -42.70 -37.18
N THR C 247 8.15 -43.55 -37.03
CA THR C 247 6.87 -43.14 -36.50
C THR C 247 6.83 -43.15 -34.97
N ILE C 248 6.89 -41.96 -34.40
CA ILE C 248 6.86 -41.84 -32.96
C ILE C 248 5.47 -41.53 -32.57
N LEU C 249 4.96 -42.30 -31.63
CA LEU C 249 3.62 -42.06 -31.16
C LEU C 249 3.49 -42.39 -29.69
N CYS C 250 2.52 -41.75 -29.05
CA CYS C 250 2.26 -41.95 -27.64
C CYS C 250 0.77 -42.05 -27.42
N GLU C 251 0.31 -43.24 -27.06
CA GLU C 251 -1.10 -43.46 -26.83
C GLU C 251 -1.51 -43.23 -25.39
N GLU C 252 -2.62 -42.52 -25.23
CA GLU C 252 -3.15 -42.22 -23.91
C GLU C 252 -4.60 -42.71 -23.84
N ARG C 253 -4.86 -43.62 -22.90
CA ARG C 253 -6.20 -44.18 -22.71
C ARG C 253 -6.98 -43.32 -21.74
N LEU C 254 -7.99 -42.64 -22.27
CA LEU C 254 -8.81 -41.75 -21.48
C LEU C 254 -10.30 -41.99 -21.72
N ALA C 255 -11.14 -41.50 -20.81
CA ALA C 255 -12.59 -41.66 -20.92
C ALA C 255 -13.33 -40.48 -20.28
N LEU C 256 -13.98 -39.66 -21.11
CA LEU C 256 -14.72 -38.50 -20.62
C LEU C 256 -16.10 -38.87 -20.08
N ALA C 257 -16.60 -38.08 -19.14
CA ALA C 257 -17.91 -38.32 -18.54
C ALA C 257 -18.58 -37.00 -18.18
N HIS C 258 -19.87 -36.89 -18.52
CA HIS C 258 -20.63 -35.68 -18.24
C HIS C 258 -21.71 -35.94 -17.19
N TYR C 259 -21.87 -35.00 -16.26
CA TYR C 259 -22.87 -35.11 -15.22
C TYR C 259 -24.07 -34.22 -15.51
N ARG C 260 -23.87 -32.91 -15.41
CA ARG C 260 -24.94 -31.95 -15.68
C ARG C 260 -24.57 -31.08 -16.88
N PRO C 261 -24.78 -31.60 -18.10
CA PRO C 261 -24.49 -30.91 -19.36
C PRO C 261 -25.09 -29.51 -19.44
N THR C 262 -26.26 -29.32 -18.83
CA THR C 262 -26.93 -28.02 -18.83
C THR C 262 -26.03 -26.93 -18.29
N ALA C 263 -24.93 -27.33 -17.66
CA ALA C 263 -23.97 -26.39 -17.10
C ALA C 263 -23.06 -25.81 -18.17
N ILE C 264 -22.81 -26.60 -19.21
CA ILE C 264 -21.95 -26.17 -20.30
C ILE C 264 -22.75 -25.36 -21.32
N ILE C 265 -22.27 -24.16 -21.63
CA ILE C 265 -22.94 -23.30 -22.59
C ILE C 265 -22.10 -23.16 -23.86
N LYS C 266 -22.75 -23.42 -25.00
CA LYS C 266 -22.10 -23.32 -26.29
C LYS C 266 -22.78 -22.25 -27.14
N GLY C 267 -21.98 -21.49 -27.89
CA GLY C 267 -22.54 -20.45 -28.72
C GLY C 267 -21.50 -19.75 -29.57
N THR C 268 -21.96 -18.95 -30.54
CA THR C 268 -21.06 -18.22 -31.42
C THR C 268 -21.48 -16.75 -31.51
N PHE C 269 -20.55 -15.90 -31.91
CA PHE C 269 -20.82 -14.48 -32.04
C PHE C 269 -21.77 -14.20 -33.20
N SER C 270 -22.32 -12.99 -33.23
CA SER C 270 -23.25 -12.59 -34.28
C SER C 270 -22.49 -12.32 -35.58
N SER C 271 -21.31 -11.72 -35.45
CA SER C 271 -20.47 -11.42 -36.61
C SER C 271 -20.01 -12.67 -37.32
N ILE D 18 49.80 -23.77 -25.72
CA ILE D 18 48.39 -24.06 -25.32
C ILE D 18 48.02 -23.24 -24.08
N PRO D 19 46.96 -22.44 -24.18
CA PRO D 19 46.44 -21.56 -23.13
C PRO D 19 45.70 -22.17 -21.95
N GLY D 20 45.79 -21.50 -20.81
CA GLY D 20 45.04 -21.95 -19.65
C GLY D 20 43.65 -21.51 -20.04
N ILE D 21 42.62 -21.90 -19.28
CA ILE D 21 41.26 -21.51 -19.66
C ILE D 21 40.39 -20.85 -18.58
N ILE D 22 39.41 -20.06 -19.04
CA ILE D 22 38.47 -19.38 -18.17
C ILE D 22 37.22 -19.05 -19.01
N MET D 23 36.06 -18.97 -18.35
CA MET D 23 34.79 -18.69 -19.04
C MET D 23 34.32 -17.23 -18.93
N PRO D 24 33.44 -16.81 -19.87
CA PRO D 24 32.90 -15.44 -19.89
C PRO D 24 31.38 -15.33 -19.73
N GLY D 25 30.89 -14.09 -19.69
CA GLY D 25 29.48 -13.84 -19.54
C GLY D 25 29.16 -12.35 -19.44
N LEU D 26 28.42 -11.83 -20.42
CA LEU D 26 28.05 -10.41 -20.46
C LEU D 26 27.21 -10.03 -19.24
N ARG D 27 27.13 -8.71 -19.00
CA ARG D 27 26.36 -8.18 -17.88
C ARG D 27 24.97 -8.80 -17.80
N ARG D 28 24.14 -8.51 -18.78
CA ARG D 28 22.78 -9.05 -18.81
C ARG D 28 22.73 -10.33 -19.61
N LEU D 29 21.54 -10.87 -19.74
CA LEU D 29 21.30 -12.10 -20.47
C LEU D 29 21.27 -11.87 -21.98
N THR D 30 21.41 -12.95 -22.74
CA THR D 30 21.38 -12.86 -24.20
C THR D 30 20.44 -13.91 -24.76
N ILE D 31 20.37 -13.97 -26.09
CA ILE D 31 19.51 -14.93 -26.76
C ILE D 31 19.93 -16.34 -26.41
N ARG D 32 21.22 -16.51 -26.15
CA ARG D 32 21.79 -17.81 -25.78
C ARG D 32 21.04 -18.41 -24.61
N ASP D 33 20.31 -17.55 -23.89
CA ASP D 33 19.55 -17.97 -22.72
C ASP D 33 18.11 -18.29 -23.08
N LEU D 34 17.67 -17.77 -24.22
CA LEU D 34 16.30 -17.97 -24.68
C LEU D 34 16.07 -19.36 -25.25
N LEU D 35 17.04 -19.85 -26.00
CA LEU D 35 16.94 -21.15 -26.62
C LEU D 35 17.31 -22.29 -25.67
N ALA D 36 16.57 -23.40 -25.78
CA ALA D 36 16.81 -24.57 -24.95
C ALA D 36 18.21 -25.11 -25.17
N GLN D 37 18.98 -25.22 -24.09
CA GLN D 37 20.35 -25.71 -24.14
C GLN D 37 20.45 -27.14 -24.67
N GLY D 38 21.65 -27.51 -25.08
CA GLY D 38 21.89 -28.84 -25.60
C GLY D 38 23.35 -29.00 -25.96
N ARG D 39 23.76 -30.21 -26.36
CA ARG D 39 25.14 -30.48 -26.73
C ARG D 39 25.20 -31.75 -27.59
N THR D 40 26.34 -31.95 -28.26
CA THR D 40 26.50 -33.12 -29.11
C THR D 40 27.97 -33.48 -29.30
N SER D 41 28.21 -34.69 -29.81
CA SER D 41 29.55 -35.17 -30.06
C SER D 41 29.72 -35.45 -31.55
N SER D 42 28.78 -34.95 -32.35
CA SER D 42 28.82 -35.15 -33.79
C SER D 42 29.04 -33.84 -34.52
N ASN D 43 29.62 -33.93 -35.71
CA ASN D 43 29.89 -32.75 -36.53
C ASN D 43 28.63 -32.18 -37.17
N ALA D 44 27.49 -32.74 -36.81
CA ALA D 44 26.21 -32.28 -37.36
C ALA D 44 25.10 -33.24 -36.97
N LEU D 45 23.87 -32.92 -37.36
CA LEU D 45 22.71 -33.75 -37.06
C LEU D 45 21.46 -33.24 -37.75
N GLU D 46 20.52 -34.15 -38.00
CA GLU D 46 19.28 -33.77 -38.66
C GLU D 46 18.16 -33.67 -37.66
N TYR D 47 17.01 -33.24 -38.15
CA TYR D 47 15.82 -33.09 -37.34
C TYR D 47 14.63 -32.86 -38.27
N VAL D 48 13.51 -32.43 -37.70
CA VAL D 48 12.32 -32.19 -38.50
C VAL D 48 11.66 -30.85 -38.26
N ARG D 49 10.95 -30.38 -39.28
CA ARG D 49 10.28 -29.10 -39.23
C ARG D 49 8.76 -29.22 -39.31
N GLU D 50 8.08 -28.67 -38.32
CA GLU D 50 6.63 -28.72 -38.30
C GLU D 50 6.11 -27.58 -39.17
N GLU D 51 6.08 -27.82 -40.46
CA GLU D 51 5.60 -26.83 -41.41
C GLU D 51 4.15 -26.55 -41.05
N VAL D 52 3.92 -25.64 -40.11
CA VAL D 52 2.57 -25.31 -39.72
C VAL D 52 2.01 -24.29 -40.68
N PHE D 53 0.96 -24.67 -41.40
CA PHE D 53 0.37 -23.72 -42.31
C PHE D 53 -0.55 -22.85 -41.49
N THR D 54 -0.72 -21.62 -41.95
CA THR D 54 -1.62 -20.68 -41.32
C THR D 54 -2.92 -21.04 -42.04
N ASN D 55 -3.29 -22.30 -41.90
CA ASN D 55 -4.48 -22.85 -42.54
C ASN D 55 -5.81 -22.52 -41.89
N ALA D 56 -6.79 -22.26 -42.74
CA ALA D 56 -8.13 -21.92 -42.33
C ALA D 56 -8.66 -22.95 -41.33
N PRO D 57 -9.74 -22.62 -40.62
CA PRO D 57 -10.36 -23.50 -39.62
C PRO D 57 -10.25 -25.00 -39.85
N GLY D 58 -10.23 -25.43 -41.11
CA GLY D 58 -10.14 -26.85 -41.41
C GLY D 58 -8.75 -27.32 -41.78
N ASP D 59 -8.49 -28.61 -41.55
CA ASP D 59 -7.18 -29.22 -41.83
C ASP D 59 -6.09 -28.19 -41.57
N SER D 60 -6.19 -27.53 -40.41
CA SER D 60 -5.20 -26.54 -40.04
C SER D 60 -3.95 -27.30 -39.59
N ASP D 61 -3.88 -28.54 -40.07
CA ASP D 61 -2.80 -29.47 -39.77
C ASP D 61 -1.39 -28.91 -39.94
N ILE D 62 -0.42 -29.72 -39.53
CA ILE D 62 0.99 -29.35 -39.59
C ILE D 62 1.77 -30.24 -40.55
N THR D 63 2.23 -29.68 -41.66
CA THR D 63 3.00 -30.48 -42.60
C THR D 63 4.36 -30.68 -41.97
N PHE D 64 5.10 -31.65 -42.48
CA PHE D 64 6.43 -31.92 -41.96
C PHE D 64 7.48 -31.77 -43.03
N SER D 65 8.70 -31.53 -42.60
CA SER D 65 9.81 -31.37 -43.51
C SER D 65 11.07 -31.96 -42.89
N LYS D 66 11.81 -32.72 -43.70
CA LYS D 66 13.06 -33.28 -43.22
C LYS D 66 13.99 -32.09 -43.29
N GLN D 67 14.88 -31.96 -42.32
CA GLN D 67 15.82 -30.85 -42.33
C GLN D 67 17.07 -31.29 -41.59
N THR D 68 18.19 -30.65 -41.90
CA THR D 68 19.46 -31.01 -41.30
C THR D 68 20.18 -29.85 -40.63
N ALA D 69 20.87 -30.16 -39.54
CA ALA D 69 21.63 -29.15 -38.79
C ALA D 69 23.12 -29.48 -38.86
N ASN D 70 23.94 -28.46 -39.11
CA ASN D 70 25.38 -28.65 -39.22
C ASN D 70 26.15 -27.79 -38.22
N VAL D 71 27.16 -28.39 -37.60
CA VAL D 71 27.99 -27.70 -36.62
C VAL D 71 28.86 -26.63 -37.28
N LYS D 72 28.71 -25.40 -36.81
CA LYS D 72 29.48 -24.28 -37.32
C LYS D 72 30.52 -23.83 -36.31
N THR D 73 31.47 -23.02 -36.78
CA THR D 73 32.54 -22.54 -35.92
C THR D 73 32.52 -21.02 -35.82
N ILE D 74 32.47 -20.52 -34.60
CA ILE D 74 32.46 -19.08 -34.36
C ILE D 74 33.73 -18.74 -33.58
N ALA D 75 34.48 -17.75 -34.06
CA ALA D 75 35.70 -17.36 -33.38
C ALA D 75 36.00 -15.88 -33.52
N HIS D 76 36.74 -15.35 -32.55
CA HIS D 76 37.13 -13.95 -32.54
C HIS D 76 38.64 -13.87 -32.34
N TRP D 77 39.27 -12.93 -33.06
CA TRP D 77 40.72 -12.78 -32.96
C TRP D 77 41.17 -11.35 -32.76
N VAL D 78 42.36 -11.21 -32.19
CA VAL D 78 42.96 -9.91 -31.89
C VAL D 78 44.43 -10.16 -31.56
N GLN D 79 45.28 -9.23 -31.95
CA GLN D 79 46.72 -9.36 -31.76
C GLN D 79 47.24 -8.56 -30.58
N ALA D 80 48.49 -8.81 -30.21
CA ALA D 80 49.13 -8.19 -29.05
C ALA D 80 50.63 -8.27 -29.29
N SER D 81 51.47 -7.93 -28.32
CA SER D 81 52.88 -8.06 -28.65
C SER D 81 53.75 -9.17 -28.08
N ARG D 82 53.14 -10.08 -27.31
CA ARG D 82 53.87 -11.20 -26.72
C ARG D 82 54.29 -11.03 -25.26
N GLN D 83 55.56 -11.31 -25.00
CA GLN D 83 56.15 -11.23 -23.67
C GLN D 83 55.19 -10.84 -22.56
N VAL D 84 54.91 -9.55 -22.47
CA VAL D 84 54.01 -9.02 -21.47
C VAL D 84 52.80 -9.93 -21.35
N MET D 85 52.35 -10.47 -22.47
CA MET D 85 51.22 -11.37 -22.48
C MET D 85 51.57 -12.71 -21.90
N ASP D 86 52.72 -13.24 -22.30
CA ASP D 86 53.15 -14.53 -21.80
C ASP D 86 53.77 -14.40 -20.44
N ASP D 87 53.37 -13.36 -19.73
CA ASP D 87 53.89 -13.16 -18.39
C ASP D 87 52.89 -12.44 -17.47
N ALA D 88 52.11 -11.51 -18.01
CA ALA D 88 51.16 -10.76 -17.20
C ALA D 88 49.69 -11.18 -17.34
N PRO D 89 48.90 -11.03 -16.25
CA PRO D 89 47.49 -11.39 -16.20
C PRO D 89 46.66 -10.82 -17.34
N MET D 90 47.25 -9.76 -17.88
CA MET D 90 46.74 -9.10 -19.01
C MET D 90 46.23 -10.23 -19.84
N LEU D 91 47.09 -11.23 -19.95
CA LEU D 91 46.79 -12.33 -20.85
C LEU D 91 45.34 -12.72 -20.64
N GLN D 92 44.93 -12.76 -19.37
CA GLN D 92 43.54 -13.06 -19.04
C GLN D 92 42.64 -11.87 -19.25
N SER D 93 43.03 -10.74 -18.68
CA SER D 93 42.27 -9.51 -18.79
C SER D 93 42.03 -9.12 -20.24
N TYR D 94 42.96 -9.50 -21.12
CA TYR D 94 42.88 -9.19 -22.54
C TYR D 94 41.84 -10.10 -23.22
N ILE D 95 41.65 -11.29 -22.67
CA ILE D 95 40.70 -12.25 -23.21
C ILE D 95 39.34 -12.14 -22.53
N ASN D 96 39.35 -12.24 -21.21
CA ASN D 96 38.13 -12.17 -20.42
C ASN D 96 37.28 -10.93 -20.64
N ASN D 97 37.93 -9.82 -20.92
CA ASN D 97 37.19 -8.60 -21.14
C ASN D 97 36.99 -8.31 -22.64
N ARG D 98 38.01 -8.53 -23.44
CA ARG D 98 37.93 -8.25 -24.88
C ARG D 98 37.50 -9.34 -25.85
N LEU D 99 38.24 -10.44 -25.88
CA LEU D 99 37.91 -11.54 -26.77
C LEU D 99 36.56 -12.15 -26.43
N MET D 100 36.45 -12.67 -25.22
CA MET D 100 35.20 -13.30 -24.76
C MET D 100 34.07 -12.30 -24.93
N TYR D 101 34.26 -11.10 -24.38
CA TYR D 101 33.26 -10.05 -24.46
C TYR D 101 32.68 -9.94 -25.87
N GLY D 102 33.56 -9.84 -26.86
CA GLY D 102 33.14 -9.73 -28.24
C GLY D 102 32.60 -11.03 -28.79
N LEU D 103 33.17 -12.15 -28.35
CA LEU D 103 32.73 -13.46 -28.80
C LEU D 103 31.24 -13.63 -28.61
N ALA D 104 30.81 -13.69 -27.35
CA ALA D 104 29.40 -13.85 -27.03
C ALA D 104 28.57 -12.77 -27.71
N LEU D 105 29.12 -11.56 -27.77
CA LEU D 105 28.44 -10.44 -28.39
C LEU D 105 28.25 -10.72 -29.88
N LYS D 106 29.28 -11.30 -30.49
CA LYS D 106 29.23 -11.64 -31.92
C LYS D 106 28.32 -12.84 -32.11
N GLU D 107 28.33 -13.74 -31.14
CA GLU D 107 27.51 -14.95 -31.20
C GLU D 107 26.05 -14.60 -31.45
N GLU D 108 25.52 -13.66 -30.67
CA GLU D 108 24.14 -13.24 -30.82
C GLU D 108 23.80 -12.97 -32.29
N GLY D 109 24.64 -12.18 -32.94
CA GLY D 109 24.42 -11.86 -34.34
C GLY D 109 24.04 -13.06 -35.18
N GLN D 110 24.81 -14.13 -35.08
CA GLN D 110 24.55 -15.34 -35.84
C GLN D 110 23.18 -15.92 -35.52
N LEU D 111 22.96 -16.21 -34.24
CA LEU D 111 21.67 -16.76 -33.80
C LEU D 111 20.55 -15.85 -34.26
N LEU D 112 20.72 -14.55 -34.00
CA LEU D 112 19.70 -13.56 -34.36
C LEU D 112 19.58 -13.16 -35.84
N ASN D 113 20.66 -12.64 -36.40
CA ASN D 113 20.67 -12.20 -37.80
C ASN D 113 21.47 -13.09 -38.75
N GLY D 114 21.62 -14.36 -38.38
CA GLY D 114 22.37 -15.29 -39.22
C GLY D 114 22.17 -15.65 -40.68
N ASP D 115 23.21 -15.47 -41.50
CA ASP D 115 23.10 -15.68 -42.93
C ASP D 115 22.96 -17.14 -43.42
N GLY D 116 23.45 -18.09 -42.66
CA GLY D 116 23.51 -19.48 -43.11
C GLY D 116 24.63 -20.01 -43.98
N THR D 117 24.89 -19.34 -45.09
CA THR D 117 25.95 -19.76 -46.00
C THR D 117 27.30 -19.76 -45.30
N GLY D 118 28.14 -20.74 -45.64
CA GLY D 118 29.45 -20.83 -45.02
C GLY D 118 29.36 -21.08 -43.52
N ASP D 119 30.24 -20.43 -42.77
CA ASP D 119 30.27 -20.60 -41.32
C ASP D 119 29.10 -19.88 -40.66
N ASN D 120 28.27 -19.24 -41.47
CA ASN D 120 27.11 -18.50 -40.95
C ASN D 120 26.01 -19.46 -40.49
N LEU D 121 25.39 -19.12 -39.37
CA LEU D 121 24.32 -19.94 -38.81
C LEU D 121 22.99 -19.51 -39.39
N GLU D 122 22.09 -20.47 -39.59
CA GLU D 122 20.77 -20.18 -40.13
C GLU D 122 20.05 -19.29 -39.12
N GLY D 123 20.09 -17.99 -39.36
CA GLY D 123 19.46 -17.03 -38.47
C GLY D 123 17.97 -17.22 -38.24
N LEU D 124 17.53 -16.90 -37.03
CA LEU D 124 16.12 -17.00 -36.66
C LEU D 124 15.29 -16.08 -37.54
N ASN D 125 15.63 -14.79 -37.51
CA ASN D 125 14.93 -13.79 -38.30
C ASN D 125 14.65 -14.24 -39.72
N LYS D 126 15.61 -14.93 -40.32
CA LYS D 126 15.45 -15.43 -41.68
C LYS D 126 14.38 -16.51 -41.76
N VAL D 127 14.47 -17.48 -40.85
CA VAL D 127 13.52 -18.58 -40.81
C VAL D 127 12.21 -18.18 -40.15
N ALA D 128 12.28 -17.22 -39.24
CA ALA D 128 11.10 -16.74 -38.53
C ALA D 128 9.99 -16.30 -39.47
N THR D 129 8.75 -16.42 -39.02
CA THR D 129 7.60 -16.04 -39.82
C THR D 129 7.35 -14.54 -39.73
N ALA D 130 7.10 -13.92 -40.87
CA ALA D 130 6.86 -12.48 -40.92
C ALA D 130 5.66 -12.10 -40.07
N TYR D 131 5.49 -10.80 -39.84
CA TYR D 131 4.37 -10.29 -39.05
C TYR D 131 3.15 -10.09 -39.94
N ASP D 132 1.96 -10.13 -39.33
CA ASP D 132 0.72 -9.95 -40.07
C ASP D 132 0.23 -8.52 -39.93
N THR D 133 0.69 -7.64 -40.82
CA THR D 133 0.29 -6.24 -40.80
C THR D 133 -1.23 -6.10 -40.89
N SER D 134 -1.86 -7.09 -41.53
CA SER D 134 -3.31 -7.07 -41.68
C SER D 134 -4.07 -7.25 -40.37
N LEU D 135 -3.31 -7.16 -39.30
CA LEU D 135 -3.81 -7.48 -37.99
C LEU D 135 -3.79 -6.32 -36.99
N ASN D 136 -3.32 -5.18 -37.42
CA ASN D 136 -3.38 -3.91 -36.70
C ASN D 136 -4.61 -3.09 -37.06
N ALA D 137 -5.10 -2.32 -36.09
CA ALA D 137 -6.25 -1.50 -36.30
C ALA D 137 -5.66 -0.10 -36.43
N THR D 138 -6.53 0.91 -36.39
CA THR D 138 -6.08 2.30 -36.50
C THR D 138 -5.30 3.10 -35.46
N GLY D 139 -5.89 3.26 -34.28
CA GLY D 139 -5.22 4.00 -33.22
C GLY D 139 -4.34 3.03 -32.46
N ASP D 140 -3.30 2.53 -33.11
CA ASP D 140 -2.38 1.58 -32.48
C ASP D 140 -1.02 2.22 -32.23
N THR D 141 -0.40 1.83 -31.13
CA THR D 141 0.91 2.34 -30.76
C THR D 141 1.89 1.18 -30.81
N ARG D 142 3.17 1.47 -30.61
CA ARG D 142 4.19 0.42 -30.63
C ARG D 142 3.80 -0.68 -29.66
N ALA D 143 3.33 -0.29 -28.48
CA ALA D 143 2.93 -1.25 -27.46
C ALA D 143 1.89 -2.22 -28.00
N ASP D 144 0.86 -1.69 -28.65
CA ASP D 144 -0.21 -2.51 -29.21
C ASP D 144 0.35 -3.56 -30.17
N ILE D 145 1.22 -3.10 -31.09
CA ILE D 145 1.82 -3.99 -32.06
C ILE D 145 2.41 -5.24 -31.41
N ILE D 146 3.29 -5.04 -30.43
CA ILE D 146 3.92 -6.15 -29.72
C ILE D 146 2.84 -7.11 -29.23
N ALA D 147 1.76 -6.56 -28.71
CA ALA D 147 0.66 -7.38 -28.21
C ALA D 147 0.17 -8.27 -29.35
N HIS D 148 -0.14 -7.65 -30.48
CA HIS D 148 -0.60 -8.38 -31.65
C HIS D 148 0.38 -9.49 -31.96
N ALA D 149 1.66 -9.19 -31.79
CA ALA D 149 2.73 -10.15 -32.03
C ALA D 149 2.61 -11.34 -31.09
N ILE D 150 2.52 -11.06 -29.80
CA ILE D 150 2.39 -12.12 -28.80
C ILE D 150 1.24 -13.04 -29.18
N TYR D 151 0.26 -12.50 -29.89
CA TYR D 151 -0.90 -13.25 -30.33
C TYR D 151 -0.57 -14.22 -31.46
N GLN D 152 -0.08 -13.66 -32.57
CA GLN D 152 0.28 -14.45 -33.74
C GLN D 152 1.22 -15.61 -33.41
N VAL D 153 1.83 -15.55 -32.23
CA VAL D 153 2.76 -16.58 -31.79
C VAL D 153 1.99 -17.81 -31.33
N THR D 154 0.73 -17.62 -30.98
CA THR D 154 -0.11 -18.72 -30.51
C THR D 154 -0.65 -19.55 -31.67
N GLU D 155 -0.81 -18.93 -32.83
CA GLU D 155 -1.32 -19.63 -34.01
C GLU D 155 -0.44 -20.83 -34.34
N SER D 156 0.73 -20.90 -33.72
CA SER D 156 1.65 -22.01 -33.95
C SER D 156 1.51 -23.04 -32.85
N GLU D 157 0.42 -22.94 -32.09
CA GLU D 157 0.15 -23.86 -30.99
C GLU D 157 1.18 -23.69 -29.88
N PHE D 158 1.87 -22.55 -29.89
CA PHE D 158 2.88 -22.25 -28.88
C PHE D 158 2.66 -20.87 -28.28
N SER D 159 2.99 -20.73 -27.00
CA SER D 159 2.83 -19.45 -26.32
C SER D 159 4.10 -18.62 -26.41
N ALA D 160 3.94 -17.30 -26.39
CA ALA D 160 5.08 -16.40 -26.49
C ALA D 160 6.10 -16.71 -25.40
N SER D 161 7.36 -16.42 -25.67
CA SER D 161 8.42 -16.68 -24.71
C SER D 161 9.66 -15.84 -24.99
N GLY D 162 9.64 -14.59 -24.53
CA GLY D 162 10.77 -13.71 -24.75
C GLY D 162 10.57 -12.70 -25.86
N ILE D 163 11.15 -11.51 -25.68
CA ILE D 163 11.04 -10.45 -26.68
C ILE D 163 12.44 -9.99 -27.07
N VAL D 164 12.60 -9.58 -28.32
CA VAL D 164 13.89 -9.13 -28.81
C VAL D 164 13.80 -7.82 -29.58
N LEU D 165 14.14 -6.72 -28.91
CA LEU D 165 14.13 -5.39 -29.52
C LEU D 165 15.50 -4.76 -29.41
N ASN D 166 15.66 -3.60 -30.04
CA ASN D 166 16.93 -2.89 -30.00
C ASN D 166 16.89 -1.86 -28.88
N PRO D 167 18.01 -1.69 -28.15
CA PRO D 167 18.07 -0.74 -27.05
C PRO D 167 17.48 0.63 -27.40
N ARG D 168 17.85 1.15 -28.56
CA ARG D 168 17.36 2.46 -29.00
C ARG D 168 15.85 2.45 -29.18
N ASP D 169 15.27 1.27 -29.27
CA ASP D 169 13.82 1.12 -29.44
C ASP D 169 13.16 0.75 -28.12
N TRP D 170 13.77 -0.19 -27.40
CA TRP D 170 13.24 -0.65 -26.12
C TRP D 170 13.11 0.56 -25.19
N HIS D 171 14.16 1.37 -25.13
CA HIS D 171 14.16 2.56 -24.29
C HIS D 171 12.90 3.39 -24.52
N ASN D 172 12.44 3.41 -25.77
CA ASN D 172 11.24 4.16 -26.14
C ASN D 172 10.02 3.61 -25.41
N ILE D 173 9.68 2.36 -25.71
CA ILE D 173 8.53 1.69 -25.09
C ILE D 173 8.62 1.77 -23.57
N ALA D 174 9.84 1.72 -23.05
CA ALA D 174 10.07 1.77 -21.61
C ALA D 174 9.36 2.96 -20.96
N LEU D 175 9.24 4.05 -21.70
CA LEU D 175 8.60 5.26 -21.19
C LEU D 175 7.53 5.81 -22.13
N LEU D 176 6.27 5.50 -21.82
CA LEU D 176 5.14 5.97 -22.62
C LEU D 176 3.99 6.39 -21.73
N LYS D 177 3.29 7.25 -22.25
CA LYS D 177 2.09 7.65 -21.52
C LYS D 177 0.86 7.07 -22.20
N ASP D 178 -0.18 6.80 -21.42
CA ASP D 178 -1.43 6.23 -21.95
C ASP D 178 -2.48 7.31 -22.19
N ASN D 179 -2.12 8.32 -22.97
CA ASN D 179 -3.04 9.43 -23.24
C ASN D 179 -3.21 10.16 -21.92
N GLU D 180 -2.46 9.69 -20.92
CA GLU D 180 -2.46 10.26 -19.58
C GLU D 180 -1.05 9.98 -19.03
N GLY D 181 -0.54 10.88 -18.19
CA GLY D 181 0.80 10.73 -17.62
C GLY D 181 1.24 9.33 -17.24
N ARG D 182 0.26 8.46 -17.00
CA ARG D 182 0.50 7.08 -16.61
C ARG D 182 1.58 6.36 -17.43
N TYR D 183 2.54 5.76 -16.75
CA TYR D 183 3.61 5.01 -17.43
C TYR D 183 3.13 3.57 -17.65
N ILE D 184 3.49 3.00 -18.80
CA ILE D 184 3.11 1.62 -19.11
C ILE D 184 4.29 0.72 -18.85
N PHE D 185 4.01 -0.53 -18.48
CA PHE D 185 5.06 -1.49 -18.18
C PHE D 185 5.80 -1.04 -16.91
N GLY D 186 5.59 0.21 -16.53
CA GLY D 186 6.24 0.75 -15.36
C GLY D 186 7.28 1.77 -15.76
N GLY D 187 7.82 2.49 -14.78
CA GLY D 187 8.83 3.49 -15.06
C GLY D 187 10.13 2.90 -15.54
N PRO D 188 11.12 3.73 -15.92
CA PRO D 188 12.40 3.21 -16.38
C PRO D 188 13.14 2.55 -15.22
N GLN D 189 13.09 1.22 -15.17
CA GLN D 189 13.76 0.46 -14.11
C GLN D 189 14.64 -0.59 -14.76
N ALA D 190 15.86 -0.22 -15.16
CA ALA D 190 16.71 -1.19 -15.84
C ALA D 190 15.74 -1.79 -16.84
N PHE D 191 14.91 -0.91 -17.40
CA PHE D 191 13.86 -1.23 -18.36
C PHE D 191 13.93 -2.61 -18.99
N THR D 192 15.13 -3.05 -19.38
CA THR D 192 15.29 -4.36 -19.97
C THR D 192 14.94 -5.42 -18.92
N SER D 193 15.61 -5.36 -17.78
CA SER D 193 15.35 -6.28 -16.68
C SER D 193 13.87 -6.07 -16.38
N ASN D 194 13.46 -4.82 -16.53
CA ASN D 194 12.08 -4.40 -16.33
C ASN D 194 11.31 -5.01 -17.49
N ILE D 195 11.37 -6.34 -17.59
CA ILE D 195 10.72 -7.09 -18.65
C ILE D 195 9.23 -6.79 -18.76
N MET D 196 8.73 -6.71 -19.99
CA MET D 196 7.33 -6.41 -20.21
C MET D 196 6.49 -7.66 -20.30
N TRP D 197 5.26 -7.57 -19.84
CA TRP D 197 4.32 -8.68 -19.88
C TRP D 197 4.94 -9.97 -19.34
N GLY D 198 5.71 -9.84 -18.26
CA GLY D 198 6.34 -10.99 -17.66
C GLY D 198 7.45 -11.54 -18.52
N LEU D 199 7.19 -11.64 -19.83
CA LEU D 199 8.15 -12.15 -20.77
C LEU D 199 9.44 -11.34 -20.73
N PRO D 200 10.59 -12.03 -20.83
CA PRO D 200 11.91 -11.38 -20.80
C PRO D 200 12.19 -10.57 -22.07
N VAL D 201 13.13 -9.62 -21.97
CA VAL D 201 13.49 -8.77 -23.10
C VAL D 201 15.01 -8.75 -23.30
N VAL D 202 15.45 -8.85 -24.55
CA VAL D 202 16.89 -8.85 -24.83
C VAL D 202 17.29 -7.83 -25.89
N PRO D 203 17.62 -6.60 -25.46
CA PRO D 203 18.04 -5.52 -26.36
C PRO D 203 19.53 -5.61 -26.68
N THR D 204 19.85 -6.01 -27.91
CA THR D 204 21.24 -6.15 -28.32
C THR D 204 21.51 -5.32 -29.57
N LYS D 205 22.78 -5.23 -29.96
CA LYS D 205 23.15 -4.48 -31.14
C LYS D 205 22.94 -5.33 -32.39
N ALA D 206 22.79 -6.64 -32.19
CA ALA D 206 22.58 -7.56 -33.30
C ALA D 206 21.30 -7.19 -34.06
N GLN D 207 20.19 -7.14 -33.34
CA GLN D 207 18.90 -6.80 -33.91
C GLN D 207 18.91 -5.39 -34.49
N ALA D 208 18.28 -5.21 -35.65
CA ALA D 208 18.23 -3.91 -36.31
C ALA D 208 17.29 -2.94 -35.63
N ALA D 209 17.49 -1.65 -35.90
CA ALA D 209 16.64 -0.62 -35.32
C ALA D 209 15.29 -0.62 -36.01
N GLY D 210 14.22 -0.63 -35.21
CA GLY D 210 12.88 -0.65 -35.78
C GLY D 210 12.43 -2.07 -36.06
N THR D 211 13.36 -3.00 -35.98
CA THR D 211 13.09 -4.42 -36.25
C THR D 211 12.99 -5.18 -34.94
N PHE D 212 12.06 -6.14 -34.88
CA PHE D 212 11.89 -6.95 -33.67
C PHE D 212 11.55 -8.39 -34.00
N THR D 213 11.73 -9.26 -33.02
CA THR D 213 11.44 -10.68 -33.18
C THR D 213 10.98 -11.26 -31.85
N VAL D 214 9.89 -12.01 -31.89
CA VAL D 214 9.34 -12.62 -30.69
C VAL D 214 8.96 -14.08 -30.99
N GLY D 215 8.41 -14.76 -30.01
CA GLY D 215 8.02 -16.16 -30.21
C GLY D 215 8.31 -17.03 -29.00
N GLY D 216 8.06 -18.32 -29.13
CA GLY D 216 8.30 -19.23 -28.03
C GLY D 216 9.69 -19.85 -28.08
N PHE D 217 10.70 -19.00 -27.95
CA PHE D 217 12.09 -19.45 -27.98
C PHE D 217 12.31 -20.62 -27.04
N ASP D 218 11.41 -20.71 -26.14
CA ASP D 218 11.48 -21.78 -25.15
C ASP D 218 11.34 -23.16 -25.80
N MET D 219 10.49 -23.24 -26.82
CA MET D 219 10.26 -24.51 -27.50
C MET D 219 10.44 -24.39 -29.02
N ALA D 220 10.43 -23.15 -29.52
CA ALA D 220 10.58 -22.89 -30.94
C ALA D 220 11.82 -23.55 -31.54
N SER D 221 12.97 -23.32 -30.92
CA SER D 221 14.22 -23.90 -31.40
C SER D 221 15.09 -24.36 -30.23
N GLN D 222 16.16 -25.08 -30.54
CA GLN D 222 17.07 -25.58 -29.53
C GLN D 222 18.52 -25.38 -29.97
N VAL D 223 19.44 -25.36 -29.02
CA VAL D 223 20.84 -25.16 -29.33
C VAL D 223 21.71 -26.32 -28.86
N PHE D 224 22.75 -26.63 -29.65
CA PHE D 224 23.67 -27.70 -29.33
C PHE D 224 25.11 -27.21 -29.31
N ASP D 225 25.83 -27.52 -28.23
CA ASP D 225 27.22 -27.11 -28.09
C ASP D 225 28.13 -28.29 -28.39
N ARG D 226 28.93 -28.15 -29.46
CA ARG D 226 29.85 -29.21 -29.87
C ARG D 226 31.22 -29.03 -29.24
N MET D 227 31.55 -27.82 -29.06
CA MET D 227 32.84 -27.46 -28.49
C MET D 227 32.80 -26.14 -27.74
N ASP D 228 33.40 -26.12 -26.56
CA ASP D 228 33.43 -24.92 -25.76
C ASP D 228 34.34 -23.88 -26.39
N ALA D 229 34.50 -22.76 -25.70
CA ALA D 229 35.33 -21.67 -26.18
C ALA D 229 36.79 -21.91 -25.86
N THR D 230 37.59 -22.11 -26.90
CA THR D 230 39.01 -22.36 -26.72
C THR D 230 39.85 -21.24 -27.34
N VAL D 231 40.98 -20.94 -26.72
CA VAL D 231 41.86 -19.88 -27.22
C VAL D 231 43.23 -20.36 -27.68
N GLU D 232 43.69 -19.80 -28.78
CA GLU D 232 44.98 -20.17 -29.32
C GLU D 232 45.73 -18.95 -29.76
N VAL D 233 47.05 -19.03 -29.68
CA VAL D 233 47.91 -17.94 -30.07
C VAL D 233 48.56 -18.29 -31.38
N SER D 234 49.27 -17.32 -31.94
CA SER D 234 49.91 -17.54 -33.22
C SER D 234 51.40 -17.29 -33.20
N ARG D 235 51.76 -16.02 -33.42
CA ARG D 235 53.14 -15.57 -33.48
C ARG D 235 53.78 -15.98 -34.78
N GLU D 236 53.08 -16.80 -35.57
CA GLU D 236 53.63 -17.29 -36.84
C GLU D 236 52.71 -17.01 -38.04
N ASP D 237 51.57 -16.39 -37.78
CA ASP D 237 50.57 -16.10 -38.83
C ASP D 237 50.94 -15.02 -39.84
N ARG D 238 50.43 -15.19 -41.07
CA ARG D 238 50.64 -14.22 -42.12
C ARG D 238 52.04 -13.65 -42.00
N ASP D 239 52.11 -12.34 -41.82
CA ASP D 239 53.36 -11.64 -41.69
C ASP D 239 53.57 -11.09 -40.27
N ASN D 240 53.12 -11.86 -39.27
CA ASN D 240 53.22 -11.45 -37.87
C ASN D 240 54.55 -11.77 -37.18
N PHE D 241 55.35 -12.63 -37.80
CA PHE D 241 56.64 -13.02 -37.24
C PHE D 241 57.59 -11.83 -37.20
N VAL D 242 57.54 -10.99 -38.22
CA VAL D 242 58.38 -9.80 -38.31
C VAL D 242 57.96 -8.80 -37.25
N LYS D 243 56.79 -8.21 -37.44
CA LYS D 243 56.30 -7.24 -36.50
C LYS D 243 55.98 -7.82 -35.14
N ASN D 244 56.28 -9.11 -34.97
CA ASN D 244 56.07 -9.82 -33.70
C ASN D 244 54.71 -9.59 -33.03
N MET D 245 53.65 -9.64 -33.82
CA MET D 245 52.29 -9.42 -33.32
C MET D 245 51.53 -10.74 -33.17
N LEU D 246 51.72 -11.41 -32.04
CA LEU D 246 51.05 -12.67 -31.80
C LEU D 246 49.54 -12.52 -31.92
N THR D 247 48.93 -13.48 -32.60
CA THR D 247 47.49 -13.45 -32.80
C THR D 247 46.80 -14.46 -31.93
N ILE D 248 45.90 -13.96 -31.12
CA ILE D 248 45.16 -14.82 -30.22
C ILE D 248 43.84 -15.08 -30.87
N LEU D 249 43.42 -16.32 -30.77
CA LEU D 249 42.15 -16.71 -31.33
C LEU D 249 41.36 -17.50 -30.31
N CYS D 250 40.04 -17.35 -30.37
CA CYS D 250 39.16 -18.08 -29.49
C CYS D 250 37.93 -18.48 -30.28
N GLU D 251 37.68 -19.78 -30.30
CA GLU D 251 36.56 -20.31 -31.03
C GLU D 251 35.66 -21.20 -30.20
N GLU D 252 34.69 -21.79 -30.87
CA GLU D 252 33.72 -22.66 -30.24
C GLU D 252 32.94 -23.29 -31.36
N ARG D 253 32.29 -24.40 -31.06
CA ARG D 253 31.52 -25.08 -32.07
C ARG D 253 30.11 -25.32 -31.55
N LEU D 254 29.13 -25.12 -32.43
CA LEU D 254 27.72 -25.30 -32.07
C LEU D 254 26.82 -25.46 -33.31
N ALA D 255 25.52 -25.63 -33.08
CA ALA D 255 24.56 -25.79 -34.16
C ALA D 255 23.19 -25.28 -33.75
N LEU D 256 22.64 -24.38 -34.54
CA LEU D 256 21.33 -23.82 -34.25
C LEU D 256 20.26 -24.53 -35.08
N ALA D 257 19.21 -24.98 -34.40
CA ALA D 257 18.12 -25.69 -35.07
C ALA D 257 16.79 -24.98 -34.89
N HIS D 258 16.03 -24.90 -35.97
CA HIS D 258 14.70 -24.28 -35.95
C HIS D 258 13.61 -25.31 -36.19
N TYR D 259 12.90 -25.67 -35.12
CA TYR D 259 11.85 -26.66 -35.21
C TYR D 259 10.52 -26.22 -35.82
N ARG D 260 9.90 -25.21 -35.22
CA ARG D 260 8.63 -24.70 -35.72
C ARG D 260 8.80 -23.20 -35.92
N PRO D 261 9.32 -22.79 -37.10
CA PRO D 261 9.55 -21.39 -37.44
C PRO D 261 8.31 -20.53 -37.22
N THR D 262 7.14 -21.15 -37.33
CA THR D 262 5.87 -20.46 -37.15
C THR D 262 5.74 -19.99 -35.70
N ALA D 263 6.62 -20.48 -34.84
CA ALA D 263 6.60 -20.11 -33.43
C ALA D 263 7.41 -18.84 -33.19
N ILE D 264 7.83 -18.20 -34.27
CA ILE D 264 8.61 -16.97 -34.17
C ILE D 264 8.17 -15.97 -35.24
N ILE D 265 7.88 -14.74 -34.83
CA ILE D 265 7.45 -13.70 -35.76
C ILE D 265 8.43 -12.54 -35.84
N LYS D 266 8.57 -11.99 -37.04
CA LYS D 266 9.47 -10.86 -37.27
C LYS D 266 8.71 -9.73 -37.97
N GLY D 267 8.77 -8.53 -37.41
CA GLY D 267 8.08 -7.40 -38.00
C GLY D 267 8.88 -6.12 -37.92
N THR D 268 8.22 -5.00 -38.21
CA THR D 268 8.86 -3.69 -38.18
C THR D 268 7.82 -2.57 -38.04
N PHE D 269 8.16 -1.55 -37.26
CA PHE D 269 7.28 -0.42 -37.05
C PHE D 269 7.32 0.51 -38.26
N SER D 270 6.62 0.12 -39.32
CA SER D 270 6.58 0.91 -40.55
C SER D 270 6.26 2.37 -40.26
N SER D 271 7.29 3.22 -40.29
CA SER D 271 7.13 4.63 -40.03
C SER D 271 6.63 5.37 -41.27
N GLN E 17 48.60 2.18 4.26
CA GLN E 17 48.56 0.69 4.31
C GLN E 17 47.74 0.08 3.18
N ILE E 18 47.21 -1.11 3.43
CA ILE E 18 46.40 -1.84 2.47
C ILE E 18 44.90 -1.67 2.71
N PRO E 19 44.19 -1.06 1.75
CA PRO E 19 42.75 -0.82 1.86
C PRO E 19 41.93 -2.04 1.43
N GLY E 20 40.64 -1.83 1.25
CA GLY E 20 39.76 -2.90 0.83
C GLY E 20 38.97 -2.57 -0.42
N ILE E 21 38.15 -1.51 -0.34
CA ILE E 21 37.33 -1.08 -1.48
C ILE E 21 36.95 0.41 -1.42
N ILE E 22 36.92 1.03 -2.59
CA ILE E 22 36.60 2.45 -2.78
C ILE E 22 35.20 2.95 -2.41
N MET E 23 34.22 2.66 -3.28
CA MET E 23 32.82 3.05 -3.09
C MET E 23 32.44 4.52 -3.11
N PRO E 24 32.50 5.16 -4.28
CA PRO E 24 32.15 6.58 -4.43
C PRO E 24 30.63 6.71 -4.46
N GLY E 25 30.14 7.92 -4.69
CA GLY E 25 28.69 8.15 -4.72
C GLY E 25 27.89 7.13 -5.50
N LEU E 26 28.26 6.90 -6.76
CA LEU E 26 27.59 5.95 -7.64
C LEU E 26 26.26 6.45 -8.18
N ARG E 27 26.07 7.76 -8.19
CA ARG E 27 24.83 8.35 -8.71
C ARG E 27 24.98 8.50 -10.22
N ARG E 28 26.13 8.07 -10.73
CA ARG E 28 26.47 8.16 -12.15
C ARG E 28 27.67 7.26 -12.44
N LEU E 29 27.70 6.64 -13.60
CA LEU E 29 28.80 5.75 -13.97
C LEU E 29 29.89 6.50 -14.74
N THR E 30 31.07 6.62 -14.12
CA THR E 30 32.18 7.32 -14.74
C THR E 30 32.66 6.61 -15.99
N ILE E 31 33.46 7.32 -16.77
CA ILE E 31 34.00 6.76 -18.01
C ILE E 31 34.69 5.43 -17.72
N ARG E 32 35.31 5.34 -16.54
CA ARG E 32 36.00 4.13 -16.12
C ARG E 32 35.04 2.95 -16.26
N ASP E 33 33.83 3.13 -15.74
CA ASP E 33 32.81 2.11 -15.79
C ASP E 33 32.36 1.92 -17.23
N LEU E 34 32.45 2.99 -18.01
CA LEU E 34 32.06 2.96 -19.41
C LEU E 34 33.05 2.15 -20.24
N LEU E 35 34.33 2.41 -20.04
CA LEU E 35 35.40 1.73 -20.76
C LEU E 35 35.54 0.28 -20.32
N ALA E 36 36.26 -0.51 -21.11
CA ALA E 36 36.48 -1.91 -20.80
C ALA E 36 37.53 -2.02 -19.69
N GLN E 37 37.27 -2.88 -18.72
CA GLN E 37 38.18 -3.06 -17.59
C GLN E 37 39.40 -3.92 -17.95
N GLY E 38 40.53 -3.62 -17.32
CA GLY E 38 41.76 -4.36 -17.59
C GLY E 38 42.76 -4.22 -16.47
N ARG E 39 43.73 -5.13 -16.42
CA ARG E 39 44.74 -5.11 -15.37
C ARG E 39 46.09 -5.66 -15.85
N THR E 40 47.12 -4.80 -15.82
CA THR E 40 48.47 -5.20 -16.23
C THR E 40 49.40 -5.30 -15.02
N SER E 41 50.54 -5.94 -15.21
CA SER E 41 51.51 -6.11 -14.12
C SER E 41 52.86 -5.47 -14.44
N SER E 42 53.05 -5.10 -15.70
CA SER E 42 54.30 -4.47 -16.12
C SER E 42 54.17 -2.96 -16.07
N ASN E 43 55.30 -2.29 -15.84
CA ASN E 43 55.32 -0.85 -15.76
C ASN E 43 55.22 -0.23 -17.15
N ALA E 44 54.84 -1.07 -18.12
CA ALA E 44 54.70 -0.65 -19.50
C ALA E 44 54.06 -1.80 -20.25
N LEU E 45 53.50 -1.51 -21.43
CA LEU E 45 52.87 -2.56 -22.21
C LEU E 45 52.68 -2.17 -23.68
N GLU E 46 52.89 -3.13 -24.57
CA GLU E 46 52.73 -2.91 -26.00
C GLU E 46 51.42 -3.52 -26.47
N TYR E 47 50.93 -3.07 -27.62
CA TYR E 47 49.68 -3.58 -28.17
C TYR E 47 49.55 -3.17 -29.63
N VAL E 48 48.55 -3.72 -30.31
CA VAL E 48 48.33 -3.41 -31.72
C VAL E 48 47.08 -2.58 -31.93
N ARG E 49 47.26 -1.34 -32.35
CA ARG E 49 46.14 -0.45 -32.60
C ARG E 49 45.57 -0.76 -33.99
N GLU E 50 44.26 -0.97 -34.05
CA GLU E 50 43.60 -1.28 -35.31
C GLU E 50 43.36 -0.01 -36.11
N GLU E 51 44.36 0.39 -36.87
CA GLU E 51 44.25 1.57 -37.70
C GLU E 51 43.18 1.30 -38.74
N VAL E 52 41.93 1.55 -38.37
CA VAL E 52 40.83 1.30 -39.30
C VAL E 52 40.69 2.50 -40.22
N PHE E 53 40.86 2.28 -41.51
CA PHE E 53 40.71 3.39 -42.42
C PHE E 53 39.23 3.53 -42.72
N THR E 54 38.80 4.76 -42.95
CA THR E 54 37.42 5.03 -43.31
C THR E 54 37.49 4.81 -44.81
N ASN E 55 37.91 3.60 -45.16
CA ASN E 55 38.09 3.20 -46.55
C ASN E 55 36.84 2.87 -47.32
N ALA E 56 36.80 3.34 -48.57
CA ALA E 56 35.69 3.11 -49.46
C ALA E 56 35.30 1.64 -49.47
N PRO E 57 34.08 1.32 -49.94
CA PRO E 57 33.52 -0.02 -50.02
C PRO E 57 34.45 -1.23 -50.18
N GLY E 58 35.48 -1.12 -51.01
CA GLY E 58 36.39 -2.24 -51.24
C GLY E 58 37.28 -2.72 -50.11
N ASP E 59 38.58 -2.46 -50.24
CA ASP E 59 39.55 -2.85 -49.23
C ASP E 59 39.36 -1.94 -48.03
N SER E 60 38.23 -2.13 -47.35
CA SER E 60 37.92 -1.33 -46.18
C SER E 60 38.59 -1.96 -44.97
N ASP E 61 39.61 -2.76 -45.26
CA ASP E 61 40.38 -3.45 -44.24
C ASP E 61 41.08 -2.49 -43.28
N ILE E 62 41.33 -2.98 -42.07
CA ILE E 62 41.99 -2.18 -41.05
C ILE E 62 43.47 -2.51 -40.91
N THR E 63 44.31 -1.48 -41.04
CA THR E 63 45.75 -1.65 -40.91
C THR E 63 46.08 -1.85 -39.44
N PHE E 64 47.13 -2.62 -39.19
CA PHE E 64 47.54 -2.89 -37.82
C PHE E 64 48.80 -2.11 -37.47
N SER E 65 48.61 -1.07 -36.65
CA SER E 65 49.72 -0.22 -36.22
C SER E 65 50.14 -0.55 -34.79
N LYS E 66 51.42 -0.83 -34.63
CA LYS E 66 52.01 -1.16 -33.34
C LYS E 66 52.04 0.08 -32.46
N GLN E 67 51.80 -0.10 -31.16
CA GLN E 67 51.81 1.02 -30.22
C GLN E 67 52.42 0.61 -28.89
N THR E 68 52.47 1.55 -27.96
CA THR E 68 53.01 1.30 -26.63
C THR E 68 52.32 2.19 -25.60
N ALA E 69 52.03 1.61 -24.44
CA ALA E 69 51.36 2.33 -23.36
C ALA E 69 52.24 2.47 -22.13
N ASN E 70 52.29 3.69 -21.58
CA ASN E 70 53.10 3.97 -20.40
C ASN E 70 52.22 3.92 -19.16
N VAL E 71 52.79 3.41 -18.06
CA VAL E 71 52.05 3.33 -16.81
C VAL E 71 52.26 4.57 -15.96
N LYS E 72 51.33 5.51 -16.05
CA LYS E 72 51.41 6.73 -15.28
C LYS E 72 50.85 6.53 -13.88
N THR E 73 50.72 7.61 -13.13
CA THR E 73 50.20 7.55 -11.77
C THR E 73 49.14 8.63 -11.58
N ILE E 74 48.28 8.42 -10.60
CA ILE E 74 47.21 9.37 -10.31
C ILE E 74 46.87 9.37 -8.81
N ALA E 75 46.55 10.54 -8.28
CA ALA E 75 46.19 10.66 -6.87
C ALA E 75 45.58 12.03 -6.54
N HIS E 76 44.93 12.09 -5.38
CA HIS E 76 44.26 13.31 -4.90
C HIS E 76 44.75 13.62 -3.49
N TRP E 77 44.97 14.90 -3.17
CA TRP E 77 45.48 15.23 -1.85
C TRP E 77 44.84 16.36 -1.04
N VAL E 78 43.56 16.23 -0.74
CA VAL E 78 42.86 17.25 0.04
C VAL E 78 43.47 17.34 1.45
N GLN E 79 44.57 18.07 1.58
CA GLN E 79 45.23 18.22 2.86
C GLN E 79 44.39 19.07 3.81
N ALA E 80 44.59 18.89 5.12
CA ALA E 80 43.79 19.60 6.12
C ALA E 80 44.41 19.54 7.52
N SER E 81 43.62 19.97 8.51
CA SER E 81 44.05 20.04 9.91
C SER E 81 44.48 18.88 10.78
N ARG E 82 45.68 19.01 11.28
CA ARG E 82 46.40 17.96 11.99
C ARG E 82 45.52 17.39 13.09
N GLN E 83 44.35 17.98 13.29
CA GLN E 83 43.41 17.53 14.32
C GLN E 83 42.47 16.52 13.73
N VAL E 84 42.30 16.63 12.43
CA VAL E 84 41.42 15.76 11.69
C VAL E 84 41.88 14.31 11.77
N MET E 85 42.98 14.04 12.46
CA MET E 85 43.48 12.67 12.53
C MET E 85 43.52 12.04 13.94
N ASP E 86 42.44 12.15 14.70
CA ASP E 86 42.37 11.58 16.05
C ASP E 86 41.68 10.22 16.09
N ASP E 87 40.42 10.33 15.69
CA ASP E 87 39.44 9.29 15.63
C ASP E 87 39.62 8.44 14.43
N ALA E 88 39.78 7.16 14.68
CA ALA E 88 39.93 6.24 13.60
C ALA E 88 38.58 6.01 12.96
N PRO E 89 37.84 5.05 13.49
CA PRO E 89 36.58 4.70 12.84
C PRO E 89 36.03 5.84 12.00
N MET E 90 36.01 7.02 12.60
CA MET E 90 35.64 8.20 11.88
C MET E 90 36.37 8.75 10.65
N LEU E 91 37.64 9.09 10.80
CA LEU E 91 38.40 9.64 9.68
C LEU E 91 38.50 8.64 8.55
N GLN E 92 39.02 7.46 8.85
CA GLN E 92 39.05 6.49 7.78
C GLN E 92 37.73 6.73 7.09
N SER E 93 36.75 7.14 7.87
CA SER E 93 35.48 7.41 7.25
C SER E 93 35.64 8.52 6.27
N TYR E 94 36.52 9.45 6.60
CA TYR E 94 36.67 10.63 5.76
C TYR E 94 37.07 10.22 4.38
N ILE E 95 38.27 9.68 4.25
CA ILE E 95 38.78 9.25 2.97
C ILE E 95 37.95 8.15 2.34
N ASN E 96 37.88 7.03 3.06
CA ASN E 96 37.19 5.83 2.62
C ASN E 96 35.97 6.09 1.75
N ASN E 97 35.10 7.00 2.17
CA ASN E 97 33.94 7.28 1.34
C ASN E 97 34.00 8.70 0.80
N ARG E 98 34.99 9.46 1.27
CA ARG E 98 35.17 10.85 0.82
C ARG E 98 36.33 11.04 -0.14
N LEU E 99 37.47 10.40 0.14
CA LEU E 99 38.65 10.59 -0.69
C LEU E 99 38.76 9.95 -2.06
N MET E 100 38.16 8.78 -2.24
CA MET E 100 38.21 8.12 -3.55
C MET E 100 37.43 8.83 -4.67
N TYR E 101 36.11 8.79 -4.45
CA TYR E 101 35.13 9.45 -5.26
C TYR E 101 35.69 10.79 -5.53
N GLY E 102 36.62 11.25 -4.68
CA GLY E 102 37.30 12.44 -5.10
C GLY E 102 38.22 12.13 -6.27
N LEU E 103 39.20 11.25 -6.01
CA LEU E 103 40.15 10.85 -7.04
C LEU E 103 39.51 10.46 -8.36
N ALA E 104 38.66 9.42 -8.31
CA ALA E 104 37.97 8.95 -9.50
C ALA E 104 37.24 10.09 -10.18
N LEU E 105 36.67 10.93 -9.35
CA LEU E 105 36.02 12.09 -9.84
C LEU E 105 37.08 12.60 -10.75
N LYS E 106 38.30 12.17 -10.51
CA LYS E 106 39.39 12.69 -11.31
C LYS E 106 39.95 11.90 -12.43
N GLU E 107 39.98 10.59 -12.25
CA GLU E 107 40.57 9.68 -13.21
C GLU E 107 40.15 10.13 -14.56
N GLU E 108 38.91 10.60 -14.65
CA GLU E 108 38.49 11.24 -15.87
C GLU E 108 39.47 12.16 -16.59
N GLY E 109 39.96 13.13 -15.86
CA GLY E 109 40.69 14.27 -16.39
C GLY E 109 41.80 13.69 -17.24
N GLN E 110 42.21 12.47 -16.91
CA GLN E 110 43.28 11.80 -17.66
C GLN E 110 42.67 10.85 -18.68
N LEU E 111 41.64 10.13 -18.28
CA LEU E 111 40.96 9.18 -19.15
C LEU E 111 40.24 9.88 -20.30
N LEU E 112 39.33 10.78 -19.94
CA LEU E 112 38.56 11.51 -20.93
C LEU E 112 39.46 12.17 -21.97
N ASN E 113 40.32 13.07 -21.52
CA ASN E 113 41.23 13.76 -22.42
C ASN E 113 42.52 14.20 -21.73
N GLY E 114 43.65 13.88 -22.33
CA GLY E 114 44.94 14.24 -21.77
C GLY E 114 45.99 14.42 -22.85
N ASP E 115 46.88 15.37 -22.64
CA ASP E 115 48.07 15.54 -23.46
C ASP E 115 48.76 14.23 -23.60
N GLY E 116 48.55 13.33 -22.66
CA GLY E 116 49.35 12.14 -22.66
C GLY E 116 50.81 12.54 -22.73
N THR E 117 51.22 13.36 -21.78
CA THR E 117 52.56 13.88 -21.68
C THR E 117 52.89 14.06 -20.22
N GLY E 118 54.17 14.14 -19.87
CA GLY E 118 54.54 14.11 -18.47
C GLY E 118 53.93 12.87 -17.86
N ASP E 119 53.03 13.07 -16.90
CA ASP E 119 52.36 11.96 -16.23
C ASP E 119 50.92 11.78 -16.68
N ASN E 120 50.56 12.50 -17.74
CA ASN E 120 49.20 12.43 -18.28
C ASN E 120 48.98 11.12 -19.02
N LEU E 121 47.76 10.92 -19.52
CA LEU E 121 47.43 9.71 -20.25
C LEU E 121 46.92 10.06 -21.65
N GLU E 122 46.83 9.05 -22.50
CA GLU E 122 46.34 9.23 -23.86
C GLU E 122 44.84 9.48 -23.81
N GLY E 123 44.46 10.74 -23.64
CA GLY E 123 43.05 11.09 -23.58
C GLY E 123 42.23 10.64 -24.76
N LEU E 124 40.98 10.27 -24.51
CA LEU E 124 40.07 9.82 -25.55
C LEU E 124 39.98 10.86 -26.66
N ASN E 125 39.80 12.12 -26.26
CA ASN E 125 39.69 13.22 -27.20
C ASN E 125 40.99 13.43 -27.96
N LYS E 126 42.10 13.10 -27.32
CA LYS E 126 43.42 13.25 -27.94
C LYS E 126 43.51 12.40 -29.21
N VAL E 127 43.08 11.16 -29.12
CA VAL E 127 43.13 10.24 -30.26
C VAL E 127 41.78 10.18 -30.96
N ALA E 128 40.80 10.88 -30.40
CA ALA E 128 39.45 10.91 -30.97
C ALA E 128 39.46 11.36 -32.43
N THR E 129 38.52 10.84 -33.21
CA THR E 129 38.42 11.19 -34.61
C THR E 129 37.44 12.35 -34.78
N ALA E 130 37.92 13.44 -35.37
CA ALA E 130 37.10 14.63 -35.58
C ALA E 130 35.76 14.30 -36.22
N TYR E 131 34.72 15.00 -35.77
CA TYR E 131 33.37 14.80 -36.29
C TYR E 131 33.27 15.26 -37.75
N ASP E 132 32.43 14.60 -38.51
CA ASP E 132 32.23 14.94 -39.92
C ASP E 132 31.24 16.09 -40.02
N THR E 133 31.75 17.31 -40.12
CA THR E 133 30.90 18.50 -40.22
C THR E 133 30.07 18.48 -41.51
N SER E 134 30.53 17.75 -42.51
CA SER E 134 29.81 17.67 -43.78
C SER E 134 28.59 16.76 -43.67
N LEU E 135 28.09 16.58 -42.44
CA LEU E 135 26.92 15.75 -42.21
C LEU E 135 25.77 16.61 -41.71
N ASN E 136 26.10 17.78 -41.17
CA ASN E 136 25.11 18.71 -40.66
C ASN E 136 24.13 19.09 -41.76
N ALA E 137 23.05 19.76 -41.39
CA ALA E 137 22.04 20.19 -42.35
C ALA E 137 21.68 21.66 -42.15
N THR E 138 20.63 22.10 -42.83
CA THR E 138 20.15 23.48 -42.71
C THR E 138 20.30 23.82 -41.26
N GLY E 139 19.65 23.03 -40.40
CA GLY E 139 19.72 23.24 -38.97
C GLY E 139 19.11 22.01 -38.34
N ASP E 140 19.93 21.00 -38.07
CA ASP E 140 19.47 19.78 -37.42
C ASP E 140 19.31 20.25 -35.98
N THR E 141 18.39 19.61 -35.25
CA THR E 141 18.13 20.02 -33.88
C THR E 141 19.42 19.74 -33.13
N ARG E 142 19.67 20.51 -32.08
CA ARG E 142 20.89 20.35 -31.28
C ARG E 142 21.07 18.89 -30.88
N ALA E 143 19.98 18.13 -30.92
CA ALA E 143 20.02 16.72 -30.57
C ALA E 143 20.47 15.89 -31.77
N ASP E 144 19.92 16.21 -32.94
CA ASP E 144 20.28 15.50 -34.17
C ASP E 144 21.78 15.57 -34.39
N ILE E 145 22.40 16.60 -33.82
CA ILE E 145 23.84 16.79 -33.94
C ILE E 145 24.55 15.52 -33.46
N ILE E 146 24.13 15.04 -32.30
CA ILE E 146 24.70 13.85 -31.70
C ILE E 146 24.31 12.62 -32.52
N ALA E 147 23.08 12.63 -33.03
CA ALA E 147 22.58 11.53 -33.84
C ALA E 147 23.60 11.15 -34.92
N HIS E 148 24.12 12.15 -35.60
CA HIS E 148 25.10 11.94 -36.65
C HIS E 148 26.34 11.25 -36.09
N ALA E 149 26.71 11.61 -34.87
CA ALA E 149 27.88 11.04 -34.21
C ALA E 149 27.77 9.51 -34.17
N ILE E 150 26.66 9.02 -33.65
CA ILE E 150 26.43 7.59 -33.55
C ILE E 150 26.57 6.94 -34.93
N TYR E 151 26.02 7.59 -35.95
CA TYR E 151 26.07 7.08 -37.30
C TYR E 151 27.53 6.94 -37.77
N GLN E 152 28.30 7.99 -37.56
CA GLN E 152 29.71 7.98 -37.97
C GLN E 152 30.50 6.91 -37.24
N VAL E 153 30.00 6.50 -36.07
CA VAL E 153 30.67 5.46 -35.30
C VAL E 153 30.78 4.20 -36.15
N THR E 154 29.86 4.07 -37.10
CA THR E 154 29.83 2.92 -38.00
C THR E 154 31.00 2.99 -38.98
N GLU E 155 31.65 4.16 -39.03
CA GLU E 155 32.78 4.37 -39.92
C GLU E 155 33.79 3.25 -39.71
N SER E 156 33.79 2.68 -38.51
CA SER E 156 34.69 1.60 -38.15
C SER E 156 33.90 0.35 -37.78
N GLU E 157 32.79 0.13 -38.48
CA GLU E 157 31.92 -1.02 -38.25
C GLU E 157 31.86 -1.42 -36.78
N PHE E 158 31.65 -0.44 -35.91
CA PHE E 158 31.56 -0.67 -34.48
C PHE E 158 30.27 -0.08 -33.91
N SER E 159 29.62 -0.82 -33.03
CA SER E 159 28.38 -0.37 -32.42
C SER E 159 28.67 0.55 -31.24
N ALA E 160 28.19 1.78 -31.32
CA ALA E 160 28.41 2.77 -30.27
C ALA E 160 28.04 2.20 -28.91
N SER E 161 28.78 2.58 -27.88
CA SER E 161 28.53 2.10 -26.52
C SER E 161 27.78 3.15 -25.71
N GLY E 162 28.51 4.16 -25.24
CA GLY E 162 27.91 5.22 -24.45
C GLY E 162 28.32 6.59 -24.96
N ILE E 163 27.79 7.64 -24.35
CA ILE E 163 28.11 9.00 -24.74
C ILE E 163 28.51 9.86 -23.54
N VAL E 164 29.65 10.52 -23.66
CA VAL E 164 30.15 11.39 -22.60
C VAL E 164 30.21 12.83 -23.07
N LEU E 165 29.56 13.72 -22.33
CA LEU E 165 29.53 15.13 -22.67
C LEU E 165 29.40 16.00 -21.43
N ASN E 166 29.42 17.32 -21.65
CA ASN E 166 29.31 18.27 -20.55
C ASN E 166 27.91 18.22 -19.94
N PRO E 167 27.83 18.25 -18.60
CA PRO E 167 26.57 18.21 -17.86
C PRO E 167 25.57 19.27 -18.33
N ARG E 168 26.05 20.50 -18.51
CA ARG E 168 25.18 21.59 -18.93
C ARG E 168 24.49 21.28 -20.25
N ASP E 169 25.28 20.86 -21.24
CA ASP E 169 24.73 20.53 -22.55
C ASP E 169 23.61 19.51 -22.38
N TRP E 170 23.84 18.53 -21.51
CA TRP E 170 22.85 17.48 -21.25
C TRP E 170 21.52 18.13 -20.87
N HIS E 171 21.59 19.12 -19.98
CA HIS E 171 20.41 19.84 -19.52
C HIS E 171 19.59 20.32 -20.72
N ASN E 172 20.21 21.14 -21.56
CA ASN E 172 19.54 21.68 -22.74
C ASN E 172 19.01 20.57 -23.64
N ILE E 173 19.75 19.48 -23.76
CA ILE E 173 19.33 18.36 -24.59
C ILE E 173 18.10 17.68 -24.03
N ALA E 174 18.09 17.45 -22.73
CA ALA E 174 16.96 16.80 -22.08
C ALA E 174 15.72 17.68 -22.16
N LEU E 175 15.79 18.86 -21.54
CA LEU E 175 14.68 19.79 -21.52
C LEU E 175 14.47 20.45 -22.88
N LEU E 176 13.76 19.77 -23.76
CA LEU E 176 13.47 20.29 -25.09
C LEU E 176 11.97 20.31 -25.36
N LYS E 177 11.45 21.47 -26.04
CA LYS E 177 10.03 21.43 -26.40
C LYS E 177 9.81 22.03 -27.79
N ASP E 178 8.73 21.60 -28.44
CA ASP E 178 8.36 22.10 -29.77
C ASP E 178 7.68 23.45 -29.55
N ASN E 179 6.92 23.89 -30.54
CA ASN E 179 6.19 25.15 -30.44
C ASN E 179 5.19 25.07 -29.28
N GLU E 180 5.12 23.88 -28.68
CA GLU E 180 4.24 23.65 -27.55
C GLU E 180 5.03 23.10 -26.39
N GLY E 181 4.42 23.05 -25.22
CA GLY E 181 5.08 22.50 -24.06
C GLY E 181 5.13 21.02 -24.30
N ARG E 182 5.98 20.62 -25.25
CA ARG E 182 6.13 19.22 -25.60
C ARG E 182 7.51 18.74 -25.27
N TYR E 183 7.73 18.29 -24.04
CA TYR E 183 9.04 17.79 -23.69
C TYR E 183 9.39 16.74 -24.73
N ILE E 184 10.32 17.11 -25.60
CA ILE E 184 10.80 16.28 -26.69
C ILE E 184 11.14 14.88 -26.17
N PHE E 185 11.71 14.02 -27.02
CA PHE E 185 12.08 12.67 -26.58
C PHE E 185 12.56 12.77 -25.15
N GLY E 186 13.29 13.86 -24.89
CA GLY E 186 13.82 14.10 -23.57
C GLY E 186 12.74 14.45 -22.57
N GLY E 187 13.19 14.94 -21.42
CA GLY E 187 12.27 15.32 -20.38
C GLY E 187 13.01 15.38 -19.07
N PRO E 188 12.33 15.73 -17.98
CA PRO E 188 12.97 15.82 -16.68
C PRO E 188 13.46 14.45 -16.22
N GLN E 189 12.60 13.44 -16.37
CA GLN E 189 12.92 12.08 -15.97
C GLN E 189 14.13 11.57 -16.74
N ALA E 190 14.01 11.56 -18.06
CA ALA E 190 15.09 11.09 -18.91
C ALA E 190 16.42 11.59 -18.35
N PHE E 191 16.49 12.89 -18.06
CA PHE E 191 17.71 13.49 -17.53
C PHE E 191 18.18 12.67 -16.34
N THR E 192 17.23 12.31 -15.48
CA THR E 192 17.53 11.52 -14.30
C THR E 192 18.10 10.17 -14.71
N SER E 193 17.59 9.62 -15.80
CA SER E 193 18.03 8.32 -16.28
C SER E 193 19.39 8.36 -16.99
N ASN E 194 19.80 9.54 -17.44
CA ASN E 194 21.08 9.70 -18.13
C ASN E 194 21.32 8.61 -19.19
N ILE E 195 20.28 8.31 -19.94
CA ILE E 195 20.37 7.30 -20.99
C ILE E 195 19.41 7.61 -22.14
N MET E 196 19.98 8.06 -23.26
CA MET E 196 19.17 8.38 -24.44
C MET E 196 19.46 7.42 -25.57
N TRP E 197 18.49 7.24 -26.47
CA TRP E 197 18.66 6.33 -27.60
C TRP E 197 19.10 4.97 -27.09
N GLY E 198 18.84 4.70 -25.82
CA GLY E 198 19.22 3.43 -25.24
C GLY E 198 20.70 3.32 -25.04
N LEU E 199 21.36 4.46 -24.87
CA LEU E 199 22.80 4.47 -24.65
C LEU E 199 23.17 5.24 -23.39
N PRO E 200 24.06 4.66 -22.56
CA PRO E 200 24.52 5.27 -21.32
C PRO E 200 25.08 6.67 -21.50
N VAL E 201 24.90 7.51 -20.48
CA VAL E 201 25.38 8.88 -20.53
C VAL E 201 26.16 9.20 -19.27
N VAL E 202 27.34 9.79 -19.45
CA VAL E 202 28.19 10.14 -18.32
C VAL E 202 28.45 11.65 -18.28
N PRO E 203 27.52 12.40 -17.66
CA PRO E 203 27.63 13.86 -17.54
C PRO E 203 28.73 14.31 -16.59
N THR E 204 29.99 14.08 -16.98
CA THR E 204 31.12 14.48 -16.17
C THR E 204 31.48 15.92 -16.54
N LYS E 205 31.88 16.72 -15.55
CA LYS E 205 32.21 18.11 -15.81
C LYS E 205 33.53 18.24 -16.56
N ALA E 206 34.31 17.17 -16.57
CA ALA E 206 35.60 17.16 -17.26
C ALA E 206 35.46 17.72 -18.67
N GLN E 207 34.27 17.57 -19.25
CA GLN E 207 34.00 18.06 -20.59
C GLN E 207 33.48 19.49 -20.55
N ALA E 208 34.03 20.34 -21.42
CA ALA E 208 33.62 21.75 -21.49
C ALA E 208 32.43 21.89 -22.43
N ALA E 209 31.71 22.99 -22.32
CA ALA E 209 30.54 23.23 -23.16
C ALA E 209 30.89 23.07 -24.64
N GLY E 210 29.97 22.49 -25.39
CA GLY E 210 30.19 22.29 -26.82
C GLY E 210 31.13 21.14 -27.12
N THR E 211 31.75 20.58 -26.08
CA THR E 211 32.66 19.46 -26.25
C THR E 211 31.98 18.15 -25.91
N PHE E 212 31.98 17.22 -26.86
CA PHE E 212 31.35 15.92 -26.66
C PHE E 212 32.19 14.79 -27.22
N THR E 213 31.87 13.57 -26.82
CA THR E 213 32.58 12.39 -27.28
C THR E 213 31.63 11.22 -27.41
N VAL E 214 31.62 10.58 -28.58
CA VAL E 214 30.75 9.44 -28.81
C VAL E 214 31.54 8.26 -29.37
N GLY E 215 31.06 7.04 -29.08
CA GLY E 215 31.74 5.86 -29.57
C GLY E 215 31.42 4.61 -28.78
N GLY E 216 31.99 3.49 -29.21
CA GLY E 216 31.76 2.22 -28.54
C GLY E 216 32.86 1.91 -27.55
N PHE E 217 32.98 2.77 -26.54
CA PHE E 217 33.99 2.61 -25.51
C PHE E 217 33.87 1.24 -24.85
N ASP E 218 32.95 0.52 -25.15
CA ASP E 218 32.80 -0.81 -24.57
C ASP E 218 33.95 -1.72 -25.01
N MET E 219 34.33 -1.64 -26.27
CA MET E 219 35.40 -2.46 -26.80
C MET E 219 36.40 -1.63 -27.60
N ALA E 220 36.08 -0.35 -27.78
CA ALA E 220 36.96 0.55 -28.52
C ALA E 220 38.34 0.66 -27.87
N SER E 221 38.39 0.37 -26.57
CA SER E 221 39.64 0.44 -25.83
C SER E 221 39.41 0.07 -24.36
N GLN E 222 40.40 -0.57 -23.75
CA GLN E 222 40.29 -0.98 -22.35
C GLN E 222 41.41 -0.37 -21.51
N VAL E 223 41.11 -0.15 -20.23
CA VAL E 223 42.09 0.43 -19.31
C VAL E 223 42.63 -0.64 -18.38
N PHE E 224 43.93 -0.63 -18.16
CA PHE E 224 44.56 -1.61 -17.29
C PHE E 224 44.91 -1.00 -15.93
N ASP E 225 44.97 -1.82 -14.90
CA ASP E 225 45.28 -1.31 -13.58
C ASP E 225 46.59 -1.92 -13.08
N ARG E 226 47.49 -1.08 -12.58
CA ARG E 226 48.78 -1.54 -12.10
C ARG E 226 48.83 -1.60 -10.58
N MET E 227 48.22 -0.61 -9.93
CA MET E 227 48.22 -0.55 -8.47
C MET E 227 46.99 0.19 -7.94
N ASP E 228 46.23 -0.49 -7.07
CA ASP E 228 45.06 0.10 -6.44
C ASP E 228 45.39 1.44 -5.80
N ALA E 229 44.35 2.22 -5.53
CA ALA E 229 44.53 3.52 -4.91
C ALA E 229 45.00 3.34 -3.46
N THR E 230 46.25 3.76 -3.19
CA THR E 230 46.82 3.67 -1.84
C THR E 230 46.63 4.99 -1.13
N VAL E 231 47.07 5.06 0.12
CA VAL E 231 46.91 6.29 0.87
C VAL E 231 48.18 6.62 1.64
N GLU E 232 48.59 7.87 1.54
CA GLU E 232 49.80 8.30 2.23
C GLU E 232 49.56 9.68 2.80
N VAL E 233 50.10 9.92 3.99
CA VAL E 233 49.95 11.20 4.65
C VAL E 233 51.20 11.57 5.41
N SER E 234 51.52 12.87 5.41
CA SER E 234 52.70 13.37 6.11
C SER E 234 52.52 14.80 6.59
N ARG E 235 53.45 15.25 7.40
CA ARG E 235 53.43 16.59 7.94
C ARG E 235 54.51 17.47 7.28
N GLU E 236 55.72 16.94 7.20
CA GLU E 236 56.87 17.65 6.61
C GLU E 236 56.61 18.16 5.19
N ASP E 237 55.41 17.90 4.68
CA ASP E 237 55.03 18.33 3.34
C ASP E 237 54.98 19.84 3.26
N ARG E 238 55.96 20.44 2.57
CA ARG E 238 56.04 21.88 2.42
C ARG E 238 55.72 22.68 3.70
N ASP E 239 54.94 23.77 3.59
CA ASP E 239 54.64 24.63 4.74
C ASP E 239 53.66 24.16 5.81
N ASN E 240 53.35 22.87 5.80
CA ASN E 240 52.43 22.32 6.77
C ASN E 240 52.89 22.42 8.23
N PHE E 241 54.14 22.06 8.50
CA PHE E 241 54.71 22.10 9.85
C PHE E 241 54.24 23.37 10.55
N VAL E 242 54.69 24.50 10.02
CA VAL E 242 54.34 25.79 10.56
C VAL E 242 52.84 25.88 10.69
N LYS E 243 52.19 26.08 9.56
CA LYS E 243 50.76 26.16 9.50
C LYS E 243 50.37 24.76 9.88
N ASN E 244 50.39 24.48 11.17
CA ASN E 244 50.08 23.15 11.66
C ASN E 244 48.93 22.47 10.92
N MET E 245 49.22 21.33 10.31
CA MET E 245 48.22 20.56 9.56
C MET E 245 48.91 19.45 8.77
N LEU E 246 48.11 18.62 8.11
CA LEU E 246 48.64 17.51 7.33
C LEU E 246 48.42 17.59 5.84
N THR E 247 48.55 16.42 5.21
CA THR E 247 48.38 16.22 3.76
C THR E 247 48.08 14.76 3.46
N ILE E 248 46.84 14.48 3.08
CA ILE E 248 46.45 13.13 2.74
C ILE E 248 46.72 12.86 1.29
N LEU E 249 46.75 11.59 0.92
CA LEU E 249 47.01 11.25 -0.46
C LEU E 249 46.42 9.91 -0.83
N CYS E 250 46.31 9.68 -2.13
CA CYS E 250 45.76 8.44 -2.65
C CYS E 250 46.40 8.08 -3.98
N GLU E 251 47.54 7.40 -3.90
CA GLU E 251 48.28 6.99 -5.10
C GLU E 251 47.64 5.84 -5.87
N GLU E 252 47.60 5.98 -7.19
CA GLU E 252 47.01 4.97 -8.03
C GLU E 252 47.70 4.94 -9.39
N ARG E 253 47.92 3.74 -9.90
CA ARG E 253 48.57 3.58 -11.20
C ARG E 253 47.63 2.94 -12.21
N LEU E 254 47.47 3.59 -13.36
CA LEU E 254 46.60 3.08 -14.41
C LEU E 254 47.26 3.19 -15.78
N ALA E 255 46.58 2.68 -16.79
CA ALA E 255 47.08 2.72 -18.15
C ALA E 255 45.91 2.63 -19.11
N LEU E 256 45.64 3.72 -19.80
CA LEU E 256 44.55 3.76 -20.75
C LEU E 256 45.06 3.35 -22.12
N ALA E 257 44.29 2.49 -22.80
CA ALA E 257 44.67 2.01 -24.12
C ALA E 257 43.70 2.48 -25.19
N HIS E 258 44.17 2.30 -26.47
CA HIS E 258 43.30 2.64 -27.60
C HIS E 258 43.66 1.77 -28.80
N TYR E 259 42.76 0.89 -29.18
CA TYR E 259 43.00 -0.01 -30.30
C TYR E 259 42.47 0.53 -31.63
N ARG E 260 41.38 1.30 -31.57
CA ARG E 260 40.80 1.86 -32.78
C ARG E 260 40.22 3.25 -32.51
N PRO E 261 41.07 4.29 -32.57
CA PRO E 261 40.65 5.68 -32.34
C PRO E 261 39.44 6.04 -33.18
N THR E 262 39.29 5.39 -34.32
CA THR E 262 38.17 5.64 -35.23
C THR E 262 36.86 5.35 -34.52
N ALA E 263 36.92 4.52 -33.48
CA ALA E 263 35.74 4.15 -32.71
C ALA E 263 35.32 5.27 -31.76
N ILE E 264 36.11 6.35 -31.73
CA ILE E 264 35.82 7.47 -30.86
C ILE E 264 35.71 8.77 -31.66
N ILE E 265 34.64 9.52 -31.41
CA ILE E 265 34.43 10.79 -32.11
C ILE E 265 34.40 11.94 -31.12
N LYS E 266 35.00 13.06 -31.49
CA LYS E 266 35.05 14.23 -30.63
C LYS E 266 34.08 15.31 -31.12
N GLY E 267 34.55 16.16 -32.03
CA GLY E 267 33.71 17.22 -32.57
C GLY E 267 33.28 18.23 -31.53
N THR E 268 32.63 19.29 -31.98
CA THR E 268 32.15 20.35 -31.11
C THR E 268 30.83 20.94 -31.60
N PHE E 269 29.97 21.20 -30.63
CA PHE E 269 28.72 21.86 -30.79
C PHE E 269 29.15 23.25 -31.06
N SER E 270 28.84 23.81 -32.21
CA SER E 270 29.04 25.23 -32.37
C SER E 270 27.65 25.74 -32.60
N SER E 271 27.44 27.04 -32.39
CA SER E 271 26.13 27.64 -32.58
C SER E 271 25.95 28.85 -31.68
N PRO F 24 10.53 6.84 16.05
CA PRO F 24 9.77 5.63 15.67
C PRO F 24 8.58 5.91 14.78
N GLY F 25 8.39 5.06 13.77
CA GLY F 25 7.28 5.19 12.84
C GLY F 25 6.82 6.62 12.61
N LEU F 26 7.48 7.32 11.70
CA LEU F 26 7.12 8.69 11.39
C LEU F 26 6.51 8.78 9.99
N ARG F 27 6.82 7.78 9.17
CA ARG F 27 6.32 7.71 7.79
C ARG F 27 7.16 8.55 6.84
N ARG F 28 7.16 9.86 7.03
CA ARG F 28 7.93 10.76 6.19
C ARG F 28 9.42 10.49 6.41
N LEU F 29 10.20 10.59 5.34
CA LEU F 29 11.63 10.36 5.43
C LEU F 29 12.33 11.62 5.95
N THR F 30 12.96 11.51 7.11
CA THR F 30 13.64 12.66 7.72
C THR F 30 14.95 13.02 7.06
N ILE F 31 15.25 14.31 7.06
CA ILE F 31 16.49 14.81 6.50
C ILE F 31 17.62 13.95 7.05
N ARG F 32 17.55 13.73 8.36
CA ARG F 32 18.56 12.94 9.05
C ARG F 32 18.87 11.70 8.23
N ASP F 33 17.87 11.23 7.49
CA ASP F 33 18.03 10.05 6.66
C ASP F 33 18.49 10.43 5.26
N LEU F 34 18.63 11.71 5.02
CA LEU F 34 19.06 12.21 3.73
C LEU F 34 20.53 12.60 3.79
N LEU F 35 21.03 12.78 5.02
CA LEU F 35 22.41 13.17 5.22
C LEU F 35 23.24 12.02 5.79
N ALA F 36 24.51 11.94 5.37
CA ALA F 36 25.41 10.89 5.85
C ALA F 36 25.46 10.91 7.36
N GLN F 37 25.67 9.75 7.98
CA GLN F 37 25.69 9.66 9.43
C GLN F 37 26.94 9.05 10.02
N GLY F 38 27.25 9.45 11.25
CA GLY F 38 28.42 8.96 11.94
C GLY F 38 28.40 9.48 13.36
N ARG F 39 29.37 9.08 14.18
CA ARG F 39 29.43 9.51 15.57
C ARG F 39 30.82 10.00 15.96
N THR F 40 30.93 10.44 17.21
CA THR F 40 32.17 10.95 17.77
C THR F 40 32.15 10.83 19.29
N SER F 41 33.25 11.24 19.91
CA SER F 41 33.36 11.21 21.36
C SER F 41 33.77 12.60 21.83
N SER F 42 34.10 13.46 20.88
CA SER F 42 34.51 14.83 21.17
C SER F 42 33.34 15.78 21.28
N ASN F 43 33.67 17.04 21.53
CA ASN F 43 32.69 18.09 21.68
C ASN F 43 32.75 19.01 20.46
N ALA F 44 33.76 18.81 19.62
CA ALA F 44 33.93 19.62 18.43
C ALA F 44 34.77 18.88 17.39
N LEU F 45 34.52 19.20 16.12
CA LEU F 45 35.24 18.57 15.01
C LEU F 45 35.83 19.57 14.05
N GLU F 46 36.88 19.13 13.34
CA GLU F 46 37.54 19.97 12.36
C GLU F 46 37.59 19.22 11.04
N TYR F 47 37.57 19.97 9.94
CA TYR F 47 37.62 19.39 8.61
C TYR F 47 38.02 20.46 7.60
N VAL F 48 37.88 20.14 6.32
CA VAL F 48 38.22 21.08 5.26
C VAL F 48 37.06 21.28 4.31
N ARG F 49 36.57 22.52 4.23
CA ARG F 49 35.47 22.83 3.35
C ARG F 49 35.99 23.03 1.92
N GLU F 50 35.72 22.04 1.07
CA GLU F 50 36.15 22.08 -0.32
C GLU F 50 35.49 23.25 -1.04
N GLU F 51 36.04 24.43 -0.83
CA GLU F 51 35.49 25.63 -1.46
C GLU F 51 35.62 25.42 -2.96
N VAL F 52 34.65 24.78 -3.57
CA VAL F 52 34.68 24.54 -4.99
C VAL F 52 34.18 25.78 -5.71
N PHE F 53 35.05 26.39 -6.50
CA PHE F 53 34.60 27.57 -7.22
C PHE F 53 33.90 27.08 -8.47
N THR F 54 32.90 27.82 -8.90
CA THR F 54 32.18 27.51 -10.12
C THR F 54 33.09 28.20 -11.14
N ASN F 55 34.34 27.76 -11.15
CA ASN F 55 35.37 28.32 -12.01
C ASN F 55 35.34 27.87 -13.46
N ALA F 56 35.58 28.85 -14.34
CA ALA F 56 35.60 28.61 -15.77
C ALA F 56 36.46 27.39 -16.10
N PRO F 57 36.29 26.84 -17.30
CA PRO F 57 37.03 25.66 -17.79
C PRO F 57 38.45 25.40 -17.29
N GLY F 58 39.26 26.44 -17.12
CA GLY F 58 40.64 26.26 -16.69
C GLY F 58 40.93 25.79 -15.28
N ASP F 59 41.42 26.69 -14.44
CA ASP F 59 41.73 26.37 -13.06
C ASP F 59 40.41 26.24 -12.34
N SER F 60 39.69 25.16 -12.66
CA SER F 60 38.40 24.89 -12.05
C SER F 60 38.64 24.13 -10.76
N ASP F 61 39.86 24.27 -10.24
CA ASP F 61 40.25 23.59 -9.02
C ASP F 61 39.41 24.05 -7.84
N ILE F 62 39.44 23.30 -6.77
CA ILE F 62 38.66 23.62 -5.58
C ILE F 62 39.55 24.08 -4.42
N THR F 63 39.26 25.26 -3.90
CA THR F 63 40.03 25.80 -2.78
C THR F 63 39.63 25.05 -1.52
N PHE F 64 40.35 25.31 -0.43
CA PHE F 64 40.08 24.65 0.83
C PHE F 64 39.98 25.66 1.96
N SER F 65 39.14 25.35 2.95
CA SER F 65 38.96 26.22 4.09
C SER F 65 38.97 25.40 5.38
N LYS F 66 39.78 25.83 6.33
CA LYS F 66 39.88 25.13 7.61
C LYS F 66 38.67 25.43 8.47
N GLN F 67 37.61 24.65 8.28
CA GLN F 67 36.39 24.83 9.05
C GLN F 67 36.36 23.89 10.24
N THR F 68 35.45 24.16 11.18
CA THR F 68 35.33 23.36 12.39
C THR F 68 33.87 23.28 12.83
N ALA F 69 33.45 22.08 13.23
CA ALA F 69 32.07 21.86 13.67
C ALA F 69 31.96 21.79 15.19
N ASN F 70 30.87 22.37 15.70
CA ASN F 70 30.63 22.39 17.14
C ASN F 70 29.42 21.52 17.50
N VAL F 71 29.62 20.60 18.44
CA VAL F 71 28.56 19.69 18.88
C VAL F 71 27.56 20.41 19.78
N LYS F 72 26.63 21.14 19.17
CA LYS F 72 25.63 21.85 19.95
C LYS F 72 24.69 20.87 20.61
N THR F 73 23.66 21.40 21.26
CA THR F 73 22.68 20.57 21.94
C THR F 73 21.26 21.10 21.71
N ILE F 74 20.37 20.21 21.31
CA ILE F 74 18.98 20.56 21.07
C ILE F 74 18.06 19.67 21.89
N ALA F 75 16.81 20.11 22.08
CA ALA F 75 15.85 19.34 22.85
C ALA F 75 14.41 19.76 22.58
N HIS F 76 13.48 19.08 23.22
CA HIS F 76 12.06 19.38 23.05
C HIS F 76 11.35 19.32 24.40
N TRP F 77 10.75 20.44 24.79
CA TRP F 77 10.08 20.52 26.07
C TRP F 77 8.56 20.59 25.99
N VAL F 78 7.91 20.04 27.01
CA VAL F 78 6.46 20.03 27.11
C VAL F 78 6.07 20.12 28.58
N GLN F 79 5.04 20.90 28.82
CA GLN F 79 4.64 21.19 30.16
C GLN F 79 3.41 20.36 30.35
N ALA F 80 3.07 20.06 31.59
CA ALA F 80 1.89 19.28 31.81
C ALA F 80 1.55 19.42 33.26
N SER F 81 0.65 18.56 33.72
CA SER F 81 0.23 18.59 35.08
C SER F 81 0.83 17.41 35.77
N ARG F 82 1.19 17.58 37.03
CA ARG F 82 1.87 16.53 37.74
C ARG F 82 1.26 15.16 37.74
N GLN F 83 -0.07 15.10 37.67
CA GLN F 83 -0.78 13.84 37.65
C GLN F 83 -0.15 12.81 36.70
N VAL F 84 -0.20 13.09 35.41
CA VAL F 84 0.39 12.20 34.42
C VAL F 84 1.73 11.71 34.96
N MET F 85 2.34 12.51 35.84
CA MET F 85 3.58 12.17 36.46
C MET F 85 3.36 10.86 37.14
N ASP F 86 2.11 10.61 37.52
CA ASP F 86 1.80 9.51 38.42
C ASP F 86 1.35 8.19 37.81
N ASP F 87 0.32 8.21 36.97
CA ASP F 87 -0.15 6.94 36.41
C ASP F 87 1.09 6.26 35.92
N ALA F 88 2.16 7.05 35.89
CA ALA F 88 3.43 6.51 35.55
C ALA F 88 3.27 5.50 34.45
N PRO F 89 3.84 4.34 34.70
CA PRO F 89 4.03 3.40 33.61
C PRO F 89 3.52 3.95 32.33
N MET F 90 2.21 4.16 32.26
CA MET F 90 1.61 4.68 31.05
C MET F 90 2.39 5.84 30.47
N LEU F 91 2.57 6.89 31.26
CA LEU F 91 3.30 8.06 30.81
C LEU F 91 4.39 7.70 29.84
N GLN F 92 5.27 6.83 30.30
CA GLN F 92 6.34 6.38 29.45
C GLN F 92 5.73 5.84 28.20
N SER F 93 4.50 5.35 28.32
CA SER F 93 3.85 4.76 27.18
C SER F 93 3.57 6.04 26.45
N TYR F 94 4.29 7.05 26.85
CA TYR F 94 4.11 8.34 26.26
C TYR F 94 5.37 8.80 25.63
N ILE F 95 6.20 9.36 26.48
CA ILE F 95 7.45 9.93 26.00
C ILE F 95 8.00 8.95 24.96
N ASN F 96 7.56 7.71 25.04
CA ASN F 96 8.02 6.64 24.14
C ASN F 96 7.89 6.74 22.63
N ASN F 97 6.67 6.75 22.12
CA ASN F 97 6.44 6.80 20.67
C ASN F 97 5.74 8.08 20.26
N ARG F 98 5.37 8.90 21.24
CA ARG F 98 4.64 10.13 20.94
C ARG F 98 5.47 11.41 20.91
N LEU F 99 6.37 11.56 21.88
CA LEU F 99 7.19 12.75 21.98
C LEU F 99 8.39 12.78 21.04
N MET F 100 9.13 11.67 20.99
CA MET F 100 10.30 11.57 20.13
C MET F 100 10.02 12.10 18.73
N TYR F 101 8.93 11.57 18.32
CA TYR F 101 8.37 12.05 17.08
C TYR F 101 8.42 13.57 17.04
N GLY F 102 8.20 14.22 18.19
CA GLY F 102 8.24 15.66 18.25
C GLY F 102 9.67 16.17 18.21
N LEU F 103 10.57 15.40 18.80
CA LEU F 103 11.99 15.77 18.83
C LEU F 103 12.50 15.88 17.40
N ALA F 104 12.60 14.75 16.72
CA ALA F 104 13.08 14.71 15.34
C ALA F 104 12.33 15.75 14.51
N LEU F 105 11.05 15.91 14.80
CA LEU F 105 10.29 16.82 13.99
C LEU F 105 10.92 18.20 14.08
N LYS F 106 11.48 18.52 15.23
CA LYS F 106 12.12 19.81 15.41
C LYS F 106 13.59 19.71 15.04
N GLU F 107 14.10 18.48 14.99
CA GLU F 107 15.50 18.25 14.66
C GLU F 107 15.79 18.81 13.27
N GLU F 108 14.89 18.55 12.33
CA GLU F 108 15.04 19.04 10.97
C GLU F 108 15.15 20.55 10.96
N GLY F 109 14.48 21.20 11.92
CA GLY F 109 14.50 22.64 12.02
C GLY F 109 15.94 23.13 11.90
N GLN F 110 16.75 22.77 12.89
CA GLN F 110 18.15 23.17 12.90
C GLN F 110 18.88 22.84 11.60
N LEU F 111 18.82 21.57 11.21
CA LEU F 111 19.47 21.11 9.99
C LEU F 111 19.01 21.92 8.78
N LEU F 112 17.77 21.70 8.36
CA LEU F 112 17.19 22.39 7.21
C LEU F 112 17.64 23.85 7.17
N ASN F 113 17.57 24.52 8.31
CA ASN F 113 17.99 25.92 8.40
C ASN F 113 18.07 26.42 9.84
N GLY F 114 19.26 26.81 10.24
CA GLY F 114 19.47 27.30 11.60
C GLY F 114 20.59 28.30 11.69
N ASP F 115 20.38 29.36 12.47
CA ASP F 115 21.39 30.40 12.65
C ASP F 115 22.63 29.82 13.32
N GLY F 116 23.76 29.88 12.63
CA GLY F 116 25.00 29.36 13.19
C GLY F 116 25.29 29.95 14.56
N THR F 117 24.52 30.96 14.93
CA THR F 117 24.67 31.63 16.22
C THR F 117 23.86 30.90 17.29
N GLY F 118 24.42 30.85 18.50
CA GLY F 118 23.73 30.20 19.59
C GLY F 118 23.83 28.69 19.55
N ASP F 119 22.85 28.02 20.16
CA ASP F 119 22.82 26.56 20.20
C ASP F 119 22.45 25.98 18.85
N ASN F 120 21.88 26.82 17.99
CA ASN F 120 21.47 26.38 16.66
C ASN F 120 22.66 25.88 15.86
N LEU F 121 22.38 25.15 14.78
CA LEU F 121 23.43 24.60 13.94
C LEU F 121 23.45 25.25 12.56
N GLU F 122 24.49 24.93 11.79
CA GLU F 122 24.64 25.47 10.45
C GLU F 122 23.54 24.98 9.52
N GLY F 123 22.46 25.75 9.42
CA GLY F 123 21.36 25.36 8.57
C GLY F 123 21.79 25.29 7.12
N LEU F 124 21.47 24.17 6.46
CA LEU F 124 21.84 23.98 5.07
C LEU F 124 21.55 25.21 4.21
N ASN F 125 20.38 25.81 4.40
CA ASN F 125 20.01 27.00 3.63
C ASN F 125 20.98 28.13 3.90
N LYS F 126 21.40 28.27 5.15
CA LYS F 126 22.33 29.31 5.55
C LYS F 126 23.72 29.06 4.95
N VAL F 127 23.94 27.83 4.49
CA VAL F 127 25.22 27.45 3.89
C VAL F 127 25.07 27.14 2.39
N ALA F 128 23.83 27.03 1.94
CA ALA F 128 23.55 26.72 0.55
C ALA F 128 23.96 27.85 -0.38
N THR F 129 24.01 27.54 -1.67
CA THR F 129 24.38 28.53 -2.68
C THR F 129 23.12 29.02 -3.39
N ALA F 130 23.17 30.25 -3.89
CA ALA F 130 22.03 30.83 -4.58
C ALA F 130 21.61 30.00 -5.78
N TYR F 131 20.48 30.36 -6.38
CA TYR F 131 19.95 29.65 -7.54
C TYR F 131 20.23 30.44 -8.81
N ASP F 132 20.43 29.73 -9.91
CA ASP F 132 20.72 30.37 -11.19
C ASP F 132 19.43 30.66 -11.95
N THR F 133 18.90 31.86 -11.76
CA THR F 133 17.66 32.27 -12.43
C THR F 133 17.87 32.22 -13.94
N SER F 134 19.13 32.23 -14.36
CA SER F 134 19.47 32.18 -15.77
C SER F 134 18.86 30.95 -16.44
N LEU F 135 18.38 30.02 -15.64
CA LEU F 135 17.86 28.78 -16.20
C LEU F 135 16.38 28.77 -16.45
N ASN F 136 15.61 29.51 -15.67
CA ASN F 136 14.20 29.53 -15.93
C ASN F 136 14.05 30.11 -17.31
N ALA F 137 13.01 29.74 -18.01
CA ALA F 137 12.75 30.33 -19.32
C ALA F 137 11.25 30.48 -19.44
N THR F 138 10.77 31.48 -20.18
CA THR F 138 9.33 31.66 -20.21
C THR F 138 9.01 30.21 -20.54
N GLY F 139 7.81 29.78 -20.16
CA GLY F 139 7.40 28.41 -20.42
C GLY F 139 7.75 27.24 -19.50
N ASP F 140 8.51 27.52 -18.45
CA ASP F 140 8.91 26.50 -17.50
C ASP F 140 7.88 26.64 -16.38
N THR F 141 7.43 25.47 -15.93
CA THR F 141 6.40 25.22 -14.93
C THR F 141 7.00 25.00 -13.57
N ARG F 142 6.20 25.13 -12.51
CA ARG F 142 6.87 25.06 -11.24
C ARG F 142 7.84 23.92 -11.38
N ALA F 143 7.35 22.84 -11.93
CA ALA F 143 8.15 21.61 -11.93
C ALA F 143 9.39 21.76 -12.79
N ASP F 144 9.27 22.52 -13.87
CA ASP F 144 10.40 22.74 -14.77
C ASP F 144 11.52 23.48 -14.04
N ILE F 145 11.16 24.26 -13.06
CA ILE F 145 12.20 24.86 -12.32
C ILE F 145 13.05 23.90 -11.59
N ILE F 146 12.39 23.20 -10.72
CA ILE F 146 13.11 22.42 -9.72
C ILE F 146 13.96 21.49 -10.58
N ALA F 147 13.50 21.25 -11.80
CA ALA F 147 14.23 20.40 -12.72
C ALA F 147 15.61 21.00 -12.99
N HIS F 148 15.62 22.25 -13.45
CA HIS F 148 16.86 22.95 -13.74
C HIS F 148 17.75 22.95 -12.50
N ALA F 149 17.13 23.11 -11.33
CA ALA F 149 17.86 23.13 -10.07
C ALA F 149 18.76 21.91 -9.96
N ILE F 150 18.23 20.75 -10.31
CA ILE F 150 18.99 19.50 -10.25
C ILE F 150 20.31 19.64 -11.01
N TYR F 151 20.32 20.52 -12.01
CA TYR F 151 21.52 20.74 -12.81
C TYR F 151 22.63 21.44 -12.03
N GLN F 152 22.32 22.61 -11.48
CA GLN F 152 23.30 23.37 -10.72
C GLN F 152 23.95 22.51 -9.64
N VAL F 153 23.34 21.36 -9.39
CA VAL F 153 23.86 20.43 -8.39
C VAL F 153 25.10 19.76 -8.95
N THR F 154 25.08 19.48 -10.25
CA THR F 154 26.20 18.84 -10.92
C THR F 154 27.41 19.76 -10.91
N GLU F 155 27.17 21.05 -10.74
CA GLU F 155 28.24 22.04 -10.70
C GLU F 155 29.27 21.65 -9.66
N SER F 156 28.80 21.09 -8.55
CA SER F 156 29.69 20.66 -7.48
C SER F 156 30.38 19.34 -7.82
N GLU F 157 30.23 18.91 -9.08
CA GLU F 157 30.84 17.67 -9.56
C GLU F 157 30.10 16.47 -8.97
N PHE F 158 29.04 16.74 -8.21
CA PHE F 158 28.26 15.67 -7.60
C PHE F 158 26.88 15.75 -8.24
N SER F 159 26.07 14.72 -8.03
CA SER F 159 24.72 14.68 -8.59
C SER F 159 23.66 14.75 -7.49
N ALA F 160 22.45 15.17 -7.87
CA ALA F 160 21.35 15.29 -6.93
C ALA F 160 20.78 13.99 -6.36
N SER F 161 20.54 13.97 -5.05
CA SER F 161 20.03 12.79 -4.41
C SER F 161 18.62 12.89 -3.77
N GLY F 162 18.18 14.12 -3.53
CA GLY F 162 16.89 14.34 -2.93
C GLY F 162 16.46 15.78 -2.89
N ILE F 163 15.15 16.03 -2.86
CA ILE F 163 14.65 17.39 -2.82
C ILE F 163 13.88 17.70 -1.53
N VAL F 164 13.80 18.99 -1.20
CA VAL F 164 13.09 19.42 0.01
C VAL F 164 12.17 20.60 -0.28
N LEU F 165 10.87 20.35 -0.16
CA LEU F 165 9.88 21.40 -0.40
C LEU F 165 8.83 21.40 0.70
N ASN F 166 8.09 22.50 0.81
CA ASN F 166 7.04 22.61 1.81
C ASN F 166 5.87 21.75 1.36
N PRO F 167 5.23 21.04 2.30
CA PRO F 167 4.09 20.17 1.98
C PRO F 167 3.15 20.76 0.93
N ARG F 168 2.78 22.03 1.11
CA ARG F 168 1.88 22.71 0.18
C ARG F 168 2.44 22.67 -1.24
N ASP F 169 3.70 23.07 -1.39
CA ASP F 169 4.35 23.07 -2.69
C ASP F 169 4.31 21.68 -3.31
N TRP F 170 4.88 20.71 -2.60
CA TRP F 170 4.91 19.33 -3.08
C TRP F 170 3.53 18.93 -3.61
N HIS F 171 2.49 19.35 -2.89
CA HIS F 171 1.13 19.05 -3.29
C HIS F 171 0.89 19.47 -4.73
N ASN F 172 0.77 20.78 -4.95
CA ASN F 172 0.54 21.33 -6.29
C ASN F 172 1.47 20.73 -7.33
N ILE F 173 2.77 20.72 -7.01
CA ILE F 173 3.78 20.17 -7.91
C ILE F 173 3.40 18.76 -8.34
N ALA F 174 3.02 17.95 -7.37
CA ALA F 174 2.64 16.56 -7.62
C ALA F 174 1.55 16.26 -8.65
N LEU F 175 0.32 16.68 -8.34
CA LEU F 175 -0.81 16.45 -9.25
C LEU F 175 -0.96 17.74 -10.05
N LEU F 176 -0.03 17.96 -10.97
CA LEU F 176 -0.06 19.14 -11.81
C LEU F 176 -0.54 18.64 -13.17
N LYS F 177 -1.02 19.59 -13.88
CA LYS F 177 -1.34 19.08 -15.21
C LYS F 177 -1.06 20.11 -16.31
N ASP F 178 -1.53 19.81 -17.52
CA ASP F 178 -1.36 20.66 -18.69
C ASP F 178 -2.62 20.52 -19.53
N ASN F 179 -2.63 21.15 -20.70
CA ASN F 179 -3.78 21.08 -21.59
C ASN F 179 -4.28 19.63 -21.65
N GLU F 180 -3.46 18.76 -22.22
CA GLU F 180 -3.81 17.35 -22.30
C GLU F 180 -4.10 16.93 -20.85
N GLY F 181 -5.34 16.56 -20.57
CA GLY F 181 -5.71 16.16 -19.21
C GLY F 181 -4.86 15.04 -18.66
N ARG F 182 -3.64 15.37 -18.26
CA ARG F 182 -2.70 14.38 -17.75
C ARG F 182 -1.77 14.96 -16.67
N TYR F 183 -1.43 14.13 -15.69
CA TYR F 183 -0.56 14.56 -14.60
C TYR F 183 0.91 14.44 -15.01
N ILE F 184 1.73 15.36 -14.52
CA ILE F 184 3.16 15.38 -14.81
C ILE F 184 3.75 14.05 -14.36
N PHE F 185 3.03 13.37 -13.48
CA PHE F 185 3.47 12.08 -12.98
C PHE F 185 2.34 11.08 -13.14
N GLY F 186 1.39 11.42 -14.00
CA GLY F 186 0.28 10.54 -14.29
C GLY F 186 -0.74 10.17 -13.23
N GLY F 187 -0.66 10.74 -12.02
CA GLY F 187 -1.66 10.37 -11.02
C GLY F 187 -1.60 11.11 -9.70
N PRO F 188 -2.76 11.45 -9.11
CA PRO F 188 -2.80 12.17 -7.82
C PRO F 188 -1.98 11.43 -6.77
N GLN F 189 -1.92 10.12 -6.88
CA GLN F 189 -1.18 9.27 -5.95
C GLN F 189 0.27 9.69 -5.78
N ALA F 190 0.86 10.20 -6.85
CA ALA F 190 2.26 10.64 -6.82
C ALA F 190 2.62 11.19 -5.44
N PHE F 191 1.70 11.96 -4.87
CA PHE F 191 1.86 12.56 -3.55
C PHE F 191 2.42 11.52 -2.58
N THR F 192 1.63 10.47 -2.34
CA THR F 192 2.05 9.40 -1.46
C THR F 192 3.30 8.80 -2.08
N SER F 193 4.08 8.07 -1.28
CA SER F 193 5.31 7.47 -1.78
C SER F 193 6.10 8.58 -2.46
N ASN F 194 6.51 9.54 -1.64
CA ASN F 194 7.27 10.69 -2.12
C ASN F 194 8.37 10.27 -3.07
N ILE F 195 8.26 10.72 -4.31
CA ILE F 195 9.25 10.42 -5.32
C ILE F 195 9.04 11.37 -6.47
N MET F 196 10.13 11.68 -7.16
CA MET F 196 10.06 12.59 -8.30
C MET F 196 11.23 12.20 -9.20
N TRP F 197 10.91 11.70 -10.38
CA TRP F 197 11.93 11.27 -11.33
C TRP F 197 12.91 10.34 -10.62
N GLY F 198 12.46 9.72 -9.52
CA GLY F 198 13.31 8.82 -8.77
C GLY F 198 14.22 9.52 -7.79
N LEU F 199 13.77 10.66 -7.28
CA LEU F 199 14.56 11.42 -6.33
C LEU F 199 13.76 11.61 -5.05
N PRO F 200 14.26 11.06 -3.93
CA PRO F 200 13.61 11.16 -2.62
C PRO F 200 13.10 12.57 -2.28
N VAL F 201 11.78 12.68 -2.09
CA VAL F 201 11.16 13.96 -1.76
C VAL F 201 10.74 14.00 -0.30
N VAL F 202 11.20 15.01 0.42
CA VAL F 202 10.86 15.11 1.83
C VAL F 202 10.03 16.34 2.15
N PRO F 203 8.70 16.19 2.16
CA PRO F 203 7.77 17.28 2.45
C PRO F 203 7.72 17.57 3.96
N THR F 204 8.26 18.71 4.37
CA THR F 204 8.29 19.08 5.77
C THR F 204 7.95 20.54 6.02
N LYS F 205 7.16 20.79 7.05
CA LYS F 205 6.78 22.15 7.40
C LYS F 205 8.02 22.99 7.66
N ALA F 206 9.11 22.31 8.01
CA ALA F 206 10.37 22.98 8.29
C ALA F 206 10.75 23.89 7.12
N GLN F 207 10.47 23.41 5.91
CA GLN F 207 10.76 24.17 4.70
C GLN F 207 9.67 25.23 4.47
N ALA F 208 10.06 26.49 4.41
CA ALA F 208 9.11 27.58 4.20
C ALA F 208 8.47 27.48 2.84
N ALA F 209 7.20 27.89 2.77
CA ALA F 209 6.46 27.86 1.51
C ALA F 209 7.21 28.65 0.46
N GLY F 210 6.91 28.38 -0.81
CA GLY F 210 7.56 29.07 -1.90
C GLY F 210 9.07 29.05 -1.76
N THR F 211 9.60 27.98 -1.17
CA THR F 211 11.03 27.84 -0.99
C THR F 211 11.48 26.39 -1.18
N PHE F 212 12.55 26.22 -1.95
CA PHE F 212 13.07 24.88 -2.22
C PHE F 212 14.56 24.76 -1.95
N THR F 213 15.04 23.52 -1.86
CA THR F 213 16.45 23.23 -1.62
C THR F 213 16.79 21.82 -2.11
N VAL F 214 17.82 21.71 -2.93
CA VAL F 214 18.24 20.41 -3.46
C VAL F 214 19.75 20.25 -3.41
N GLY F 215 20.23 19.10 -3.88
CA GLY F 215 21.66 18.85 -3.89
C GLY F 215 22.04 17.41 -3.60
N GLY F 216 23.33 17.17 -3.45
CA GLY F 216 23.82 15.83 -3.31
C GLY F 216 24.21 15.78 -1.88
N PHE F 217 23.21 15.92 -1.02
CA PHE F 217 23.42 15.86 0.42
C PHE F 217 24.03 14.53 0.83
N ASP F 218 23.62 13.46 0.16
CA ASP F 218 24.14 12.13 0.44
C ASP F 218 25.64 12.20 0.73
N MET F 219 26.39 12.82 -0.17
CA MET F 219 27.83 12.97 0.00
C MET F 219 28.43 14.36 0.15
N ALA F 220 27.63 15.31 0.64
CA ALA F 220 28.07 16.67 0.84
C ALA F 220 28.07 17.24 2.26
N SER F 221 27.39 16.53 3.16
CA SER F 221 27.30 16.94 4.55
C SER F 221 26.99 15.74 5.43
N GLN F 222 27.69 15.63 6.55
CA GLN F 222 27.58 14.49 7.43
C GLN F 222 27.11 14.99 8.78
N VAL F 223 26.48 14.13 9.56
CA VAL F 223 26.10 14.45 10.93
C VAL F 223 26.72 13.44 11.88
N PHE F 224 27.24 13.92 13.01
CA PHE F 224 27.86 13.05 13.99
C PHE F 224 27.06 13.02 15.29
N ASP F 225 26.98 11.84 15.90
CA ASP F 225 26.25 11.67 17.15
C ASP F 225 27.20 11.76 18.34
N ARG F 226 26.82 12.55 19.33
CA ARG F 226 27.62 12.72 20.53
C ARG F 226 26.88 12.18 21.75
N MET F 227 25.51 12.14 21.53
CA MET F 227 24.73 11.49 22.58
C MET F 227 23.29 11.28 22.14
N ASP F 228 22.80 10.06 22.34
CA ASP F 228 21.43 9.71 21.97
C ASP F 228 20.46 10.61 22.71
N ALA F 229 19.21 10.59 22.28
CA ALA F 229 18.19 11.41 22.90
C ALA F 229 18.09 11.04 24.37
N THR F 230 17.83 12.04 25.20
CA THR F 230 17.71 11.85 26.64
C THR F 230 16.67 12.81 27.19
N VAL F 231 15.88 12.34 28.15
CA VAL F 231 14.86 13.16 28.77
C VAL F 231 15.09 13.42 30.25
N GLU F 232 14.60 14.55 30.74
CA GLU F 232 14.75 14.87 32.15
C GLU F 232 13.45 15.43 32.69
N VAL F 233 13.30 15.32 34.00
CA VAL F 233 12.09 15.79 34.63
C VAL F 233 12.37 16.51 35.92
N SER F 234 11.73 17.65 36.07
CA SER F 234 11.89 18.44 37.27
C SER F 234 10.82 19.50 37.28
N ARG F 235 9.93 19.40 38.26
CA ARG F 235 8.87 20.39 38.39
C ARG F 235 9.55 21.71 38.74
N GLU F 236 10.63 21.61 39.51
CA GLU F 236 11.42 22.74 40.00
C GLU F 236 11.63 23.87 38.99
N ASP F 237 11.40 23.58 37.72
CA ASP F 237 11.58 24.55 36.65
C ASP F 237 10.58 25.70 36.57
N ARG F 238 11.10 26.92 36.38
CA ARG F 238 10.27 28.12 36.28
C ARG F 238 9.22 28.16 37.40
N ASP F 239 7.96 28.35 37.02
CA ASP F 239 6.85 28.42 37.98
C ASP F 239 6.02 27.15 37.97
N ASN F 240 6.64 26.08 37.49
CA ASN F 240 5.97 24.80 37.40
C ASN F 240 5.60 24.25 38.78
N PHE F 241 6.02 24.95 39.83
CA PHE F 241 5.72 24.52 41.20
C PHE F 241 4.42 25.12 41.68
N VAL F 242 4.39 26.45 41.73
CA VAL F 242 3.22 27.21 42.17
C VAL F 242 1.97 26.73 41.45
N LYS F 243 2.18 26.29 40.23
CA LYS F 243 1.10 25.80 39.42
C LYS F 243 1.44 24.35 39.28
N ASN F 244 0.51 23.47 39.64
CA ASN F 244 0.81 22.06 39.53
C ASN F 244 1.01 21.71 38.07
N MET F 245 2.27 21.46 37.73
CA MET F 245 2.65 21.12 36.36
C MET F 245 4.05 20.49 36.39
N LEU F 246 4.61 20.26 35.20
CA LEU F 246 5.95 19.66 35.03
C LEU F 246 6.51 19.76 33.61
N THR F 247 7.79 20.09 33.50
CA THR F 247 8.42 20.21 32.20
C THR F 247 9.12 18.94 31.76
N ILE F 248 8.63 18.37 30.67
CA ILE F 248 9.19 17.15 30.11
C ILE F 248 10.07 17.56 28.96
N LEU F 249 11.20 16.88 28.82
CA LEU F 249 12.06 17.23 27.72
C LEU F 249 13.06 16.14 27.43
N CYS F 250 13.53 16.13 26.19
CA CYS F 250 14.51 15.14 25.74
C CYS F 250 15.59 15.76 24.86
N GLU F 251 16.76 15.96 25.44
CA GLU F 251 17.88 16.54 24.73
C GLU F 251 18.60 15.51 23.87
N GLU F 252 19.35 15.99 22.88
CA GLU F 252 20.10 15.12 21.99
C GLU F 252 21.31 15.92 21.60
N ARG F 253 22.46 15.27 21.51
CA ARG F 253 23.69 15.97 21.14
C ARG F 253 24.12 15.68 19.71
N LEU F 254 24.17 16.74 18.90
CA LEU F 254 24.55 16.66 17.50
C LEU F 254 25.63 17.63 17.06
N ALA F 255 25.95 17.55 15.77
CA ALA F 255 26.97 18.39 15.14
C ALA F 255 26.80 18.21 13.64
N LEU F 256 26.58 19.31 12.93
CA LEU F 256 26.41 19.25 11.49
C LEU F 256 27.64 19.79 10.80
N ALA F 257 28.09 19.10 9.76
CA ALA F 257 29.26 19.51 9.01
C ALA F 257 28.94 19.70 7.54
N HIS F 258 29.63 20.61 6.92
CA HIS F 258 29.39 20.95 5.52
C HIS F 258 30.70 20.94 4.74
N TYR F 259 31.08 19.76 4.25
CA TYR F 259 32.30 19.60 3.49
C TYR F 259 32.30 20.43 2.21
N ARG F 260 31.34 20.15 1.33
CA ARG F 260 31.24 20.87 0.07
C ARG F 260 29.84 21.48 -0.09
N PRO F 261 29.57 22.57 0.63
CA PRO F 261 28.29 23.29 0.62
C PRO F 261 27.76 23.58 -0.78
N THR F 262 28.67 23.81 -1.72
CA THR F 262 28.29 24.10 -3.09
C THR F 262 27.34 23.03 -3.63
N ALA F 263 27.42 21.84 -3.04
CA ALA F 263 26.58 20.72 -3.45
C ALA F 263 25.12 20.94 -3.06
N ILE F 264 24.80 22.14 -2.58
CA ILE F 264 23.44 22.46 -2.18
C ILE F 264 22.96 23.75 -2.84
N ILE F 265 21.72 23.74 -3.31
CA ILE F 265 21.15 24.91 -3.96
C ILE F 265 19.87 25.36 -3.28
N LYS F 266 19.55 26.62 -3.32
CA LYS F 266 18.27 26.97 -2.83
C LYS F 266 17.79 28.22 -3.47
N GLY F 267 16.50 28.28 -3.58
CA GLY F 267 15.78 29.36 -4.22
C GLY F 267 14.29 29.28 -4.00
N THR F 268 13.54 30.10 -4.75
CA THR F 268 12.08 30.12 -4.65
C THR F 268 11.45 30.20 -6.02
N PHE F 269 10.14 30.43 -5.98
CA PHE F 269 9.25 30.27 -7.11
C PHE F 269 8.65 31.65 -7.28
N SER F 270 7.46 31.68 -7.84
CA SER F 270 6.70 32.92 -7.94
C SER F 270 6.28 33.47 -6.59
N SER F 271 5.18 32.95 -6.05
CA SER F 271 4.68 33.39 -4.76
C SER F 271 5.63 33.01 -3.63
N GLY G 25 -9.44 30.54 64.10
CA GLY G 25 -9.59 31.71 63.20
C GLY G 25 -11.06 32.10 63.07
N LEU G 26 -11.56 32.15 61.85
CA LEU G 26 -12.95 32.49 61.64
C LEU G 26 -13.71 31.55 62.56
N ARG G 27 -13.05 30.44 62.90
CA ARG G 27 -13.61 29.42 63.76
C ARG G 27 -14.72 28.72 62.98
N ARG G 28 -15.12 29.35 61.89
CA ARG G 28 -16.10 28.81 60.96
C ARG G 28 -15.20 28.45 59.80
N LEU G 29 -15.07 27.16 59.52
CA LEU G 29 -14.20 26.69 58.46
C LEU G 29 -14.64 27.21 57.11
N THR G 30 -14.83 28.53 57.02
CA THR G 30 -15.26 29.16 55.80
C THR G 30 -16.46 28.39 55.23
N ILE G 31 -16.34 27.95 53.99
CA ILE G 31 -17.40 27.21 53.33
C ILE G 31 -17.29 25.71 53.63
N ARG G 32 -16.07 25.26 53.87
CA ARG G 32 -15.81 23.84 54.13
C ARG G 32 -16.58 23.19 55.27
N ASP G 33 -16.52 23.77 56.46
CA ASP G 33 -17.22 23.17 57.59
C ASP G 33 -18.72 23.18 57.41
N LEU G 34 -19.17 23.77 56.31
CA LEU G 34 -20.59 23.86 56.02
C LEU G 34 -21.10 22.70 55.17
N LEU G 35 -20.17 22.00 54.53
CA LEU G 35 -20.53 20.88 53.68
C LEU G 35 -20.00 19.55 54.22
N ALA G 36 -20.77 18.49 54.03
CA ALA G 36 -20.38 17.18 54.48
C ALA G 36 -19.05 16.81 53.84
N GLN G 37 -18.09 16.40 54.65
CA GLN G 37 -16.78 16.04 54.13
C GLN G 37 -16.64 14.54 53.99
N GLY G 38 -15.62 14.13 53.26
CA GLY G 38 -15.37 12.71 53.03
C GLY G 38 -14.05 12.51 52.33
N ARG G 39 -13.74 11.27 51.97
CA ARG G 39 -12.48 10.97 51.29
C ARG G 39 -12.76 10.21 50.01
N THR G 40 -11.76 10.14 49.14
CA THR G 40 -11.89 9.44 47.87
C THR G 40 -10.53 8.94 47.37
N SER G 41 -10.54 7.87 46.60
CA SER G 41 -9.30 7.30 46.07
C SER G 41 -9.29 7.20 44.54
N SER G 42 -9.85 8.21 43.87
CA SER G 42 -9.90 8.22 42.42
C SER G 42 -9.72 9.63 41.89
N ASN G 43 -10.14 9.84 40.64
CA ASN G 43 -10.01 11.14 40.00
C ASN G 43 -11.34 11.63 39.42
N ALA G 44 -12.35 10.77 39.49
CA ALA G 44 -13.67 11.12 38.96
C ALA G 44 -14.74 10.53 39.87
N LEU G 45 -15.85 11.23 40.01
CA LEU G 45 -16.95 10.77 40.85
C LEU G 45 -18.29 10.71 40.15
N GLU G 46 -18.77 9.49 39.93
CA GLU G 46 -20.06 9.30 39.28
C GLU G 46 -21.12 9.20 40.35
N TYR G 47 -21.69 10.34 40.72
CA TYR G 47 -22.73 10.36 41.73
C TYR G 47 -24.10 10.60 41.08
N VAL G 48 -25.14 10.37 41.87
CA VAL G 48 -26.51 10.55 41.39
C VAL G 48 -27.07 11.87 41.87
N ARG G 49 -27.37 12.76 40.93
CA ARG G 49 -27.94 14.05 41.29
C ARG G 49 -29.45 14.00 41.22
N GLU G 50 -30.08 14.31 42.35
CA GLU G 50 -31.53 14.30 42.46
C GLU G 50 -32.12 15.58 41.89
N GLU G 51 -32.49 15.55 40.62
CA GLU G 51 -33.09 16.72 40.00
C GLU G 51 -34.48 16.82 40.62
N VAL G 52 -34.57 17.47 41.78
CA VAL G 52 -35.84 17.62 42.46
C VAL G 52 -36.85 18.29 41.55
N PHE G 53 -38.12 18.21 41.95
CA PHE G 53 -39.19 18.79 41.17
C PHE G 53 -40.12 19.55 42.10
N THR G 54 -39.93 20.86 42.20
CA THR G 54 -40.79 21.69 43.03
C THR G 54 -42.19 21.38 42.51
N ASN G 55 -42.31 21.46 41.19
CA ASN G 55 -43.55 21.17 40.48
C ASN G 55 -44.83 21.72 41.07
N ALA G 56 -45.74 20.78 41.33
CA ALA G 56 -47.04 21.04 41.91
C ALA G 56 -47.35 19.81 42.78
N PRO G 57 -48.29 19.95 43.73
CA PRO G 57 -48.74 18.91 44.67
C PRO G 57 -48.69 17.42 44.29
N GLY G 58 -48.96 17.08 43.02
CA GLY G 58 -48.98 15.68 42.61
C GLY G 58 -47.67 14.92 42.51
N ASP G 59 -47.25 14.64 41.27
CA ASP G 59 -46.01 13.91 41.03
C ASP G 59 -44.87 14.87 41.35
N SER G 60 -44.72 15.17 42.63
CA SER G 60 -43.67 16.07 43.08
C SER G 60 -42.39 15.27 43.28
N ASP G 61 -42.33 14.14 42.60
CA ASP G 61 -41.19 13.24 42.68
C ASP G 61 -39.93 13.93 42.16
N ILE G 62 -38.77 13.38 42.54
CA ILE G 62 -37.49 13.93 42.13
C ILE G 62 -36.80 13.05 41.09
N THR G 63 -36.51 13.62 39.93
CA THR G 63 -35.86 12.90 38.86
C THR G 63 -34.42 12.59 39.23
N PHE G 64 -33.77 11.76 38.42
CA PHE G 64 -32.38 11.39 38.65
C PHE G 64 -31.55 11.64 37.40
N SER G 65 -30.36 12.18 37.59
CA SER G 65 -29.47 12.50 36.49
C SER G 65 -28.02 12.10 36.73
N LYS G 66 -27.55 11.07 36.02
CA LYS G 66 -26.18 10.61 36.15
C LYS G 66 -25.25 11.81 35.98
N GLN G 67 -24.46 12.09 37.01
CA GLN G 67 -23.53 13.21 36.97
C GLN G 67 -22.11 12.77 37.31
N THR G 68 -21.14 13.47 36.74
CA THR G 68 -19.73 13.16 36.96
C THR G 68 -18.99 14.35 37.56
N ALA G 69 -18.12 14.08 38.53
CA ALA G 69 -17.34 15.12 39.19
C ALA G 69 -15.85 14.87 39.08
N ASN G 70 -15.15 15.76 38.40
CA ASN G 70 -13.72 15.62 38.23
C ASN G 70 -13.01 16.07 39.50
N VAL G 71 -11.82 15.51 39.71
CA VAL G 71 -11.02 15.85 40.88
C VAL G 71 -9.92 16.84 40.49
N LYS G 72 -10.06 18.07 40.97
CA LYS G 72 -9.07 19.11 40.68
C LYS G 72 -8.20 19.34 41.90
N THR G 73 -7.05 19.98 41.69
CA THR G 73 -6.12 20.25 42.77
C THR G 73 -5.91 21.74 42.98
N ILE G 74 -5.80 22.14 44.24
CA ILE G 74 -5.60 23.54 44.58
C ILE G 74 -4.70 23.65 45.80
N ALA G 75 -3.86 24.67 45.83
CA ALA G 75 -2.95 24.87 46.96
C ALA G 75 -2.69 26.35 47.25
N HIS G 76 -2.02 26.61 48.36
CA HIS G 76 -1.70 27.96 48.77
C HIS G 76 -0.18 28.09 48.89
N TRP G 77 0.38 29.09 48.20
CA TRP G 77 1.82 29.30 48.22
C TRP G 77 2.23 30.57 48.95
N VAL G 78 3.41 30.54 49.56
CA VAL G 78 3.95 31.68 50.29
C VAL G 78 5.48 31.64 50.22
N GLN G 79 6.09 32.79 49.92
CA GLN G 79 7.54 32.88 49.83
C GLN G 79 8.19 33.12 51.19
N ALA G 80 9.42 32.66 51.38
CA ALA G 80 10.11 32.85 52.66
C ALA G 80 11.64 32.83 52.48
N SER G 81 12.39 32.81 53.58
CA SER G 81 13.84 32.76 53.51
C SER G 81 14.38 31.51 54.14
N ARG G 82 15.51 31.00 53.70
CA ARG G 82 15.95 29.74 54.26
C ARG G 82 16.40 29.79 55.69
N GLN G 83 16.48 31.00 56.24
CA GLN G 83 17.11 31.16 57.54
C GLN G 83 16.04 30.33 58.21
N VAL G 84 14.86 30.38 57.59
CA VAL G 84 13.69 29.65 58.01
C VAL G 84 13.79 28.20 57.63
N MET G 85 14.51 27.92 56.55
CA MET G 85 14.66 26.54 56.11
C MET G 85 15.08 25.68 57.28
N ASP G 86 15.38 26.32 58.40
CA ASP G 86 15.80 25.59 59.59
C ASP G 86 15.13 26.13 60.85
N ASP G 87 14.33 25.34 61.55
CA ASP G 87 13.70 25.86 62.77
C ASP G 87 12.33 25.28 62.74
N ALA G 88 12.30 23.97 62.58
CA ALA G 88 11.09 23.19 62.51
C ALA G 88 10.20 23.81 63.54
N PRO G 89 10.75 23.98 64.73
CA PRO G 89 10.02 24.61 65.80
C PRO G 89 9.28 25.75 65.21
N MET G 90 10.07 26.59 64.61
CA MET G 90 9.52 27.74 63.96
C MET G 90 8.67 27.42 62.76
N LEU G 91 9.34 26.92 61.73
CA LEU G 91 8.69 26.54 60.49
C LEU G 91 7.57 25.62 60.92
N GLN G 92 7.93 24.52 61.56
CA GLN G 92 6.87 23.63 62.02
C GLN G 92 5.81 24.36 62.85
N SER G 93 5.83 25.68 62.80
CA SER G 93 4.85 26.46 63.55
C SER G 93 4.19 27.45 62.61
N TYR G 94 4.96 27.95 61.65
CA TYR G 94 4.45 28.91 60.69
C TYR G 94 3.31 28.25 59.93
N ILE G 95 3.56 27.04 59.45
CA ILE G 95 2.61 26.28 58.67
C ILE G 95 1.25 25.82 59.16
N ASN G 96 1.25 25.10 60.27
CA ASN G 96 0.02 24.60 60.81
C ASN G 96 -0.70 25.50 61.76
N ASN G 97 -0.30 26.77 61.77
CA ASN G 97 -0.92 27.81 62.62
C ASN G 97 -1.38 28.99 61.80
N ARG G 98 -0.83 29.08 60.61
CA ARG G 98 -1.29 29.98 59.58
C ARG G 98 -1.31 29.42 58.17
N LEU G 99 -0.21 28.84 57.72
CA LEU G 99 -0.33 28.34 56.36
C LEU G 99 -1.59 27.50 56.19
N MET G 100 -1.63 26.35 56.86
CA MET G 100 -2.78 25.45 56.79
C MET G 100 -4.10 26.21 56.74
N TYR G 101 -4.32 27.17 57.56
CA TYR G 101 -5.57 27.91 57.60
C TYR G 101 -5.70 28.81 56.37
N GLY G 102 -4.62 29.51 56.04
CA GLY G 102 -4.64 30.39 54.89
C GLY G 102 -5.13 29.70 53.62
N LEU G 103 -4.82 28.42 53.49
CA LEU G 103 -5.23 27.65 52.32
C LEU G 103 -6.74 27.57 52.24
N ALA G 104 -7.39 27.39 53.39
CA ALA G 104 -8.84 27.30 53.45
C ALA G 104 -9.50 28.51 52.83
N LEU G 105 -9.03 29.70 53.22
CA LEU G 105 -9.58 30.95 52.70
C LEU G 105 -9.45 31.00 51.18
N LYS G 106 -8.53 30.22 50.64
CA LYS G 106 -8.30 30.18 49.20
C LYS G 106 -9.23 29.18 48.53
N GLU G 107 -9.23 27.94 49.04
CA GLU G 107 -10.07 26.89 48.48
C GLU G 107 -11.53 27.31 48.54
N GLU G 108 -11.84 28.18 49.50
CA GLU G 108 -13.20 28.68 49.69
C GLU G 108 -13.73 29.30 48.39
N GLY G 109 -12.82 29.88 47.61
CA GLY G 109 -13.22 30.50 46.36
C GLY G 109 -13.89 29.51 45.42
N GLN G 110 -13.18 28.44 45.09
CA GLN G 110 -13.70 27.41 44.21
C GLN G 110 -15.06 26.92 44.69
N LEU G 111 -15.11 26.47 45.94
CA LEU G 111 -16.33 25.97 46.54
C LEU G 111 -17.47 26.95 46.30
N LEU G 112 -17.31 28.17 46.82
CA LEU G 112 -18.34 29.19 46.67
C LEU G 112 -18.64 29.53 45.21
N ASN G 113 -17.68 30.17 44.55
CA ASN G 113 -17.85 30.60 43.17
C ASN G 113 -16.88 29.78 42.32
N GLY G 114 -17.36 28.64 41.83
CA GLY G 114 -16.58 27.74 41.04
C GLY G 114 -17.15 27.63 39.66
N ASP G 115 -16.33 27.34 38.66
CA ASP G 115 -16.78 27.40 37.27
C ASP G 115 -17.19 26.21 36.40
N GLY G 116 -16.59 25.05 36.64
CA GLY G 116 -16.58 23.98 35.67
C GLY G 116 -15.67 23.62 34.52
N THR G 117 -14.68 24.48 34.27
CA THR G 117 -13.71 24.25 33.22
C THR G 117 -12.30 24.46 33.77
N GLY G 118 -11.30 23.91 33.07
CA GLY G 118 -9.92 24.02 33.50
C GLY G 118 -9.66 23.36 34.84
N ASP G 119 -8.96 24.07 35.72
CA ASP G 119 -8.67 23.54 37.05
C ASP G 119 -9.66 24.07 38.08
N ASN G 120 -10.84 24.45 37.61
CA ASN G 120 -11.87 24.98 38.49
C ASN G 120 -12.91 23.92 38.83
N LEU G 121 -13.56 24.10 39.98
CA LEU G 121 -14.58 23.16 40.44
C LEU G 121 -15.97 23.71 40.18
N GLU G 122 -16.98 22.86 40.29
CA GLU G 122 -18.36 23.27 40.07
C GLU G 122 -18.89 23.96 41.33
N GLY G 123 -18.69 25.27 41.40
CA GLY G 123 -19.15 26.03 42.55
C GLY G 123 -20.64 25.92 42.79
N LEU G 124 -21.05 26.08 44.05
CA LEU G 124 -22.46 26.00 44.42
C LEU G 124 -23.29 27.05 43.69
N ASN G 125 -22.82 28.29 43.70
CA ASN G 125 -23.52 29.38 43.04
C ASN G 125 -23.81 29.08 41.57
N LYS G 126 -22.97 28.26 40.96
CA LYS G 126 -23.15 27.89 39.56
C LYS G 126 -24.31 26.91 39.40
N VAL G 127 -24.57 26.13 40.46
CA VAL G 127 -25.65 25.14 40.44
C VAL G 127 -26.79 25.59 41.36
N ALA G 128 -26.61 26.74 42.00
CA ALA G 128 -27.62 27.27 42.91
C ALA G 128 -28.93 27.54 42.17
N THR G 129 -29.96 27.89 42.94
CA THR G 129 -31.27 28.17 42.38
C THR G 129 -31.65 29.64 42.60
N ALA G 130 -32.32 30.23 41.63
CA ALA G 130 -32.73 31.63 41.72
C ALA G 130 -33.72 31.86 42.85
N TYR G 131 -33.49 32.92 43.62
CA TYR G 131 -34.35 33.28 44.74
C TYR G 131 -35.74 33.69 44.25
N ASP G 132 -36.75 33.40 45.06
CA ASP G 132 -38.12 33.76 44.71
C ASP G 132 -38.31 35.16 45.26
N THR G 133 -38.52 36.13 44.38
CA THR G 133 -38.82 37.45 44.85
C THR G 133 -40.22 37.44 45.45
N SER G 134 -41.01 36.51 44.95
CA SER G 134 -42.43 36.47 45.21
C SER G 134 -42.81 36.54 46.67
N LEU G 135 -41.87 36.27 47.55
CA LEU G 135 -42.16 36.17 48.97
C LEU G 135 -41.84 37.46 49.70
N ASN G 136 -41.11 38.35 49.02
CA ASN G 136 -40.73 39.63 49.61
C ASN G 136 -41.95 40.36 50.15
N ALA G 137 -41.83 40.88 51.37
CA ALA G 137 -42.93 41.61 51.99
C ALA G 137 -43.07 42.98 51.34
N THR G 138 -44.25 43.57 51.48
CA THR G 138 -44.52 44.88 50.89
C THR G 138 -43.32 45.73 51.29
N GLY G 139 -43.03 45.77 52.58
CA GLY G 139 -41.90 46.54 53.07
C GLY G 139 -41.08 45.88 54.15
N ASP G 140 -39.94 45.32 53.78
CA ASP G 140 -39.06 44.65 54.73
C ASP G 140 -37.60 45.01 54.47
N THR G 141 -36.72 44.54 55.34
CA THR G 141 -35.29 44.81 55.20
C THR G 141 -34.57 43.64 54.54
N ARG G 142 -33.26 43.77 54.39
CA ARG G 142 -32.46 42.73 53.77
C ARG G 142 -32.51 41.46 54.62
N ALA G 143 -32.47 41.63 55.93
CA ALA G 143 -32.51 40.51 56.85
C ALA G 143 -33.75 39.65 56.62
N ASP G 144 -34.88 40.29 56.39
CA ASP G 144 -36.13 39.58 56.15
C ASP G 144 -36.01 38.66 54.94
N ILE G 145 -35.35 39.15 53.89
CA ILE G 145 -35.18 38.37 52.67
C ILE G 145 -34.52 37.03 52.98
N ILE G 146 -33.45 37.05 53.76
CA ILE G 146 -32.73 35.84 54.12
C ILE G 146 -33.70 34.82 54.68
N ALA G 147 -34.62 35.27 55.53
CA ALA G 147 -35.61 34.38 56.13
C ALA G 147 -36.36 33.66 55.02
N HIS G 148 -36.81 34.42 54.03
CA HIS G 148 -37.54 33.85 52.90
C HIS G 148 -36.69 32.75 52.27
N ALA G 149 -35.41 33.04 52.09
CA ALA G 149 -34.48 32.09 51.50
C ALA G 149 -34.51 30.78 52.28
N ILE G 150 -34.43 30.90 53.61
CA ILE G 150 -34.45 29.72 54.47
C ILE G 150 -35.68 28.88 54.16
N TYR G 151 -36.83 29.54 54.11
CA TYR G 151 -38.09 28.86 53.80
C TYR G 151 -38.03 28.22 52.42
N GLN G 152 -37.56 28.99 51.44
CA GLN G 152 -37.46 28.50 50.07
C GLN G 152 -36.60 27.25 50.00
N VAL G 153 -35.71 27.08 50.97
CA VAL G 153 -34.83 25.92 51.03
C VAL G 153 -35.61 24.66 51.40
N THR G 154 -36.47 24.78 52.39
CA THR G 154 -37.28 23.65 52.85
C THR G 154 -38.14 23.11 51.70
N GLU G 155 -38.28 23.92 50.67
CA GLU G 155 -39.10 23.52 49.56
C GLU G 155 -38.51 22.29 48.91
N SER G 156 -37.21 22.14 49.02
CA SER G 156 -36.50 21.00 48.44
C SER G 156 -36.58 19.81 49.39
N GLU G 157 -37.37 19.95 50.44
CA GLU G 157 -37.57 18.86 51.37
C GLU G 157 -36.46 18.79 52.37
N PHE G 158 -35.54 19.72 52.26
CA PHE G 158 -34.34 19.72 53.09
C PHE G 158 -34.24 20.98 53.93
N SER G 159 -33.87 20.82 55.20
CA SER G 159 -33.73 21.94 56.12
C SER G 159 -32.42 22.68 55.87
N ALA G 160 -32.46 24.00 56.04
CA ALA G 160 -31.27 24.82 55.84
C ALA G 160 -30.21 24.75 56.94
N SER G 161 -28.95 24.76 56.54
CA SER G 161 -27.85 24.70 57.51
C SER G 161 -26.99 25.92 57.77
N GLY G 162 -26.64 26.64 56.70
CA GLY G 162 -25.81 27.82 56.86
C GLY G 162 -26.18 28.95 55.90
N ILE G 163 -25.48 30.07 56.04
CA ILE G 163 -25.73 31.24 55.19
C ILE G 163 -24.41 31.80 54.68
N VAL G 164 -24.45 32.45 53.52
CA VAL G 164 -23.26 33.04 52.92
C VAL G 164 -23.48 34.51 52.61
N LEU G 165 -22.61 35.37 53.11
CA LEU G 165 -22.72 36.81 52.89
C LEU G 165 -21.37 37.48 52.71
N ASN G 166 -21.39 38.72 52.23
CA ASN G 166 -20.19 39.50 52.01
C ASN G 166 -20.00 40.57 53.08
N PRO G 167 -18.98 40.39 53.90
CA PRO G 167 -18.66 41.33 54.98
C PRO G 167 -19.56 42.56 55.04
N ARG G 168 -19.64 43.31 53.94
CA ARG G 168 -20.36 44.59 53.95
C ARG G 168 -21.83 44.38 53.91
N ASP G 169 -22.26 43.42 53.11
CA ASP G 169 -23.66 43.12 53.07
C ASP G 169 -23.92 42.64 54.49
N TRP G 170 -22.85 42.47 55.27
CA TRP G 170 -23.03 42.17 56.69
C TRP G 170 -22.82 43.40 57.55
N HIS G 171 -22.21 44.43 56.95
CA HIS G 171 -21.95 45.68 57.66
C HIS G 171 -23.26 46.40 57.96
N ASN G 172 -23.94 46.84 56.91
CA ASN G 172 -25.20 47.56 57.05
C ASN G 172 -26.19 46.75 57.87
N ILE G 173 -26.22 45.45 57.65
CA ILE G 173 -27.12 44.58 58.39
C ILE G 173 -26.84 44.70 59.88
N ALA G 174 -25.55 44.74 60.23
CA ALA G 174 -25.13 44.87 61.61
C ALA G 174 -25.38 46.29 62.10
N LEU G 175 -25.78 47.16 61.19
CA LEU G 175 -26.07 48.56 61.52
C LEU G 175 -27.44 48.99 61.03
N LEU G 176 -28.35 48.03 60.87
CA LEU G 176 -29.70 48.32 60.43
C LEU G 176 -30.47 48.94 61.58
N LYS G 177 -30.64 50.27 61.54
CA LYS G 177 -31.24 50.97 62.64
C LYS G 177 -32.70 51.36 62.40
N ASP G 178 -33.55 50.96 63.35
CA ASP G 178 -34.94 51.40 63.38
C ASP G 178 -34.82 52.93 63.43
N ASN G 179 -35.71 53.66 62.76
CA ASN G 179 -35.64 55.11 62.82
C ASN G 179 -35.80 55.43 64.30
N GLU G 180 -36.02 54.35 65.05
CA GLU G 180 -36.17 54.36 66.50
C GLU G 180 -34.74 54.40 67.04
N GLY G 181 -33.83 54.89 66.19
CA GLY G 181 -32.44 55.02 66.53
C GLY G 181 -31.84 53.82 67.25
N ARG G 182 -32.21 52.62 66.83
CA ARG G 182 -31.67 51.42 67.47
C ARG G 182 -31.47 50.31 66.45
N TYR G 183 -30.43 49.52 66.65
CA TYR G 183 -30.11 48.42 65.74
C TYR G 183 -31.26 47.40 65.69
N ILE G 184 -31.28 46.59 64.64
CA ILE G 184 -32.32 45.58 64.46
C ILE G 184 -32.42 44.55 65.58
N PHE G 185 -31.56 43.54 65.46
CA PHE G 185 -31.48 42.44 66.39
C PHE G 185 -30.32 42.86 67.26
N GLY G 186 -29.26 43.24 66.56
CA GLY G 186 -28.00 43.63 67.13
C GLY G 186 -27.87 44.65 68.23
N GLY G 187 -26.97 44.31 69.14
CA GLY G 187 -26.63 45.16 70.26
C GLY G 187 -25.18 44.80 70.46
N PRO G 188 -24.27 45.78 70.56
CA PRO G 188 -22.89 45.39 70.75
C PRO G 188 -22.82 44.31 71.82
N GLN G 189 -23.51 44.54 72.94
CA GLN G 189 -23.52 43.56 74.02
C GLN G 189 -24.33 42.35 73.59
N ALA G 190 -25.63 42.55 73.38
CA ALA G 190 -26.49 41.47 72.95
C ALA G 190 -26.03 41.08 71.56
N PHE G 191 -25.15 40.08 71.49
CA PHE G 191 -24.63 39.64 70.21
C PHE G 191 -23.57 38.57 70.44
N THR G 192 -23.26 37.82 69.38
CA THR G 192 -22.26 36.78 69.43
C THR G 192 -21.45 36.88 68.15
N SER G 193 -20.81 35.78 67.77
CA SER G 193 -20.02 35.76 66.56
C SER G 193 -20.96 35.57 65.38
N ASN G 194 -20.40 35.20 64.23
CA ASN G 194 -21.18 34.97 63.01
C ASN G 194 -22.33 33.99 63.25
N ILE G 195 -23.55 34.49 63.17
CA ILE G 195 -24.74 33.66 63.35
C ILE G 195 -25.97 34.50 63.05
N MET G 196 -26.96 33.88 62.40
CA MET G 196 -28.17 34.59 62.04
C MET G 196 -29.35 33.63 61.90
N TRP G 197 -30.47 33.98 62.53
CA TRP G 197 -31.67 33.16 62.46
C TRP G 197 -31.43 31.74 62.93
N GLY G 198 -30.33 31.55 63.66
CA GLY G 198 -30.00 30.23 64.16
C GLY G 198 -29.03 29.52 63.24
N LEU G 199 -28.57 30.22 62.21
CA LEU G 199 -27.62 29.65 61.25
C LEU G 199 -26.39 30.53 61.09
N PRO G 200 -25.22 29.90 60.86
CA PRO G 200 -23.96 30.63 60.68
C PRO G 200 -24.06 31.62 59.52
N VAL G 201 -23.04 32.45 59.37
CA VAL G 201 -23.02 33.44 58.31
C VAL G 201 -21.80 33.28 57.43
N VAL G 202 -20.67 32.96 58.06
CA VAL G 202 -19.42 32.76 57.34
C VAL G 202 -19.09 33.90 56.37
N PRO G 203 -18.81 35.10 56.90
CA PRO G 203 -18.47 36.25 56.05
C PRO G 203 -17.21 35.96 55.25
N THR G 204 -17.24 36.27 53.96
CA THR G 204 -16.09 36.04 53.10
C THR G 204 -16.04 37.04 51.94
N LYS G 205 -14.83 37.41 51.54
CA LYS G 205 -14.62 38.35 50.45
C LYS G 205 -14.76 37.65 49.10
N ALA G 206 -14.66 36.32 49.12
CA ALA G 206 -14.77 35.53 47.89
C ALA G 206 -16.15 35.69 47.26
N GLN G 207 -17.14 36.04 48.07
CA GLN G 207 -18.50 36.22 47.58
C GLN G 207 -18.73 37.65 47.10
N ALA G 208 -19.30 37.80 45.91
CA ALA G 208 -19.56 39.12 45.37
C ALA G 208 -20.64 39.84 46.19
N ALA G 209 -20.38 41.09 46.53
CA ALA G 209 -21.31 41.90 47.32
C ALA G 209 -22.71 41.88 46.74
N GLY G 210 -23.71 41.98 47.60
CA GLY G 210 -25.09 41.98 47.14
C GLY G 210 -25.56 40.58 46.86
N THR G 211 -24.71 39.78 46.21
CA THR G 211 -25.05 38.40 45.88
C THR G 211 -24.84 37.49 47.08
N PHE G 212 -25.92 36.85 47.54
CA PHE G 212 -25.84 35.95 48.69
C PHE G 212 -26.18 34.52 48.31
N THR G 213 -26.13 33.63 49.29
CA THR G 213 -26.43 32.23 49.06
C THR G 213 -26.82 31.54 50.37
N VAL G 214 -27.88 30.75 50.33
CA VAL G 214 -28.36 30.04 51.51
C VAL G 214 -28.93 28.68 51.14
N GLY G 215 -28.85 27.73 52.07
CA GLY G 215 -29.36 26.40 51.82
C GLY G 215 -28.85 25.37 52.83
N GLY G 216 -29.43 24.19 52.75
CA GLY G 216 -29.12 23.12 53.66
C GLY G 216 -27.94 22.39 53.10
N PHE G 217 -26.83 23.12 52.99
CA PHE G 217 -25.59 22.54 52.50
C PHE G 217 -25.21 21.22 53.18
N ASP G 218 -25.55 21.11 54.46
CA ASP G 218 -25.26 19.90 55.21
C ASP G 218 -25.46 18.69 54.32
N MET G 219 -26.63 18.62 53.68
CA MET G 219 -26.94 17.53 52.76
C MET G 219 -26.95 18.04 51.33
N ALA G 220 -26.83 19.36 51.18
CA ALA G 220 -26.81 19.97 49.85
C ALA G 220 -25.76 19.33 48.97
N SER G 221 -24.53 19.25 49.49
CA SER G 221 -23.43 18.65 48.76
C SER G 221 -22.32 18.21 49.73
N GLN G 222 -21.32 17.54 49.20
CA GLN G 222 -20.20 17.06 50.01
C GLN G 222 -18.91 17.02 49.20
N VAL G 223 -17.79 17.30 49.87
CA VAL G 223 -16.49 17.29 49.23
C VAL G 223 -15.70 16.03 49.57
N PHE G 224 -14.81 15.62 48.67
CA PHE G 224 -14.00 14.44 48.87
C PHE G 224 -12.52 14.78 48.76
N ASP G 225 -11.77 14.53 49.83
CA ASP G 225 -10.34 14.81 49.84
C ASP G 225 -9.54 13.62 49.35
N ARG G 226 -9.04 13.71 48.13
CA ARG G 226 -8.27 12.61 47.59
C ARG G 226 -7.02 12.45 48.41
N MET G 227 -6.49 13.55 48.92
CA MET G 227 -5.27 13.49 49.74
C MET G 227 -5.20 14.68 50.70
N ASP G 228 -4.93 14.39 51.96
CA ASP G 228 -4.89 15.40 53.00
C ASP G 228 -3.89 16.46 52.60
N ALA G 229 -3.98 17.63 53.22
CA ALA G 229 -3.07 18.73 52.93
C ALA G 229 -1.61 18.30 52.99
N THR G 230 -0.87 18.59 51.92
CA THR G 230 0.54 18.23 51.84
C THR G 230 1.41 19.45 51.54
N VAL G 231 2.42 19.67 52.36
CA VAL G 231 3.29 20.81 52.15
C VAL G 231 4.66 20.41 51.64
N GLU G 232 5.08 21.09 50.57
CA GLU G 232 6.37 20.84 49.97
C GLU G 232 7.09 22.18 49.84
N VAL G 233 8.41 22.13 49.78
CA VAL G 233 9.20 23.34 49.68
C VAL G 233 10.28 23.18 48.65
N SER G 234 10.55 24.26 47.92
CA SER G 234 11.58 24.21 46.89
C SER G 234 12.43 25.45 46.86
N ARG G 235 13.69 25.26 46.46
CA ARG G 235 14.63 26.35 46.34
C ARG G 235 14.81 26.72 44.86
N GLU G 236 15.01 25.68 44.05
CA GLU G 236 15.22 25.84 42.60
C GLU G 236 14.13 26.68 41.93
N ASP G 237 13.09 27.04 42.66
CA ASP G 237 11.97 27.82 42.11
C ASP G 237 12.25 29.29 41.81
N ARG G 238 12.05 29.66 40.54
CA ARG G 238 12.26 31.02 40.09
C ARG G 238 13.60 31.61 40.46
N ASP G 239 13.60 32.90 40.79
CA ASP G 239 14.82 33.59 41.14
C ASP G 239 15.17 33.49 42.61
N ASN G 240 14.55 32.56 43.30
CA ASN G 240 14.80 32.40 44.72
C ASN G 240 16.24 31.99 44.99
N PHE G 241 16.67 30.94 44.31
CA PHE G 241 18.02 30.44 44.47
C PHE G 241 18.95 31.64 44.52
N VAL G 242 18.78 32.51 43.53
CA VAL G 242 19.58 33.72 43.44
C VAL G 242 19.33 34.54 44.69
N LYS G 243 18.24 35.28 44.67
CA LYS G 243 17.88 36.06 45.81
C LYS G 243 17.59 34.98 46.82
N ASN G 244 18.64 34.55 47.50
CA ASN G 244 18.50 33.53 48.51
C ASN G 244 17.14 33.69 49.15
N MET G 245 16.25 32.76 48.88
CA MET G 245 14.90 32.80 49.41
C MET G 245 14.23 31.47 49.15
N LEU G 246 13.15 31.19 49.86
CA LEU G 246 12.45 29.90 49.74
C LEU G 246 10.94 29.90 49.46
N THR G 247 10.47 28.79 48.88
CA THR G 247 9.07 28.60 48.51
C THR G 247 8.38 27.39 49.12
N ILE G 248 7.48 27.66 50.05
CA ILE G 248 6.74 26.60 50.71
C ILE G 248 5.35 26.55 50.11
N LEU G 249 4.91 25.34 49.80
CA LEU G 249 3.61 25.17 49.23
C LEU G 249 2.84 24.09 49.95
N CYS G 250 1.53 24.25 50.03
CA CYS G 250 0.70 23.26 50.66
C CYS G 250 -0.31 22.79 49.62
N GLU G 251 0.01 21.67 48.98
CA GLU G 251 -0.84 21.07 47.96
C GLU G 251 -2.06 20.36 48.53
N GLU G 252 -3.16 20.40 47.81
CA GLU G 252 -4.38 19.75 48.23
C GLU G 252 -5.21 19.29 47.04
N ARG G 253 -5.52 18.00 47.02
CA ARG G 253 -6.30 17.43 45.94
C ARG G 253 -7.66 17.03 46.44
N LEU G 254 -8.69 17.60 45.84
CA LEU G 254 -10.05 17.29 46.25
C LEU G 254 -11.02 17.41 45.09
N ALA G 255 -12.28 17.11 45.38
CA ALA G 255 -13.38 17.20 44.43
C ALA G 255 -14.71 17.14 45.20
N LEU G 256 -15.63 18.04 44.86
CA LEU G 256 -16.94 18.08 45.51
C LEU G 256 -18.00 17.60 44.55
N ALA G 257 -19.24 17.51 45.03
CA ALA G 257 -20.32 17.07 44.18
C ALA G 257 -21.57 17.89 44.49
N HIS G 258 -22.71 17.57 43.94
CA HIS G 258 -23.97 18.30 44.02
C HIS G 258 -25.14 17.35 43.86
N TYR G 259 -26.01 17.31 44.86
CA TYR G 259 -27.17 16.42 44.85
C TYR G 259 -28.43 17.15 44.42
N ARG G 260 -28.93 18.00 45.30
CA ARG G 260 -30.17 18.74 45.07
C ARG G 260 -29.97 20.23 44.83
N PRO G 261 -29.71 20.58 43.60
CA PRO G 261 -29.41 21.98 43.29
C PRO G 261 -30.41 22.94 43.90
N THR G 262 -31.65 22.49 44.02
CA THR G 262 -32.72 23.31 44.59
C THR G 262 -32.48 23.60 46.07
N ALA G 263 -31.50 22.91 46.64
CA ALA G 263 -31.17 23.09 48.06
C ALA G 263 -30.37 24.38 48.24
N ILE G 264 -29.61 24.76 47.23
CA ILE G 264 -28.81 25.96 47.29
C ILE G 264 -29.52 27.09 46.55
N ILE G 265 -29.68 28.22 47.22
CA ILE G 265 -30.36 29.37 46.63
C ILE G 265 -29.48 30.62 46.64
N LYS G 266 -29.28 31.20 45.47
CA LYS G 266 -28.47 32.41 45.34
C LYS G 266 -29.38 33.61 45.08
N GLY G 267 -29.15 34.69 45.81
CA GLY G 267 -29.97 35.88 45.64
C GLY G 267 -29.15 37.14 45.54
N THR G 268 -29.68 38.12 44.81
CA THR G 268 -29.01 39.41 44.64
C THR G 268 -29.93 40.56 45.08
N PHE G 269 -29.54 41.22 46.16
CA PHE G 269 -30.31 42.34 46.67
C PHE G 269 -30.67 43.33 45.58
N SER G 270 -31.94 43.31 45.15
CA SER G 270 -32.40 44.21 44.11
C SER G 270 -32.37 45.65 44.61
N SER G 271 -32.00 45.82 45.87
CA SER G 271 -31.93 47.13 46.49
C SER G 271 -30.47 47.52 46.77
#